data_6U1H
#
_entry.id   6U1H
#
_cell.length_a   55.291
_cell.length_b   68.616
_cell.length_c   91.646
_cell.angle_alpha   69.550
_cell.angle_beta   78.970
_cell.angle_gamma   66.100
#
_symmetry.space_group_name_H-M   'P 1'
#
loop_
_entity.id
_entity.type
_entity.pdbx_description
1 polymer 'D-alanine--D-alanine ligase'
2 non-polymer 'MAGNESIUM ION'
3 non-polymer 'PHOSPHATE ION'
4 non-polymer 'POTASSIUM ION'
5 non-polymer "ADENOSINE-5'-DIPHOSPHATE"
6 water water
#
_entity_poly.entity_id   1
_entity_poly.type   'polypeptide(L)'
_entity_poly.pdbx_seq_one_letter_code
;MEMRVLLIAGGVSPEHEVSLLSAEGVLRHIPFPTDLAVIAQDGRWLLGEKALTALEAKAAPEGEHPFPPPLSWERYDVVF
PLLHGRFGEDGTVQGFLELLGKPYVGAGVAASALCMDKDLSKRVLAQAGVPVVPWVAVRKGEPPVVPFDPPFFVKPANTG
SSVGISRVERFQDLEAALALAFRYDEKAVVEKALSPVRELEVGVLGNVFGEASPVGEVRYEAPFYDYETKYTPGRAELLI
PAPLDPGTQETVQELALKAYKVLGVRGMARVDFFLAEGELYLNELNTIPGFTPTSMYPRLFEAGGVAYPELLRRLVELAL
THHHHHH
;
_entity_poly.pdbx_strand_id   A,B,C,D
#
loop_
_chem_comp.id
_chem_comp.type
_chem_comp.name
_chem_comp.formula
ADP non-polymer ADENOSINE-5'-DIPHOSPHATE 'C10 H15 N5 O10 P2'
K non-polymer 'POTASSIUM ION' 'K 1'
MG non-polymer 'MAGNESIUM ION' 'Mg 2'
PO4 non-polymer 'PHOSPHATE ION' 'O4 P -3'
#
# COMPACT_ATOMS: atom_id res chain seq x y z
N MET A 3 -20.22 -39.57 -23.38
CA MET A 3 -20.44 -38.34 -22.61
C MET A 3 -20.04 -38.52 -21.15
N ARG A 4 -19.03 -37.79 -20.71
CA ARG A 4 -18.62 -37.82 -19.32
C ARG A 4 -18.27 -36.41 -18.86
N VAL A 5 -18.76 -36.06 -17.67
CA VAL A 5 -18.58 -34.74 -17.08
C VAL A 5 -17.56 -34.84 -15.96
N LEU A 6 -16.71 -33.82 -15.85
CA LEU A 6 -15.78 -33.68 -14.74
C LEU A 6 -16.31 -32.60 -13.79
N LEU A 7 -16.62 -33.01 -12.56
CA LEU A 7 -17.08 -32.09 -11.52
C LEU A 7 -15.90 -31.71 -10.64
N ILE A 8 -15.62 -30.41 -10.55
CA ILE A 8 -14.56 -29.90 -9.68
C ILE A 8 -15.21 -29.15 -8.54
N ALA A 9 -14.86 -29.52 -7.30
CA ALA A 9 -15.47 -28.99 -6.11
C ALA A 9 -14.39 -28.62 -5.09
N GLY A 10 -14.82 -28.10 -3.97
CA GLY A 10 -13.90 -27.68 -2.90
C GLY A 10 -13.39 -26.26 -3.11
N GLY A 11 -12.15 -26.16 -3.56
CA GLY A 11 -11.52 -24.87 -3.79
C GLY A 11 -10.83 -24.33 -2.55
N VAL A 12 -9.87 -23.43 -2.79
CA VAL A 12 -9.14 -22.78 -1.70
C VAL A 12 -9.88 -21.59 -1.12
N SER A 13 -11.03 -21.24 -1.70
CA SER A 13 -11.77 -20.06 -1.27
C SER A 13 -12.39 -20.26 0.11
N PRO A 14 -12.82 -19.17 0.76
CA PRO A 14 -13.48 -19.31 2.07
C PRO A 14 -14.81 -20.03 2.00
N GLU A 15 -15.24 -20.36 0.79
CA GLU A 15 -16.48 -21.09 0.55
C GLU A 15 -16.21 -22.56 0.20
N HIS A 16 -15.13 -23.13 0.75
CA HIS A 16 -14.71 -24.49 0.39
C HIS A 16 -15.75 -25.51 0.82
N GLU A 17 -16.13 -25.51 2.10
CA GLU A 17 -17.11 -26.48 2.58
C GLU A 17 -18.47 -26.28 1.92
N VAL A 18 -18.79 -25.05 1.52
CA VAL A 18 -20.03 -24.79 0.82
C VAL A 18 -19.99 -25.44 -0.56
N SER A 19 -18.81 -25.45 -1.20
CA SER A 19 -18.68 -26.04 -2.51
C SER A 19 -18.85 -27.55 -2.47
N LEU A 20 -18.33 -28.20 -1.42
CA LEU A 20 -18.47 -29.64 -1.30
C LEU A 20 -19.92 -30.04 -1.06
N LEU A 21 -20.66 -29.26 -0.27
CA LEU A 21 -22.07 -29.55 -0.06
C LEU A 21 -22.87 -29.48 -1.36
N SER A 22 -22.49 -28.56 -2.25
CA SER A 22 -23.19 -28.46 -3.53
C SER A 22 -22.85 -29.63 -4.45
N ALA A 23 -21.63 -30.16 -4.37
CA ALA A 23 -21.22 -31.26 -5.23
C ALA A 23 -21.90 -32.55 -4.85
N GLU A 24 -22.18 -32.75 -3.56
CA GLU A 24 -22.89 -33.97 -3.15
C GLU A 24 -24.27 -34.04 -3.79
N GLY A 25 -24.99 -32.93 -3.79
CA GLY A 25 -26.29 -32.91 -4.44
C GLY A 25 -26.20 -33.09 -5.94
N VAL A 26 -25.25 -32.38 -6.57
CA VAL A 26 -25.07 -32.48 -8.01
C VAL A 26 -24.76 -33.92 -8.42
N LEU A 27 -23.85 -34.58 -7.69
CA LEU A 27 -23.45 -35.93 -8.04
C LEU A 27 -24.62 -36.91 -8.01
N ARG A 28 -25.48 -36.80 -6.99
CA ARG A 28 -26.57 -37.75 -6.84
C ARG A 28 -27.57 -37.67 -7.98
N HIS A 29 -27.74 -36.49 -8.58
CA HIS A 29 -28.82 -36.29 -9.53
C HIS A 29 -28.38 -35.93 -10.94
N ILE A 30 -27.09 -35.76 -11.19
CA ILE A 30 -26.65 -35.38 -12.54
C ILE A 30 -26.91 -36.54 -13.49
N PRO A 31 -27.53 -36.30 -14.64
CA PRO A 31 -27.88 -37.43 -15.53
C PRO A 31 -26.79 -37.78 -16.52
N PHE A 32 -25.53 -37.63 -16.12
CA PHE A 32 -24.39 -37.93 -16.97
C PHE A 32 -23.37 -38.69 -16.14
N PRO A 33 -22.65 -39.63 -16.76
CA PRO A 33 -21.48 -40.22 -16.07
C PRO A 33 -20.52 -39.11 -15.64
N THR A 34 -20.20 -39.04 -14.36
CA THR A 34 -19.49 -37.90 -13.82
C THR A 34 -18.36 -38.36 -12.90
N ASP A 35 -17.16 -37.81 -13.13
CA ASP A 35 -16.02 -37.98 -12.24
C ASP A 35 -15.87 -36.74 -11.37
N LEU A 36 -15.38 -36.94 -10.15
CA LEU A 36 -15.20 -35.85 -9.19
C LEU A 36 -13.72 -35.54 -9.02
N ALA A 37 -13.39 -34.26 -9.11
CA ALA A 37 -12.11 -33.74 -8.69
C ALA A 37 -12.36 -32.74 -7.57
N VAL A 38 -11.51 -32.78 -6.55
CA VAL A 38 -11.64 -31.91 -5.39
C VAL A 38 -10.35 -31.11 -5.24
N ILE A 39 -10.47 -29.78 -5.28
CA ILE A 39 -9.35 -28.91 -4.96
C ILE A 39 -9.33 -28.72 -3.45
N ALA A 40 -8.28 -29.24 -2.80
CA ALA A 40 -8.17 -29.10 -1.36
C ALA A 40 -7.83 -27.66 -0.98
N GLN A 41 -7.98 -27.37 0.31
CA GLN A 41 -7.73 -26.01 0.79
C GLN A 41 -6.29 -25.58 0.55
N ASP A 42 -5.34 -26.52 0.53
CA ASP A 42 -3.95 -26.20 0.31
C ASP A 42 -3.62 -25.90 -1.15
N GLY A 43 -4.58 -26.09 -2.07
CA GLY A 43 -4.37 -25.83 -3.47
C GLY A 43 -4.04 -27.06 -4.29
N ARG A 44 -3.90 -28.22 -3.66
CA ARG A 44 -3.58 -29.46 -4.35
C ARG A 44 -4.85 -30.28 -4.55
N TRP A 45 -4.82 -31.14 -5.56
CA TRP A 45 -6.02 -31.81 -6.06
C TRP A 45 -6.13 -33.23 -5.52
N LEU A 46 -7.37 -33.62 -5.23
CA LEU A 46 -7.71 -34.99 -4.88
C LEU A 46 -8.52 -35.60 -6.02
N LEU A 47 -8.17 -36.83 -6.40
CA LEU A 47 -8.80 -37.51 -7.52
C LEU A 47 -9.22 -38.91 -7.09
N GLY A 48 -10.08 -39.51 -7.89
CA GLY A 48 -10.50 -40.88 -7.64
C GLY A 48 -11.17 -41.03 -6.30
N GLU A 49 -10.76 -42.06 -5.56
CA GLU A 49 -11.41 -42.38 -4.29
C GLU A 49 -11.13 -41.31 -3.24
N LYS A 50 -9.93 -40.72 -3.27
CA LYS A 50 -9.58 -39.73 -2.26
C LYS A 50 -10.45 -38.48 -2.37
N ALA A 51 -10.89 -38.14 -3.59
CA ALA A 51 -11.83 -37.03 -3.75
C ALA A 51 -13.19 -37.40 -3.17
N LEU A 52 -13.64 -38.63 -3.41
CA LEU A 52 -14.90 -39.08 -2.84
C LEU A 52 -14.83 -39.10 -1.30
N THR A 53 -13.70 -39.54 -0.75
CA THR A 53 -13.56 -39.58 0.70
C THR A 53 -13.63 -38.17 1.31
N ALA A 54 -13.02 -37.20 0.63
CA ALA A 54 -13.13 -35.81 1.09
C ALA A 54 -14.57 -35.33 1.04
N LEU A 55 -15.32 -35.76 0.04
CA LEU A 55 -16.72 -35.36 -0.08
C LEU A 55 -17.54 -35.89 1.08
N GLU A 56 -17.22 -37.08 1.60
CA GLU A 56 -17.91 -37.57 2.79
C GLU A 56 -17.44 -36.83 4.04
N ALA A 57 -16.14 -36.57 4.14
CA ALA A 57 -15.60 -35.80 5.25
C ALA A 57 -16.02 -34.34 5.22
N LYS A 58 -16.57 -33.87 4.11
CA LYS A 58 -17.10 -32.52 3.94
C LYS A 58 -16.02 -31.44 4.04
N ALA A 59 -14.74 -31.82 4.01
CA ALA A 59 -13.66 -30.85 3.99
C ALA A 59 -12.42 -31.52 3.42
N ALA A 60 -11.53 -30.71 2.87
CA ALA A 60 -10.30 -31.20 2.24
C ALA A 60 -9.17 -30.24 2.56
N PRO A 61 -8.53 -30.39 3.72
CA PRO A 61 -7.43 -29.46 4.05
C PRO A 61 -6.20 -29.67 3.19
N GLU A 62 -5.79 -30.92 2.97
CA GLU A 62 -4.57 -31.23 2.25
C GLU A 62 -4.87 -32.09 1.03
N GLY A 63 -4.32 -31.71 -0.11
CA GLY A 63 -4.45 -32.47 -1.33
C GLY A 63 -3.24 -33.35 -1.60
N GLU A 64 -3.24 -33.95 -2.79
CA GLU A 64 -2.15 -34.83 -3.20
C GLU A 64 -1.41 -34.36 -4.44
N HIS A 65 -2.12 -33.83 -5.43
CA HIS A 65 -1.49 -33.48 -6.70
C HIS A 65 -1.45 -31.98 -6.88
N PRO A 66 -0.27 -31.41 -7.16
CA PRO A 66 -0.19 -29.98 -7.44
C PRO A 66 -0.71 -29.65 -8.84
N PHE A 67 -1.15 -28.42 -8.99
CA PHE A 67 -1.67 -27.97 -10.28
C PHE A 67 -0.53 -27.83 -11.28
N PRO A 68 -0.69 -28.32 -12.52
CA PRO A 68 -1.89 -29.02 -13.00
C PRO A 68 -1.92 -30.51 -12.64
N PRO A 69 -3.10 -31.03 -12.36
CA PRO A 69 -3.22 -32.43 -11.95
C PRO A 69 -3.11 -33.36 -13.14
N PRO A 70 -2.73 -34.63 -12.91
CA PRO A 70 -2.54 -35.57 -14.02
C PRO A 70 -3.84 -36.21 -14.49
N LEU A 71 -4.77 -35.37 -14.94
CA LEU A 71 -6.01 -35.83 -15.54
C LEU A 71 -5.85 -35.92 -17.05
N SER A 72 -6.51 -36.92 -17.64
CA SER A 72 -6.67 -36.95 -19.09
C SER A 72 -7.90 -36.13 -19.43
N TRP A 73 -7.69 -34.88 -19.80
CA TRP A 73 -8.81 -33.97 -20.04
C TRP A 73 -9.66 -34.38 -21.24
N GLU A 74 -9.12 -35.17 -22.18
CA GLU A 74 -9.94 -35.62 -23.29
C GLU A 74 -10.93 -36.71 -22.90
N ARG A 75 -10.83 -37.25 -21.67
CA ARG A 75 -11.88 -38.13 -21.17
C ARG A 75 -13.21 -37.41 -21.06
N TYR A 76 -13.18 -36.11 -20.76
CA TYR A 76 -14.36 -35.37 -20.37
C TYR A 76 -14.80 -34.46 -21.50
N ASP A 77 -16.11 -34.45 -21.75
CA ASP A 77 -16.68 -33.56 -22.76
C ASP A 77 -17.02 -32.19 -22.20
N VAL A 78 -17.33 -32.11 -20.90
CA VAL A 78 -17.67 -30.87 -20.23
C VAL A 78 -17.05 -30.91 -18.84
N VAL A 79 -16.61 -29.74 -18.36
CA VAL A 79 -16.16 -29.58 -16.97
C VAL A 79 -17.20 -28.74 -16.24
N PHE A 80 -17.59 -29.20 -15.06
CA PHE A 80 -18.53 -28.46 -14.23
C PHE A 80 -17.73 -27.82 -13.11
N PRO A 81 -17.34 -26.55 -13.22
CA PRO A 81 -16.62 -25.90 -12.12
C PRO A 81 -17.58 -25.47 -11.02
N LEU A 82 -17.75 -26.35 -10.03
CA LEU A 82 -18.64 -26.08 -8.90
C LEU A 82 -17.85 -25.48 -7.74
N LEU A 83 -17.15 -24.39 -8.02
CA LEU A 83 -16.29 -23.72 -7.06
C LEU A 83 -16.86 -22.34 -6.79
N HIS A 84 -16.97 -21.99 -5.52
CA HIS A 84 -17.48 -20.69 -5.11
C HIS A 84 -16.31 -19.82 -4.65
N GLY A 85 -16.40 -18.53 -4.95
CA GLY A 85 -15.44 -17.57 -4.44
C GLY A 85 -14.20 -17.38 -5.29
N ARG A 86 -13.10 -16.98 -4.65
CA ARG A 86 -11.87 -16.70 -5.36
C ARG A 86 -11.32 -17.96 -6.02
N PHE A 87 -10.76 -17.78 -7.23
CA PHE A 87 -10.20 -18.83 -8.06
C PHE A 87 -11.26 -19.75 -8.65
N GLY A 88 -12.49 -19.69 -8.13
CA GLY A 88 -13.54 -20.59 -8.60
C GLY A 88 -14.53 -19.95 -9.56
N GLU A 89 -15.22 -18.90 -9.13
CA GLU A 89 -16.17 -18.18 -9.97
C GLU A 89 -15.67 -16.79 -10.37
N ASP A 90 -14.37 -16.51 -10.22
CA ASP A 90 -13.83 -15.21 -10.60
C ASP A 90 -13.13 -15.24 -11.95
N GLY A 91 -13.19 -16.35 -12.68
CA GLY A 91 -12.65 -16.44 -14.01
C GLY A 91 -11.33 -17.19 -14.14
N THR A 92 -10.65 -17.48 -13.03
CA THR A 92 -9.32 -18.08 -13.15
C THR A 92 -9.40 -19.53 -13.64
N VAL A 93 -10.29 -20.32 -13.03
CA VAL A 93 -10.47 -21.69 -13.51
C VAL A 93 -11.04 -21.67 -14.92
N GLN A 94 -11.97 -20.75 -15.20
CA GLN A 94 -12.53 -20.64 -16.53
C GLN A 94 -11.46 -20.30 -17.56
N GLY A 95 -10.49 -19.47 -17.18
CA GLY A 95 -9.39 -19.17 -18.07
C GLY A 95 -8.56 -20.40 -18.40
N PHE A 96 -8.28 -21.23 -17.38
CA PHE A 96 -7.55 -22.47 -17.63
C PHE A 96 -8.33 -23.39 -18.56
N LEU A 97 -9.65 -23.51 -18.35
CA LEU A 97 -10.46 -24.37 -19.21
C LEU A 97 -10.53 -23.84 -20.63
N GLU A 98 -10.42 -22.51 -20.82
CA GLU A 98 -10.36 -21.95 -22.17
C GLU A 98 -9.09 -22.36 -22.89
N LEU A 99 -7.94 -22.21 -22.22
CA LEU A 99 -6.67 -22.65 -22.80
C LEU A 99 -6.70 -24.15 -23.10
N LEU A 100 -7.33 -24.93 -22.24
CA LEU A 100 -7.44 -26.36 -22.42
C LEU A 100 -8.32 -26.74 -23.60
N GLY A 101 -9.07 -25.79 -24.17
CA GLY A 101 -9.99 -26.11 -25.25
C GLY A 101 -11.10 -27.07 -24.84
N LYS A 102 -11.67 -26.87 -23.65
CA LYS A 102 -12.62 -27.77 -23.03
C LYS A 102 -13.91 -27.04 -22.70
N PRO A 103 -15.08 -27.54 -23.13
CA PRO A 103 -16.33 -26.90 -22.73
C PRO A 103 -16.54 -26.96 -21.22
N TYR A 104 -17.21 -25.95 -20.69
CA TYR A 104 -17.43 -25.89 -19.25
C TYR A 104 -18.73 -25.16 -18.94
N VAL A 105 -19.35 -25.55 -17.83
CA VAL A 105 -20.62 -24.98 -17.40
C VAL A 105 -20.37 -23.61 -16.77
N GLY A 106 -21.18 -22.63 -17.15
CA GLY A 106 -21.22 -21.36 -16.47
C GLY A 106 -20.59 -20.25 -17.29
N ALA A 107 -20.44 -19.10 -16.62
CA ALA A 107 -20.00 -17.87 -17.27
C ALA A 107 -18.55 -17.95 -17.70
N GLY A 108 -18.22 -17.20 -18.74
CA GLY A 108 -16.86 -17.14 -19.24
C GLY A 108 -15.97 -16.30 -18.34
N VAL A 109 -14.76 -16.06 -18.86
CA VAL A 109 -13.71 -15.41 -18.07
C VAL A 109 -14.15 -14.00 -17.66
N ALA A 110 -14.56 -13.19 -18.64
CA ALA A 110 -14.89 -11.80 -18.36
C ALA A 110 -16.12 -11.69 -17.48
N ALA A 111 -17.16 -12.46 -17.80
CA ALA A 111 -18.39 -12.41 -17.02
C ALA A 111 -18.15 -12.89 -15.58
N SER A 112 -17.38 -13.96 -15.41
CA SER A 112 -17.07 -14.45 -14.07
C SER A 112 -16.34 -13.39 -13.26
N ALA A 113 -15.27 -12.82 -13.82
CA ALA A 113 -14.51 -11.81 -13.10
C ALA A 113 -15.37 -10.59 -12.78
N LEU A 114 -16.15 -10.15 -13.76
CA LEU A 114 -16.96 -8.94 -13.57
C LEU A 114 -17.97 -9.13 -12.44
N CYS A 115 -18.68 -10.25 -12.44
CA CYS A 115 -19.72 -10.49 -11.44
C CYS A 115 -19.14 -10.75 -10.04
N MET A 116 -17.88 -11.17 -9.96
CA MET A 116 -17.25 -11.37 -8.65
C MET A 116 -16.74 -10.07 -8.05
N ASP A 117 -16.48 -9.06 -8.88
CA ASP A 117 -16.03 -7.76 -8.41
C ASP A 117 -17.25 -6.91 -8.11
N LYS A 118 -17.49 -6.63 -6.83
CA LYS A 118 -18.67 -5.86 -6.45
C LYS A 118 -18.56 -4.40 -6.86
N ASP A 119 -17.34 -3.90 -7.11
CA ASP A 119 -17.19 -2.54 -7.59
C ASP A 119 -17.41 -2.46 -9.10
N LEU A 120 -16.71 -3.29 -9.87
CA LEU A 120 -16.75 -3.15 -11.31
C LEU A 120 -18.09 -3.62 -11.89
N SER A 121 -18.71 -4.62 -11.26
CA SER A 121 -20.05 -5.00 -11.71
C SER A 121 -21.03 -3.87 -11.47
N LYS A 122 -20.93 -3.18 -10.33
CA LYS A 122 -21.79 -2.02 -10.09
C LYS A 122 -21.51 -0.89 -11.08
N ARG A 123 -20.26 -0.72 -11.51
CA ARG A 123 -19.95 0.30 -12.51
C ARG A 123 -20.63 -0.03 -13.84
N VAL A 124 -20.53 -1.28 -14.30
CA VAL A 124 -21.15 -1.65 -15.56
C VAL A 124 -22.67 -1.60 -15.44
N LEU A 125 -23.21 -2.09 -14.32
CA LEU A 125 -24.65 -2.10 -14.12
C LEU A 125 -25.21 -0.68 -14.08
N ALA A 126 -24.56 0.21 -13.33
CA ALA A 126 -25.04 1.58 -13.27
C ALA A 126 -24.98 2.26 -14.63
N GLN A 127 -23.93 1.96 -15.41
CA GLN A 127 -23.78 2.56 -16.73
C GLN A 127 -24.91 2.12 -17.67
N ALA A 128 -25.47 0.94 -17.44
CA ALA A 128 -26.57 0.44 -18.24
C ALA A 128 -27.93 0.87 -17.69
N GLY A 129 -27.95 1.66 -16.63
CA GLY A 129 -29.21 2.07 -16.03
C GLY A 129 -29.85 1.05 -15.12
N VAL A 130 -29.08 0.12 -14.56
CA VAL A 130 -29.59 -0.83 -13.57
C VAL A 130 -29.38 -0.22 -12.19
N PRO A 131 -30.43 -0.11 -11.38
CA PRO A 131 -30.27 0.53 -10.06
C PRO A 131 -29.42 -0.31 -9.13
N VAL A 132 -28.40 0.32 -8.54
CA VAL A 132 -27.54 -0.31 -7.55
C VAL A 132 -27.47 0.61 -6.35
N VAL A 133 -26.90 0.09 -5.27
CA VAL A 133 -26.74 0.84 -4.03
C VAL A 133 -25.59 1.84 -4.20
N PRO A 134 -25.74 3.08 -3.70
CA PRO A 134 -24.61 4.01 -3.73
C PRO A 134 -23.40 3.42 -3.01
N TRP A 135 -22.24 3.52 -3.66
CA TRP A 135 -21.04 2.87 -3.15
C TRP A 135 -19.80 3.68 -3.53
N VAL A 136 -18.67 3.30 -2.93
CA VAL A 136 -17.36 3.83 -3.30
C VAL A 136 -16.35 2.70 -3.15
N ALA A 137 -15.36 2.68 -4.05
CA ALA A 137 -14.27 1.73 -3.97
C ALA A 137 -13.17 2.27 -3.05
N VAL A 138 -12.48 1.35 -2.38
CA VAL A 138 -11.37 1.68 -1.49
C VAL A 138 -10.25 0.71 -1.77
N ARG A 139 -9.05 1.24 -2.01
CA ARG A 139 -7.89 0.43 -2.34
C ARG A 139 -6.87 0.46 -1.20
N LYS A 140 -6.15 -0.65 -1.06
CA LYS A 140 -5.23 -0.82 0.06
C LYS A 140 -4.21 0.30 0.07
N GLY A 141 -3.99 0.87 1.25
CA GLY A 141 -3.08 2.00 1.40
C GLY A 141 -3.69 3.36 1.10
N GLU A 142 -4.37 3.49 -0.03
CA GLU A 142 -5.03 4.74 -0.36
C GLU A 142 -6.11 5.03 0.68
N PRO A 143 -6.16 6.24 1.23
CA PRO A 143 -7.10 6.51 2.32
C PRO A 143 -8.54 6.47 1.82
N PRO A 144 -9.49 6.09 2.68
CA PRO A 144 -10.89 6.04 2.26
C PRO A 144 -11.52 7.43 2.22
N VAL A 145 -12.33 7.66 1.19
CA VAL A 145 -13.08 8.91 1.03
C VAL A 145 -14.52 8.51 0.73
N VAL A 146 -15.32 8.35 1.77
CA VAL A 146 -16.71 7.91 1.63
C VAL A 146 -17.58 9.15 1.45
N PRO A 147 -18.25 9.31 0.31
CA PRO A 147 -19.07 10.49 0.07
C PRO A 147 -20.43 10.49 0.76
N PHE A 148 -20.72 9.52 1.62
CA PHE A 148 -21.99 9.48 2.34
C PHE A 148 -21.76 9.05 3.77
N ASP A 149 -22.84 9.13 4.59
CA ASP A 149 -22.80 8.91 6.03
C ASP A 149 -23.24 7.50 6.38
N PRO A 150 -22.73 6.96 7.50
CA PRO A 150 -23.14 5.63 7.93
C PRO A 150 -24.62 5.57 8.22
N PRO A 151 -25.21 4.37 8.33
CA PRO A 151 -24.59 3.03 8.33
C PRO A 151 -23.98 2.58 6.99
N PHE A 152 -22.87 1.85 7.08
CA PHE A 152 -22.17 1.31 5.93
C PHE A 152 -22.24 -0.22 5.93
N PHE A 153 -22.04 -0.77 4.73
CA PHE A 153 -21.66 -2.18 4.57
C PHE A 153 -20.30 -2.19 3.90
N VAL A 154 -19.29 -2.68 4.61
CA VAL A 154 -17.92 -2.73 4.10
C VAL A 154 -17.62 -4.17 3.70
N LYS A 155 -17.26 -4.37 2.45
CA LYS A 155 -17.01 -5.69 1.91
C LYS A 155 -15.70 -5.72 1.14
N PRO A 156 -15.05 -6.88 1.07
CA PRO A 156 -14.03 -7.07 0.05
C PRO A 156 -14.71 -7.03 -1.32
N ALA A 157 -13.95 -6.60 -2.33
CA ALA A 157 -14.55 -6.43 -3.64
C ALA A 157 -14.83 -7.77 -4.31
N ASN A 158 -14.08 -8.82 -3.95
CA ASN A 158 -14.24 -10.17 -4.49
C ASN A 158 -14.45 -11.14 -3.32
N THR A 159 -15.70 -11.33 -2.90
CA THR A 159 -16.01 -12.21 -1.78
C THR A 159 -17.34 -12.90 -2.02
N GLY A 160 -17.64 -13.89 -1.17
CA GLY A 160 -18.88 -14.62 -1.23
C GLY A 160 -19.26 -15.11 0.16
N SER A 161 -20.53 -15.53 0.28
CA SER A 161 -21.06 -16.06 1.53
C SER A 161 -20.89 -15.08 2.69
N SER A 162 -20.94 -13.78 2.40
CA SER A 162 -20.83 -12.71 3.41
C SER A 162 -19.50 -12.74 4.15
N VAL A 163 -18.50 -13.43 3.63
CA VAL A 163 -17.20 -13.50 4.30
C VAL A 163 -16.54 -12.13 4.22
N GLY A 164 -16.10 -11.62 5.38
CA GLY A 164 -15.38 -10.37 5.46
C GLY A 164 -16.21 -9.12 5.41
N ILE A 165 -17.54 -9.24 5.56
CA ILE A 165 -18.45 -8.10 5.43
C ILE A 165 -18.81 -7.60 6.81
N SER A 166 -18.75 -6.28 7.01
CA SER A 166 -19.13 -5.65 8.26
C SER A 166 -20.24 -4.63 8.02
N ARG A 167 -21.14 -4.52 8.98
CA ARG A 167 -22.12 -3.43 9.02
C ARG A 167 -21.57 -2.40 10.01
N VAL A 168 -21.24 -1.21 9.51
CA VAL A 168 -20.59 -0.17 10.29
C VAL A 168 -21.61 0.92 10.60
N GLU A 169 -21.69 1.30 11.86
CA GLU A 169 -22.65 2.33 12.29
C GLU A 169 -22.02 3.70 12.47
N ARG A 170 -20.72 3.77 12.73
CA ARG A 170 -20.04 5.05 12.95
C ARG A 170 -18.73 5.07 12.19
N PHE A 171 -18.32 6.28 11.78
CA PHE A 171 -17.09 6.43 11.01
C PHE A 171 -15.88 5.88 11.76
N GLN A 172 -15.93 5.88 13.10
CA GLN A 172 -14.81 5.36 13.88
C GLN A 172 -14.61 3.88 13.66
N ASP A 173 -15.68 3.14 13.39
CA ASP A 173 -15.60 1.71 13.12
C ASP A 173 -15.26 1.38 11.68
N LEU A 174 -15.03 2.38 10.83
CA LEU A 174 -14.75 2.09 9.42
C LEU A 174 -13.38 1.48 9.23
N GLU A 175 -12.37 2.01 9.93
CA GLU A 175 -10.99 1.54 9.73
C GLU A 175 -10.87 0.05 10.07
N ALA A 176 -11.53 -0.39 11.14
CA ALA A 176 -11.48 -1.80 11.48
C ALA A 176 -12.22 -2.64 10.45
N ALA A 177 -13.29 -2.12 9.86
CA ALA A 177 -13.96 -2.85 8.79
C ALA A 177 -13.12 -2.88 7.53
N LEU A 178 -12.34 -1.83 7.27
CA LEU A 178 -11.45 -1.85 6.11
C LEU A 178 -10.35 -2.87 6.29
N ALA A 179 -9.72 -2.90 7.47
CA ALA A 179 -8.65 -3.87 7.73
C ALA A 179 -9.16 -5.31 7.59
N LEU A 180 -10.35 -5.59 8.10
CA LEU A 180 -10.92 -6.92 7.92
C LEU A 180 -11.11 -7.25 6.45
N ALA A 181 -11.71 -6.33 5.69
CA ALA A 181 -11.99 -6.58 4.29
C ALA A 181 -10.70 -6.81 3.51
N PHE A 182 -9.64 -6.10 3.86
CA PHE A 182 -8.38 -6.22 3.14
C PHE A 182 -7.60 -7.49 3.46
N ARG A 183 -8.08 -8.31 4.40
CA ARG A 183 -7.51 -9.65 4.55
C ARG A 183 -7.91 -10.58 3.41
N TYR A 184 -8.91 -10.21 2.62
CA TYR A 184 -9.41 -11.06 1.55
C TYR A 184 -9.26 -10.45 0.15
N ASP A 185 -8.96 -9.16 0.04
CA ASP A 185 -8.85 -8.51 -1.27
C ASP A 185 -8.00 -7.26 -1.12
N GLU A 186 -7.45 -6.81 -2.25
CA GLU A 186 -6.73 -5.55 -2.31
C GLU A 186 -7.66 -4.35 -2.50
N LYS A 187 -8.94 -4.60 -2.75
CA LYS A 187 -9.91 -3.55 -2.99
C LYS A 187 -11.16 -3.86 -2.17
N ALA A 188 -11.73 -2.82 -1.55
CA ALA A 188 -12.96 -2.94 -0.81
C ALA A 188 -14.00 -2.00 -1.40
N VAL A 189 -15.26 -2.25 -1.07
CA VAL A 189 -16.36 -1.37 -1.40
C VAL A 189 -17.00 -0.91 -0.10
N VAL A 190 -17.46 0.34 -0.09
CA VAL A 190 -18.23 0.89 1.02
C VAL A 190 -19.57 1.32 0.44
N GLU A 191 -20.63 0.60 0.82
CA GLU A 191 -21.98 0.83 0.31
C GLU A 191 -22.86 1.45 1.40
N LYS A 192 -23.85 2.23 0.97
CA LYS A 192 -24.86 2.71 1.89
C LYS A 192 -25.75 1.55 2.32
N ALA A 193 -26.02 1.46 3.62
CA ALA A 193 -26.84 0.39 4.15
C ALA A 193 -28.32 0.65 3.92
N LEU A 194 -29.04 -0.39 3.55
CA LEU A 194 -30.50 -0.33 3.46
C LEU A 194 -31.09 -1.03 4.67
N SER A 195 -31.91 -0.32 5.43
CA SER A 195 -32.56 -0.90 6.59
C SER A 195 -33.91 -0.25 6.80
N PRO A 196 -35.01 -1.03 6.84
CA PRO A 196 -34.98 -2.49 6.63
C PRO A 196 -34.93 -2.84 5.15
N VAL A 197 -34.48 -4.05 4.84
CA VAL A 197 -34.33 -4.49 3.45
C VAL A 197 -34.90 -5.89 3.31
N ARG A 198 -35.63 -6.11 2.22
CA ARG A 198 -36.05 -7.43 1.80
C ARG A 198 -35.13 -7.91 0.70
N GLU A 199 -34.73 -9.18 0.77
CA GLU A 199 -33.74 -9.74 -0.13
C GLU A 199 -34.42 -10.72 -1.08
N LEU A 200 -34.41 -10.38 -2.37
CA LEU A 200 -35.04 -11.18 -3.42
C LEU A 200 -33.98 -11.79 -4.31
N GLU A 201 -34.21 -13.03 -4.73
CA GLU A 201 -33.27 -13.75 -5.57
C GLU A 201 -34.03 -14.41 -6.71
N VAL A 202 -33.48 -14.31 -7.92
CA VAL A 202 -34.09 -14.89 -9.11
C VAL A 202 -33.03 -15.64 -9.91
N GLY A 203 -33.40 -16.80 -10.43
CA GLY A 203 -32.51 -17.58 -11.26
C GLY A 203 -32.66 -17.26 -12.74
N VAL A 204 -31.53 -17.31 -13.46
CA VAL A 204 -31.48 -17.18 -14.91
C VAL A 204 -30.82 -18.42 -15.48
N LEU A 205 -31.26 -18.84 -16.66
CA LEU A 205 -30.70 -20.00 -17.32
C LEU A 205 -30.65 -19.74 -18.82
N GLY A 206 -29.50 -20.00 -19.43
CA GLY A 206 -29.31 -19.79 -20.84
C GLY A 206 -28.04 -19.01 -21.13
N ASN A 207 -27.70 -18.96 -22.40
CA ASN A 207 -26.48 -18.32 -22.87
C ASN A 207 -26.80 -16.90 -23.32
N VAL A 208 -26.34 -15.92 -22.54
CA VAL A 208 -26.48 -14.49 -22.83
C VAL A 208 -27.95 -14.06 -22.79
N PHE A 209 -28.79 -14.71 -23.61
CA PHE A 209 -30.23 -14.44 -23.62
C PHE A 209 -30.90 -15.55 -22.81
N GLY A 210 -31.07 -15.30 -21.51
CA GLY A 210 -31.55 -16.32 -20.61
C GLY A 210 -33.06 -16.24 -20.37
N GLU A 211 -33.56 -17.25 -19.66
CA GLU A 211 -34.92 -17.27 -19.19
C GLU A 211 -34.92 -17.23 -17.66
N ALA A 212 -35.85 -16.48 -17.10
CA ALA A 212 -35.88 -16.25 -15.66
C ALA A 212 -36.79 -17.26 -14.97
N SER A 213 -36.41 -17.63 -13.75
CA SER A 213 -37.23 -18.46 -12.89
C SER A 213 -38.27 -17.60 -12.18
N PRO A 214 -39.18 -18.21 -11.42
CA PRO A 214 -39.96 -17.42 -10.46
C PRO A 214 -39.04 -16.71 -9.47
N VAL A 215 -39.56 -15.66 -8.86
CA VAL A 215 -38.79 -14.84 -7.93
C VAL A 215 -38.99 -15.38 -6.51
N GLY A 216 -37.88 -15.54 -5.77
CA GLY A 216 -37.90 -16.00 -4.40
C GLY A 216 -37.37 -14.94 -3.45
N GLU A 217 -37.47 -15.26 -2.15
CA GLU A 217 -37.09 -14.32 -1.10
C GLU A 217 -36.40 -15.08 0.03
N VAL A 218 -35.42 -14.42 0.66
CA VAL A 218 -34.70 -14.96 1.80
C VAL A 218 -35.05 -14.15 3.04
N ARG A 219 -35.41 -14.84 4.12
CA ARG A 219 -35.64 -14.22 5.41
C ARG A 219 -34.79 -14.90 6.47
N TYR A 220 -34.53 -14.18 7.56
CA TYR A 220 -33.59 -14.62 8.57
C TYR A 220 -33.84 -13.85 9.86
N GLU A 221 -33.21 -14.31 10.94
CA GLU A 221 -33.32 -13.66 12.23
C GLU A 221 -32.21 -12.65 12.52
N ALA A 222 -31.01 -12.86 11.96
CA ALA A 222 -29.89 -11.97 12.21
C ALA A 222 -30.14 -10.59 11.60
N PRO A 223 -29.37 -9.57 12.01
CA PRO A 223 -29.53 -8.25 11.38
C PRO A 223 -29.35 -8.26 9.86
N PHE A 224 -28.45 -9.10 9.35
CA PHE A 224 -28.34 -9.26 7.90
C PHE A 224 -27.94 -10.70 7.59
N TYR A 225 -27.98 -11.03 6.30
CA TYR A 225 -27.66 -12.37 5.80
C TYR A 225 -26.16 -12.64 5.94
N ASP A 226 -25.70 -12.82 7.18
CA ASP A 226 -24.27 -12.95 7.45
C ASP A 226 -23.80 -14.39 7.24
N TYR A 227 -22.50 -14.60 7.52
CA TYR A 227 -21.87 -15.89 7.24
C TYR A 227 -22.50 -17.02 8.06
N GLU A 228 -22.61 -16.82 9.37
CA GLU A 228 -23.18 -17.86 10.23
C GLU A 228 -24.63 -18.18 9.84
N THR A 229 -25.38 -17.19 9.38
CA THR A 229 -26.78 -17.44 9.03
C THR A 229 -26.91 -18.25 7.75
N LYS A 230 -26.02 -18.01 6.78
CA LYS A 230 -26.25 -18.49 5.42
C LYS A 230 -26.31 -20.00 5.35
N TYR A 231 -25.31 -20.69 5.89
CA TYR A 231 -25.19 -22.14 5.70
C TYR A 231 -25.58 -22.96 6.92
N THR A 232 -25.85 -22.34 8.06
CA THR A 232 -26.40 -23.09 9.18
C THR A 232 -27.83 -23.49 8.85
N PRO A 233 -28.11 -24.77 8.63
CA PRO A 233 -29.42 -25.15 8.07
C PRO A 233 -30.57 -24.76 8.99
N GLY A 234 -31.62 -24.21 8.39
CA GLY A 234 -32.77 -23.73 9.12
C GLY A 234 -32.67 -22.30 9.59
N ARG A 235 -31.47 -21.75 9.72
CA ARG A 235 -31.32 -20.36 10.12
C ARG A 235 -31.83 -19.41 9.05
N ALA A 236 -31.81 -19.82 7.79
CA ALA A 236 -32.36 -19.05 6.70
C ALA A 236 -33.76 -19.55 6.37
N GLU A 237 -34.48 -18.76 5.58
CA GLU A 237 -35.87 -19.05 5.24
C GLU A 237 -36.12 -18.63 3.80
N LEU A 238 -36.52 -19.57 2.97
CA LEU A 238 -36.70 -19.35 1.54
C LEU A 238 -38.19 -19.34 1.22
N LEU A 239 -38.69 -18.22 0.70
CA LEU A 239 -40.08 -18.10 0.29
C LEU A 239 -40.15 -18.19 -1.24
N ILE A 240 -40.79 -19.23 -1.75
CA ILE A 240 -40.88 -19.47 -3.17
C ILE A 240 -42.32 -19.82 -3.53
N PRO A 241 -43.02 -18.99 -4.34
CA PRO A 241 -42.47 -17.73 -4.81
C PRO A 241 -42.61 -16.61 -3.77
N ALA A 242 -41.82 -15.56 -3.93
CA ALA A 242 -41.84 -14.46 -2.98
C ALA A 242 -43.19 -13.76 -3.02
N PRO A 243 -43.67 -13.24 -1.87
CA PRO A 243 -44.91 -12.44 -1.89
C PRO A 243 -44.67 -11.03 -2.41
N LEU A 244 -44.97 -10.81 -3.69
CA LEU A 244 -44.73 -9.55 -4.35
C LEU A 244 -45.89 -9.24 -5.29
N ASP A 245 -46.12 -7.97 -5.54
CA ASP A 245 -47.10 -7.59 -6.56
C ASP A 245 -46.61 -8.08 -7.92
N PRO A 246 -47.53 -8.39 -8.83
CA PRO A 246 -47.10 -8.93 -10.14
C PRO A 246 -46.21 -7.98 -10.90
N GLY A 247 -46.39 -6.67 -10.74
CA GLY A 247 -45.52 -5.73 -11.41
C GLY A 247 -44.12 -5.70 -10.82
N THR A 248 -44.02 -5.93 -9.50
CA THR A 248 -42.70 -6.01 -8.88
C THR A 248 -41.97 -7.28 -9.31
N GLN A 249 -42.67 -8.42 -9.30
CA GLN A 249 -42.06 -9.66 -9.76
C GLN A 249 -41.54 -9.52 -11.19
N GLU A 250 -42.33 -8.87 -12.06
CA GLU A 250 -41.91 -8.73 -13.46
C GLU A 250 -40.72 -7.80 -13.59
N THR A 251 -40.69 -6.72 -12.81
CA THR A 251 -39.57 -5.80 -12.85
C THR A 251 -38.28 -6.46 -12.38
N VAL A 252 -38.39 -7.40 -11.43
CA VAL A 252 -37.21 -8.11 -10.95
C VAL A 252 -36.69 -9.06 -12.03
N GLN A 253 -37.58 -9.87 -12.60
CA GLN A 253 -37.17 -10.73 -13.71
C GLN A 253 -36.64 -9.89 -14.87
N GLU A 254 -37.23 -8.71 -15.09
CA GLU A 254 -36.79 -7.79 -16.12
C GLU A 254 -35.31 -7.44 -15.95
N LEU A 255 -34.98 -6.83 -14.80
CA LEU A 255 -33.63 -6.31 -14.60
C LEU A 255 -32.60 -7.43 -14.57
N ALA A 256 -32.96 -8.61 -14.04
CA ALA A 256 -32.04 -9.73 -14.01
C ALA A 256 -31.64 -10.18 -15.41
N LEU A 257 -32.62 -10.26 -16.32
CA LEU A 257 -32.30 -10.66 -17.69
C LEU A 257 -31.50 -9.59 -18.42
N LYS A 258 -31.74 -8.31 -18.11
CA LYS A 258 -30.97 -7.23 -18.71
C LYS A 258 -29.54 -7.23 -18.19
N ALA A 259 -29.37 -7.35 -16.87
CA ALA A 259 -28.03 -7.47 -16.31
C ALA A 259 -27.32 -8.69 -16.88
N TYR A 260 -28.02 -9.82 -16.94
CA TYR A 260 -27.49 -11.05 -17.53
C TYR A 260 -26.96 -10.80 -18.95
N LYS A 261 -27.76 -10.11 -19.77
CA LYS A 261 -27.37 -9.89 -21.16
C LYS A 261 -26.22 -8.90 -21.28
N VAL A 262 -26.29 -7.79 -20.55
CA VAL A 262 -25.25 -6.77 -20.63
C VAL A 262 -23.90 -7.34 -20.22
N LEU A 263 -23.86 -8.10 -19.12
CA LEU A 263 -22.61 -8.69 -18.65
C LEU A 263 -22.21 -9.92 -19.45
N GLY A 264 -23.03 -10.37 -20.39
CA GLY A 264 -22.68 -11.52 -21.22
C GLY A 264 -22.58 -12.82 -20.45
N VAL A 265 -23.42 -13.02 -19.44
CA VAL A 265 -23.36 -14.23 -18.63
C VAL A 265 -23.77 -15.44 -19.45
N ARG A 266 -23.10 -16.57 -19.20
CA ARG A 266 -23.38 -17.82 -19.88
C ARG A 266 -23.83 -18.87 -18.87
N GLY A 267 -24.72 -19.75 -19.32
CA GLY A 267 -25.12 -20.90 -18.53
C GLY A 267 -26.15 -20.59 -17.46
N MET A 268 -25.74 -19.88 -16.41
CA MET A 268 -26.61 -19.65 -15.27
C MET A 268 -26.11 -18.48 -14.46
N ALA A 269 -26.95 -18.03 -13.53
CA ALA A 269 -26.63 -17.02 -12.53
C ALA A 269 -27.82 -16.83 -11.61
N ARG A 270 -27.58 -16.69 -10.32
CA ARG A 270 -28.60 -16.22 -9.38
C ARG A 270 -28.40 -14.73 -9.20
N VAL A 271 -29.40 -13.95 -9.61
CA VAL A 271 -29.38 -12.49 -9.48
C VAL A 271 -30.10 -12.11 -8.21
N ASP A 272 -29.43 -11.35 -7.34
CA ASP A 272 -29.94 -11.01 -6.03
C ASP A 272 -30.27 -9.52 -5.97
N PHE A 273 -31.40 -9.20 -5.34
CA PHE A 273 -31.88 -7.82 -5.28
C PHE A 273 -32.16 -7.41 -3.85
N PHE A 274 -32.15 -6.09 -3.63
CA PHE A 274 -32.66 -5.47 -2.41
C PHE A 274 -34.01 -4.84 -2.69
N LEU A 275 -34.89 -4.87 -1.69
CA LEU A 275 -36.22 -4.26 -1.76
C LEU A 275 -36.41 -3.41 -0.51
N ALA A 276 -36.32 -2.08 -0.66
CA ALA A 276 -36.38 -1.16 0.46
C ALA A 276 -37.80 -1.06 0.99
N GLU A 277 -38.69 -0.43 0.21
CA GLU A 277 -40.13 -0.51 0.44
C GLU A 277 -40.78 -0.91 -0.88
N GLY A 278 -40.48 -0.17 -1.93
CA GLY A 278 -40.77 -0.57 -3.28
C GLY A 278 -39.56 -0.32 -4.16
N GLU A 279 -38.52 0.26 -3.57
CA GLU A 279 -37.28 0.54 -4.30
C GLU A 279 -36.52 -0.76 -4.54
N LEU A 280 -36.25 -1.07 -5.79
CA LEU A 280 -35.46 -2.23 -6.17
C LEU A 280 -34.03 -1.82 -6.46
N TYR A 281 -33.08 -2.55 -5.90
CA TYR A 281 -31.67 -2.42 -6.22
C TYR A 281 -31.12 -3.80 -6.53
N LEU A 282 -30.27 -3.88 -7.56
CA LEU A 282 -29.57 -5.12 -7.89
C LEU A 282 -28.31 -5.19 -7.04
N ASN A 283 -28.22 -6.21 -6.19
CA ASN A 283 -27.11 -6.34 -5.25
C ASN A 283 -25.89 -6.96 -5.91
N GLU A 284 -26.05 -8.17 -6.45
CA GLU A 284 -24.94 -8.88 -7.06
C GLU A 284 -25.46 -10.03 -7.90
N LEU A 285 -24.62 -10.47 -8.83
CA LEU A 285 -24.84 -11.71 -9.57
C LEU A 285 -23.86 -12.77 -9.08
N ASN A 286 -24.35 -13.99 -8.90
CA ASN A 286 -23.53 -15.13 -8.51
C ASN A 286 -23.57 -16.13 -9.64
N THR A 287 -22.41 -16.35 -10.28
CA THR A 287 -22.36 -17.22 -11.45
C THR A 287 -22.27 -18.70 -11.06
N ILE A 288 -21.86 -19.01 -9.85
CA ILE A 288 -21.87 -20.38 -9.35
C ILE A 288 -22.66 -20.39 -8.05
N PRO A 289 -23.99 -20.37 -8.11
CA PRO A 289 -24.79 -20.36 -6.88
C PRO A 289 -24.69 -21.68 -6.14
N GLY A 290 -25.08 -21.65 -4.87
CA GLY A 290 -25.20 -22.88 -4.11
C GLY A 290 -26.12 -23.85 -4.85
N PHE A 291 -25.72 -25.12 -4.88
CA PHE A 291 -26.38 -26.05 -5.78
C PHE A 291 -26.79 -27.35 -5.08
N THR A 292 -27.05 -27.29 -3.78
CA THR A 292 -27.68 -28.43 -3.12
C THR A 292 -29.12 -28.57 -3.64
N PRO A 293 -29.72 -29.76 -3.51
CA PRO A 293 -31.12 -29.92 -3.94
C PRO A 293 -32.08 -28.96 -3.25
N THR A 294 -31.68 -28.35 -2.14
CA THR A 294 -32.53 -27.41 -1.41
C THR A 294 -32.02 -25.97 -1.47
N SER A 295 -31.04 -25.68 -2.33
CA SER A 295 -30.56 -24.31 -2.48
C SER A 295 -31.60 -23.47 -3.22
N MET A 296 -31.42 -22.16 -3.15
CA MET A 296 -32.39 -21.25 -3.75
C MET A 296 -32.47 -21.44 -5.27
N TYR A 297 -31.33 -21.47 -5.94
CA TYR A 297 -31.35 -21.56 -7.40
C TYR A 297 -32.06 -22.82 -7.90
N PRO A 298 -31.71 -24.03 -7.45
CA PRO A 298 -32.47 -25.21 -7.93
C PRO A 298 -33.94 -25.15 -7.56
N ARG A 299 -34.27 -24.69 -6.36
CA ARG A 299 -35.67 -24.66 -5.93
C ARG A 299 -36.47 -23.63 -6.70
N LEU A 300 -35.83 -22.54 -7.14
CA LEU A 300 -36.51 -21.54 -7.96
C LEU A 300 -36.92 -22.12 -9.30
N PHE A 301 -36.01 -22.80 -9.98
CA PHE A 301 -36.37 -23.43 -11.25
C PHE A 301 -37.23 -24.67 -11.02
N GLU A 302 -37.08 -25.32 -9.87
CA GLU A 302 -38.03 -26.35 -9.46
C GLU A 302 -39.44 -25.79 -9.48
N ALA A 303 -39.64 -24.58 -8.96
CA ALA A 303 -40.93 -23.91 -9.00
C ALA A 303 -41.26 -23.36 -10.38
N GLY A 304 -40.32 -23.41 -11.32
CA GLY A 304 -40.56 -22.98 -12.69
C GLY A 304 -40.75 -24.12 -13.67
N GLY A 305 -40.84 -25.36 -13.20
CA GLY A 305 -41.05 -26.48 -14.09
C GLY A 305 -39.79 -27.13 -14.61
N VAL A 306 -38.65 -26.88 -13.98
CA VAL A 306 -37.37 -27.46 -14.40
C VAL A 306 -36.88 -28.30 -13.22
N ALA A 307 -37.03 -29.61 -13.34
CA ALA A 307 -36.59 -30.51 -12.27
C ALA A 307 -35.08 -30.46 -12.14
N TYR A 308 -34.61 -30.73 -10.91
CA TYR A 308 -33.18 -30.71 -10.62
C TYR A 308 -32.34 -31.52 -11.60
N PRO A 309 -32.67 -32.77 -11.93
CA PRO A 309 -31.86 -33.47 -12.96
C PRO A 309 -31.97 -32.83 -14.33
N GLU A 310 -33.14 -32.29 -14.67
CA GLU A 310 -33.29 -31.62 -15.95
C GLU A 310 -32.53 -30.30 -15.96
N LEU A 311 -32.45 -29.62 -14.82
CA LEU A 311 -31.65 -28.41 -14.73
C LEU A 311 -30.19 -28.70 -14.98
N LEU A 312 -29.67 -29.79 -14.40
CA LEU A 312 -28.28 -30.17 -14.61
C LEU A 312 -28.04 -30.59 -16.06
N ARG A 313 -29.01 -31.29 -16.66
CA ARG A 313 -28.89 -31.67 -18.06
C ARG A 313 -28.75 -30.44 -18.94
N ARG A 314 -29.58 -29.43 -18.70
CA ARG A 314 -29.59 -28.25 -19.55
C ARG A 314 -28.35 -27.38 -19.34
N LEU A 315 -27.77 -27.38 -18.14
CA LEU A 315 -26.53 -26.64 -17.94
C LEU A 315 -25.40 -27.24 -18.76
N VAL A 316 -25.30 -28.56 -18.78
CA VAL A 316 -24.24 -29.23 -19.52
C VAL A 316 -24.38 -28.98 -21.01
N GLU A 317 -25.60 -29.13 -21.54
CA GLU A 317 -25.81 -28.93 -22.98
C GLU A 317 -25.60 -27.47 -23.37
N LEU A 318 -25.93 -26.53 -22.48
CA LEU A 318 -25.65 -25.12 -22.77
C LEU A 318 -24.15 -24.89 -22.95
N ALA A 319 -23.33 -25.58 -22.14
CA ALA A 319 -21.89 -25.48 -22.30
C ALA A 319 -21.42 -26.10 -23.61
N LEU A 320 -22.00 -27.25 -23.98
CA LEU A 320 -21.68 -27.84 -25.28
C LEU A 320 -22.09 -26.93 -26.43
N THR A 321 -23.27 -26.31 -26.32
CA THR A 321 -23.76 -25.45 -27.38
C THR A 321 -22.83 -24.27 -27.61
N HIS A 322 -22.34 -23.65 -26.54
CA HIS A 322 -21.54 -22.44 -26.71
C HIS A 322 -20.15 -22.77 -27.24
N HIS A 323 -19.55 -23.86 -26.78
CA HIS A 323 -18.16 -24.14 -27.17
C HIS A 323 -18.09 -24.58 -28.63
N HIS A 324 -18.95 -25.51 -29.03
CA HIS A 324 -18.85 -26.10 -30.36
C HIS A 324 -19.61 -25.35 -31.43
N HIS A 325 -20.43 -24.37 -31.06
CA HIS A 325 -21.19 -23.60 -32.04
C HIS A 325 -20.98 -22.10 -31.94
N HIS A 326 -20.38 -21.59 -30.87
CA HIS A 326 -20.10 -20.16 -30.75
C HIS A 326 -18.59 -19.92 -30.63
N ARG B 4 15.14 -17.07 -11.64
CA ARG B 4 14.98 -17.49 -13.03
C ARG B 4 13.57 -17.18 -13.56
N VAL B 5 13.52 -16.51 -14.70
CA VAL B 5 12.28 -16.05 -15.31
C VAL B 5 11.91 -16.99 -16.44
N LEU B 6 10.63 -17.33 -16.54
CA LEU B 6 10.14 -18.10 -17.68
C LEU B 6 9.39 -17.17 -18.62
N LEU B 7 9.78 -17.19 -19.89
CA LEU B 7 9.23 -16.30 -20.91
C LEU B 7 8.39 -17.11 -21.87
N ILE B 8 7.10 -16.79 -21.95
CA ILE B 8 6.17 -17.45 -22.86
C ILE B 8 5.90 -16.48 -24.01
N ALA B 9 6.06 -16.96 -25.24
CA ALA B 9 5.93 -16.13 -26.41
C ALA B 9 5.30 -16.93 -27.54
N GLY B 10 4.92 -16.24 -28.60
CA GLY B 10 4.26 -16.86 -29.72
C GLY B 10 2.75 -16.72 -29.64
N GLY B 11 2.07 -17.83 -29.36
CA GLY B 11 0.62 -17.82 -29.24
C GLY B 11 -0.06 -18.24 -30.53
N VAL B 12 -1.38 -18.45 -30.41
CA VAL B 12 -2.20 -18.83 -31.54
C VAL B 12 -2.85 -17.64 -32.22
N SER B 13 -2.66 -16.43 -31.71
CA SER B 13 -3.27 -15.23 -32.27
C SER B 13 -2.51 -14.80 -33.52
N PRO B 14 -3.11 -13.95 -34.36
CA PRO B 14 -2.38 -13.42 -35.52
C PRO B 14 -1.13 -12.64 -35.16
N GLU B 15 -0.98 -12.20 -33.92
CA GLU B 15 0.26 -11.57 -33.47
C GLU B 15 1.29 -12.58 -33.00
N HIS B 16 1.38 -13.71 -33.70
CA HIS B 16 2.32 -14.77 -33.30
C HIS B 16 3.75 -14.34 -33.60
N GLU B 17 4.01 -13.82 -34.80
CA GLU B 17 5.37 -13.44 -35.16
C GLU B 17 5.86 -12.25 -34.34
N VAL B 18 4.98 -11.29 -34.06
CA VAL B 18 5.36 -10.14 -33.25
C VAL B 18 5.68 -10.56 -31.82
N SER B 19 5.01 -11.61 -31.32
CA SER B 19 5.29 -12.08 -29.96
C SER B 19 6.71 -12.62 -29.85
N LEU B 20 7.13 -13.46 -30.81
CA LEU B 20 8.50 -13.93 -30.83
C LEU B 20 9.47 -12.77 -31.03
N LEU B 21 9.10 -11.81 -31.89
CA LEU B 21 9.93 -10.63 -32.07
C LEU B 21 10.09 -9.85 -30.77
N SER B 22 9.01 -9.74 -29.99
CA SER B 22 9.11 -9.08 -28.69
C SER B 22 9.98 -9.89 -27.72
N ALA B 23 9.94 -11.22 -27.82
CA ALA B 23 10.79 -12.04 -26.96
C ALA B 23 12.27 -11.86 -27.29
N GLU B 24 12.58 -11.58 -28.57
CA GLU B 24 13.96 -11.30 -28.93
C GLU B 24 14.49 -10.07 -28.21
N GLY B 25 13.63 -9.07 -27.98
CA GLY B 25 14.04 -7.87 -27.28
C GLY B 25 14.21 -8.07 -25.79
N VAL B 26 13.31 -8.83 -25.18
CA VAL B 26 13.35 -9.04 -23.73
C VAL B 26 14.59 -9.83 -23.35
N LEU B 27 14.85 -10.94 -24.03
CA LEU B 27 15.97 -11.81 -23.70
C LEU B 27 17.32 -11.10 -23.83
N ARG B 28 17.40 -10.04 -24.63
CA ARG B 28 18.65 -9.32 -24.81
C ARG B 28 18.94 -8.35 -23.67
N HIS B 29 17.91 -7.93 -22.93
CA HIS B 29 18.10 -6.89 -21.91
C HIS B 29 17.50 -7.23 -20.55
N ILE B 30 16.83 -8.36 -20.39
CA ILE B 30 16.30 -8.70 -19.06
C ILE B 30 17.46 -9.03 -18.13
N PRO B 31 17.52 -8.44 -16.93
CA PRO B 31 18.68 -8.63 -16.06
C PRO B 31 18.69 -9.93 -15.26
N PHE B 32 17.78 -10.86 -15.55
CA PHE B 32 17.67 -12.12 -14.83
C PHE B 32 17.91 -13.27 -15.79
N PRO B 33 18.30 -14.44 -15.29
CA PRO B 33 18.33 -15.63 -16.15
C PRO B 33 16.94 -15.98 -16.61
N THR B 34 16.79 -16.18 -17.92
CA THR B 34 15.47 -16.36 -18.52
C THR B 34 15.53 -17.51 -19.52
N ASP B 35 14.68 -18.51 -19.31
CA ASP B 35 14.46 -19.54 -20.32
C ASP B 35 13.25 -19.15 -21.17
N LEU B 36 13.20 -19.72 -22.38
CA LEU B 36 12.13 -19.42 -23.32
C LEU B 36 11.28 -20.67 -23.56
N ALA B 37 9.96 -20.49 -23.47
CA ALA B 37 8.99 -21.51 -23.86
C ALA B 37 8.04 -20.88 -24.87
N VAL B 38 7.93 -21.48 -26.06
CA VAL B 38 7.16 -20.92 -27.15
C VAL B 38 5.86 -21.70 -27.30
N ILE B 39 4.75 -20.99 -27.42
CA ILE B 39 3.48 -21.59 -27.82
C ILE B 39 3.40 -21.49 -29.33
N ALA B 40 3.40 -22.63 -30.00
CA ALA B 40 3.27 -22.64 -31.45
C ALA B 40 1.88 -22.20 -31.87
N GLN B 41 1.71 -21.98 -33.18
CA GLN B 41 0.44 -21.51 -33.70
C GLN B 41 -0.66 -22.56 -33.61
N ASP B 42 -0.30 -23.83 -33.50
CA ASP B 42 -1.28 -24.90 -33.38
C ASP B 42 -1.65 -25.19 -31.92
N GLY B 43 -1.25 -24.34 -30.99
CA GLY B 43 -1.52 -24.52 -29.58
C GLY B 43 -0.48 -25.32 -28.82
N ARG B 44 0.24 -26.21 -29.50
CA ARG B 44 1.25 -27.00 -28.81
C ARG B 44 2.46 -26.15 -28.48
N TRP B 45 3.17 -26.55 -27.43
CA TRP B 45 4.29 -25.77 -26.94
C TRP B 45 5.61 -26.35 -27.43
N LEU B 46 6.63 -25.50 -27.42
CA LEU B 46 8.01 -25.88 -27.72
C LEU B 46 8.88 -25.38 -26.58
N LEU B 47 9.71 -26.27 -26.03
CA LEU B 47 10.49 -25.98 -24.84
C LEU B 47 11.97 -26.18 -25.11
N GLY B 48 12.79 -25.82 -24.12
CA GLY B 48 14.23 -25.98 -24.19
C GLY B 48 14.83 -25.34 -25.43
N GLU B 49 15.85 -26.02 -25.97
CA GLU B 49 16.52 -25.50 -27.15
C GLU B 49 15.59 -25.45 -28.34
N LYS B 50 14.55 -26.30 -28.37
CA LYS B 50 13.62 -26.28 -29.48
C LYS B 50 12.89 -24.94 -29.56
N ALA B 51 12.62 -24.31 -28.41
CA ALA B 51 11.97 -23.00 -28.42
C ALA B 51 12.90 -21.93 -28.99
N LEU B 52 14.17 -21.94 -28.59
CA LEU B 52 15.13 -21.01 -29.16
C LEU B 52 15.23 -21.19 -30.68
N THR B 53 15.05 -22.42 -31.16
CA THR B 53 15.05 -22.66 -32.61
C THR B 53 13.89 -21.95 -33.28
N ALA B 54 12.71 -21.98 -32.67
CA ALA B 54 11.56 -21.28 -33.24
C ALA B 54 11.76 -19.77 -33.19
N LEU B 55 12.53 -19.29 -32.22
CA LEU B 55 12.79 -17.85 -32.12
C LEU B 55 13.62 -17.36 -33.29
N GLU B 56 14.79 -17.99 -33.52
CA GLU B 56 15.62 -17.61 -34.66
C GLU B 56 14.91 -17.88 -35.98
N ALA B 57 13.97 -18.83 -36.01
CA ALA B 57 13.18 -19.08 -37.20
C ALA B 57 12.10 -18.02 -37.42
N LYS B 58 11.89 -17.12 -36.45
CA LYS B 58 10.92 -16.03 -36.44
C LYS B 58 9.46 -16.51 -36.52
N ALA B 59 9.20 -17.82 -36.41
CA ALA B 59 7.85 -18.34 -36.43
C ALA B 59 7.86 -19.75 -35.87
N ALA B 60 6.71 -20.19 -35.37
CA ALA B 60 6.54 -21.54 -34.84
C ALA B 60 5.19 -22.07 -35.29
N PRO B 61 5.13 -22.73 -36.45
CA PRO B 61 3.83 -23.20 -36.94
C PRO B 61 3.27 -24.34 -36.12
N GLU B 62 4.11 -25.31 -35.76
CA GLU B 62 3.66 -26.49 -35.03
C GLU B 62 4.56 -26.72 -33.82
N GLY B 63 3.98 -27.29 -32.77
CA GLY B 63 4.67 -27.50 -31.52
C GLY B 63 4.73 -28.97 -31.14
N GLU B 64 5.46 -29.24 -30.07
CA GLU B 64 5.69 -30.61 -29.61
C GLU B 64 4.68 -31.07 -28.56
N HIS B 65 4.50 -30.27 -27.50
CA HIS B 65 3.72 -30.71 -26.35
C HIS B 65 2.35 -30.06 -26.33
N PRO B 66 1.28 -30.83 -26.19
CA PRO B 66 -0.05 -30.23 -26.02
C PRO B 66 -0.22 -29.62 -24.64
N PHE B 67 -1.10 -28.63 -24.56
CA PHE B 67 -1.31 -27.92 -23.31
C PHE B 67 -2.09 -28.80 -22.32
N PRO B 68 -1.71 -28.79 -21.03
CA PRO B 68 -0.58 -28.06 -20.45
C PRO B 68 0.77 -28.74 -20.67
N PRO B 69 1.83 -27.96 -20.88
CA PRO B 69 3.11 -28.54 -21.26
C PRO B 69 3.79 -29.18 -20.06
N PRO B 70 4.58 -30.24 -20.28
CA PRO B 70 5.33 -30.84 -19.17
C PRO B 70 6.48 -29.95 -18.73
N LEU B 71 6.14 -28.75 -18.29
CA LEU B 71 7.13 -27.74 -17.93
C LEU B 71 7.41 -27.78 -16.45
N SER B 72 8.69 -27.62 -16.09
CA SER B 72 9.11 -27.64 -14.68
C SER B 72 8.88 -26.25 -14.09
N TRP B 73 7.64 -26.03 -13.64
CA TRP B 73 7.27 -24.72 -13.11
C TRP B 73 8.01 -24.38 -11.82
N GLU B 74 8.46 -25.39 -11.07
CA GLU B 74 9.12 -25.13 -9.80
C GLU B 74 10.47 -24.43 -9.96
N ARG B 75 11.09 -24.51 -11.14
CA ARG B 75 12.40 -23.92 -11.37
C ARG B 75 12.34 -22.44 -11.74
N TYR B 76 11.15 -21.83 -11.70
CA TYR B 76 10.97 -20.44 -12.10
C TYR B 76 10.28 -19.67 -10.98
N ASP B 77 10.72 -18.44 -10.77
CA ASP B 77 10.13 -17.58 -9.73
C ASP B 77 9.07 -16.64 -10.28
N VAL B 78 9.23 -16.18 -11.52
CA VAL B 78 8.28 -15.30 -12.18
C VAL B 78 8.10 -15.81 -13.60
N VAL B 79 6.89 -15.62 -14.13
CA VAL B 79 6.60 -15.95 -15.52
C VAL B 79 6.25 -14.65 -16.24
N PHE B 80 6.81 -14.47 -17.43
CA PHE B 80 6.56 -13.29 -18.25
C PHE B 80 5.75 -13.74 -19.46
N PRO B 81 4.42 -13.65 -19.40
CA PRO B 81 3.61 -14.05 -20.56
C PRO B 81 3.60 -12.97 -21.63
N LEU B 82 4.39 -13.17 -22.68
CA LEU B 82 4.52 -12.20 -23.76
C LEU B 82 3.64 -12.58 -24.94
N LEU B 83 2.38 -12.85 -24.67
CA LEU B 83 1.42 -13.26 -25.68
C LEU B 83 0.40 -12.15 -25.90
N HIS B 84 0.10 -11.88 -27.17
CA HIS B 84 -0.76 -10.76 -27.54
C HIS B 84 -2.11 -11.27 -28.01
N GLY B 85 -3.17 -10.53 -27.68
CA GLY B 85 -4.50 -10.84 -28.18
C GLY B 85 -5.13 -12.04 -27.48
N ARG B 86 -6.01 -12.71 -28.22
CA ARG B 86 -6.73 -13.85 -27.67
C ARG B 86 -5.77 -14.94 -27.22
N PHE B 87 -6.12 -15.58 -26.09
CA PHE B 87 -5.24 -16.56 -25.45
C PHE B 87 -3.89 -15.94 -25.11
N GLY B 88 -3.92 -14.68 -24.72
CA GLY B 88 -2.73 -13.95 -24.34
C GLY B 88 -3.01 -12.83 -23.35
N GLU B 89 -3.78 -11.83 -23.78
CA GLU B 89 -4.13 -10.69 -22.94
C GLU B 89 -5.56 -10.76 -22.41
N ASP B 90 -6.23 -11.91 -22.52
CA ASP B 90 -7.65 -11.98 -22.21
C ASP B 90 -7.96 -12.68 -20.89
N GLY B 91 -6.95 -12.92 -20.05
CA GLY B 91 -7.17 -13.53 -18.75
C GLY B 91 -7.09 -15.04 -18.73
N THR B 92 -7.08 -15.69 -19.89
CA THR B 92 -7.01 -17.15 -19.93
C THR B 92 -5.66 -17.65 -19.45
N VAL B 93 -4.56 -17.11 -20.01
CA VAL B 93 -3.22 -17.51 -19.58
C VAL B 93 -2.98 -17.08 -18.13
N GLN B 94 -3.54 -15.94 -17.74
CA GLN B 94 -3.35 -15.46 -16.38
C GLN B 94 -4.04 -16.37 -15.37
N GLY B 95 -5.22 -16.90 -15.71
CA GLY B 95 -5.87 -17.84 -14.82
C GLY B 95 -5.03 -19.09 -14.60
N PHE B 96 -4.49 -19.65 -15.69
CA PHE B 96 -3.63 -20.82 -15.58
C PHE B 96 -2.47 -20.56 -14.62
N LEU B 97 -1.81 -19.41 -14.76
CA LEU B 97 -0.69 -19.08 -13.89
C LEU B 97 -1.14 -18.81 -12.45
N GLU B 98 -2.36 -18.29 -12.27
CA GLU B 98 -2.90 -18.16 -10.92
C GLU B 98 -3.07 -19.52 -10.25
N LEU B 99 -3.49 -20.53 -11.02
CA LEU B 99 -3.65 -21.86 -10.46
C LEU B 99 -2.31 -22.56 -10.26
N LEU B 100 -1.29 -22.18 -11.04
CA LEU B 100 0.06 -22.68 -10.78
C LEU B 100 0.65 -22.08 -9.52
N GLY B 101 0.16 -20.94 -9.06
CA GLY B 101 0.73 -20.26 -7.92
C GLY B 101 1.99 -19.49 -8.22
N LYS B 102 2.26 -19.19 -9.50
CA LYS B 102 3.48 -18.44 -9.78
C LYS B 102 3.20 -16.95 -9.88
N PRO B 103 4.09 -16.10 -9.39
CA PRO B 103 4.01 -14.68 -9.75
C PRO B 103 4.21 -14.52 -11.25
N TYR B 104 3.45 -13.61 -11.85
CA TYR B 104 3.58 -13.38 -13.28
C TYR B 104 3.46 -11.89 -13.58
N VAL B 105 4.01 -11.51 -14.72
CA VAL B 105 4.09 -10.11 -15.12
C VAL B 105 2.79 -9.68 -15.78
N GLY B 106 2.35 -8.47 -15.44
CA GLY B 106 1.23 -7.86 -16.13
C GLY B 106 -0.05 -7.95 -15.34
N ALA B 107 -1.13 -7.59 -16.04
CA ALA B 107 -2.45 -7.51 -15.40
C ALA B 107 -2.95 -8.89 -15.00
N GLY B 108 -3.79 -8.91 -13.97
CA GLY B 108 -4.39 -10.14 -13.50
C GLY B 108 -5.52 -10.61 -14.41
N VAL B 109 -6.29 -11.55 -13.88
CA VAL B 109 -7.36 -12.18 -14.67
C VAL B 109 -8.44 -11.16 -15.02
N ALA B 110 -8.92 -10.43 -14.00
CA ALA B 110 -10.04 -9.50 -14.23
C ALA B 110 -9.63 -8.33 -15.12
N ALA B 111 -8.52 -7.67 -14.80
CA ALA B 111 -8.09 -6.54 -15.63
C ALA B 111 -7.84 -6.97 -17.07
N SER B 112 -7.27 -8.16 -17.27
CA SER B 112 -6.96 -8.61 -18.61
C SER B 112 -8.23 -8.84 -19.43
N ALA B 113 -9.18 -9.58 -18.86
CA ALA B 113 -10.43 -9.83 -19.58
C ALA B 113 -11.19 -8.54 -19.82
N LEU B 114 -11.16 -7.62 -18.87
CA LEU B 114 -11.88 -6.37 -19.03
C LEU B 114 -11.29 -5.51 -20.13
N CYS B 115 -9.97 -5.26 -20.06
CA CYS B 115 -9.30 -4.49 -21.10
C CYS B 115 -9.36 -5.17 -22.47
N MET B 116 -9.56 -6.48 -22.50
CA MET B 116 -9.68 -7.18 -23.77
C MET B 116 -11.07 -7.01 -24.39
N ASP B 117 -12.08 -6.74 -23.57
CA ASP B 117 -13.47 -6.60 -24.06
C ASP B 117 -13.71 -5.13 -24.38
N LYS B 118 -13.84 -4.81 -25.66
CA LYS B 118 -14.01 -3.42 -26.07
C LYS B 118 -15.39 -2.87 -25.70
N ASP B 119 -16.34 -3.73 -25.34
CA ASP B 119 -17.62 -3.25 -24.86
C ASP B 119 -17.61 -2.99 -23.36
N LEU B 120 -17.14 -3.96 -22.58
CA LEU B 120 -17.19 -3.82 -21.13
C LEU B 120 -16.23 -2.76 -20.63
N SER B 121 -15.05 -2.66 -21.25
CA SER B 121 -14.09 -1.63 -20.83
C SER B 121 -14.66 -0.24 -21.01
N LYS B 122 -15.35 0.01 -22.13
CA LYS B 122 -15.98 1.31 -22.34
C LYS B 122 -17.03 1.60 -21.29
N ARG B 123 -17.84 0.59 -20.93
CA ARG B 123 -18.85 0.79 -19.90
C ARG B 123 -18.23 1.20 -18.58
N VAL B 124 -17.18 0.51 -18.16
CA VAL B 124 -16.48 0.88 -16.94
C VAL B 124 -15.89 2.29 -17.07
N LEU B 125 -15.24 2.57 -18.20
CA LEU B 125 -14.61 3.87 -18.37
C LEU B 125 -15.64 4.99 -18.47
N ALA B 126 -16.76 4.74 -19.15
CA ALA B 126 -17.78 5.77 -19.29
C ALA B 126 -18.42 6.09 -17.95
N GLN B 127 -18.73 5.06 -17.16
CA GLN B 127 -19.30 5.29 -15.83
C GLN B 127 -18.33 6.08 -14.96
N ALA B 128 -17.03 5.92 -15.16
CA ALA B 128 -16.02 6.63 -14.38
C ALA B 128 -15.77 8.05 -14.89
N GLY B 129 -16.40 8.45 -15.99
CA GLY B 129 -16.20 9.78 -16.53
C GLY B 129 -14.98 9.93 -17.40
N VAL B 130 -14.41 8.84 -17.90
CA VAL B 130 -13.34 8.90 -18.90
C VAL B 130 -14.00 8.98 -20.27
N PRO B 131 -13.57 9.90 -21.15
CA PRO B 131 -14.23 10.04 -22.44
C PRO B 131 -13.92 8.87 -23.37
N VAL B 132 -14.96 8.35 -24.03
CA VAL B 132 -14.82 7.34 -25.07
C VAL B 132 -15.76 7.71 -26.20
N VAL B 133 -15.53 7.11 -27.37
CA VAL B 133 -16.33 7.42 -28.55
C VAL B 133 -17.72 6.81 -28.40
N PRO B 134 -18.75 7.39 -29.02
CA PRO B 134 -20.08 6.77 -28.98
C PRO B 134 -20.04 5.38 -29.60
N TRP B 135 -20.66 4.42 -28.92
CA TRP B 135 -20.59 3.04 -29.35
C TRP B 135 -21.85 2.29 -28.93
N VAL B 136 -22.08 1.16 -29.58
CA VAL B 136 -23.16 0.25 -29.22
C VAL B 136 -22.65 -1.17 -29.38
N ALA B 137 -22.99 -2.03 -28.41
CA ALA B 137 -22.67 -3.45 -28.53
C ALA B 137 -23.70 -4.14 -29.39
N VAL B 138 -23.26 -5.13 -30.15
CA VAL B 138 -24.14 -5.93 -31.00
C VAL B 138 -23.85 -7.40 -30.75
N ARG B 139 -24.89 -8.16 -30.44
CA ARG B 139 -24.78 -9.58 -30.17
C ARG B 139 -25.37 -10.36 -31.35
N LYS B 140 -24.75 -11.48 -31.69
CA LYS B 140 -25.19 -12.26 -32.82
C LYS B 140 -26.62 -12.76 -32.61
N GLY B 141 -27.37 -12.83 -33.71
CA GLY B 141 -28.77 -13.22 -33.64
C GLY B 141 -29.72 -12.11 -33.27
N GLU B 142 -29.20 -10.92 -32.97
CA GLU B 142 -30.03 -9.77 -32.61
C GLU B 142 -29.75 -8.62 -33.58
N PRO B 143 -30.76 -7.96 -34.10
CA PRO B 143 -30.53 -6.86 -35.04
C PRO B 143 -29.89 -5.67 -34.35
N PRO B 144 -28.96 -5.00 -35.00
CA PRO B 144 -28.29 -3.86 -34.38
C PRO B 144 -29.18 -2.63 -34.34
N VAL B 145 -29.02 -1.85 -33.28
CA VAL B 145 -29.72 -0.59 -33.09
C VAL B 145 -28.63 0.47 -32.91
N VAL B 146 -28.28 1.14 -34.00
CA VAL B 146 -27.21 2.14 -34.01
C VAL B 146 -27.85 3.52 -34.04
N PRO B 147 -27.78 4.30 -32.96
CA PRO B 147 -28.48 5.60 -32.93
C PRO B 147 -27.74 6.73 -33.62
N PHE B 148 -26.47 6.57 -33.98
CA PHE B 148 -25.72 7.61 -34.66
C PHE B 148 -25.52 7.25 -36.13
N ASP B 149 -24.85 8.14 -36.86
CA ASP B 149 -24.69 8.08 -38.31
C ASP B 149 -23.31 7.59 -38.69
N PRO B 150 -23.16 7.06 -39.91
CA PRO B 150 -21.83 6.66 -40.40
C PRO B 150 -20.91 7.85 -40.49
N PRO B 151 -19.59 7.63 -40.70
CA PRO B 151 -18.90 6.34 -40.80
C PRO B 151 -18.75 5.62 -39.48
N PHE B 152 -18.67 4.29 -39.54
CA PHE B 152 -18.58 3.43 -38.36
C PHE B 152 -17.25 2.68 -38.35
N PHE B 153 -16.87 2.24 -37.16
CA PHE B 153 -15.87 1.18 -37.00
C PHE B 153 -16.54 0.00 -36.32
N VAL B 154 -16.59 -1.13 -37.01
CA VAL B 154 -17.15 -2.37 -36.47
C VAL B 154 -16.00 -3.30 -36.11
N LYS B 155 -16.07 -3.89 -34.92
CA LYS B 155 -14.98 -4.70 -34.39
C LYS B 155 -15.56 -5.90 -33.66
N PRO B 156 -14.85 -7.03 -33.65
CA PRO B 156 -15.13 -8.04 -32.63
C PRO B 156 -14.81 -7.49 -31.26
N ALA B 157 -15.65 -7.80 -30.28
CA ALA B 157 -15.47 -7.21 -28.95
C ALA B 157 -14.15 -7.63 -28.32
N ASN B 158 -13.63 -8.81 -28.67
CA ASN B 158 -12.34 -9.29 -28.21
C ASN B 158 -11.47 -9.59 -29.43
N THR B 159 -10.74 -8.59 -29.90
CA THR B 159 -9.87 -8.76 -31.06
C THR B 159 -8.48 -8.21 -30.78
N GLY B 160 -7.59 -8.43 -31.72
CA GLY B 160 -6.26 -7.86 -31.69
C GLY B 160 -5.77 -7.62 -33.09
N SER B 161 -4.94 -6.59 -33.24
CA SER B 161 -4.31 -6.25 -34.53
C SER B 161 -5.34 -6.02 -35.63
N SER B 162 -6.49 -5.46 -35.26
CA SER B 162 -7.51 -5.06 -36.23
C SER B 162 -8.05 -6.25 -37.03
N VAL B 163 -8.00 -7.45 -36.46
CA VAL B 163 -8.52 -8.62 -37.15
C VAL B 163 -10.05 -8.56 -37.14
N GLY B 164 -10.65 -8.60 -38.33
CA GLY B 164 -12.09 -8.52 -38.42
C GLY B 164 -12.67 -7.15 -38.18
N ILE B 165 -11.85 -6.10 -38.27
CA ILE B 165 -12.29 -4.73 -38.08
C ILE B 165 -12.51 -4.10 -39.44
N SER B 166 -13.66 -3.44 -39.61
CA SER B 166 -14.01 -2.76 -40.85
C SER B 166 -14.31 -1.30 -40.56
N ARG B 167 -13.87 -0.42 -41.44
CA ARG B 167 -14.34 0.96 -41.46
C ARG B 167 -15.55 1.02 -42.37
N VAL B 168 -16.71 1.32 -41.80
CA VAL B 168 -17.98 1.24 -42.51
C VAL B 168 -18.44 2.67 -42.80
N GLU B 169 -18.50 3.02 -44.08
CA GLU B 169 -18.89 4.35 -44.51
C GLU B 169 -20.35 4.47 -44.91
N ARG B 170 -21.05 3.35 -45.10
CA ARG B 170 -22.45 3.35 -45.50
C ARG B 170 -23.25 2.46 -44.56
N PHE B 171 -24.45 2.92 -44.18
CA PHE B 171 -25.28 2.15 -43.26
C PHE B 171 -25.59 0.76 -43.81
N GLN B 172 -25.82 0.65 -45.12
CA GLN B 172 -26.18 -0.66 -45.66
C GLN B 172 -24.99 -1.61 -45.74
N ASP B 173 -23.78 -1.14 -45.51
CA ASP B 173 -22.61 -2.00 -45.40
C ASP B 173 -22.39 -2.50 -43.98
N LEU B 174 -23.25 -2.13 -43.04
CA LEU B 174 -23.06 -2.53 -41.64
C LEU B 174 -23.38 -4.00 -41.44
N GLU B 175 -24.34 -4.54 -42.19
CA GLU B 175 -24.69 -5.96 -42.03
C GLU B 175 -23.51 -6.86 -42.37
N ALA B 176 -22.81 -6.55 -43.47
CA ALA B 176 -21.67 -7.37 -43.87
C ALA B 176 -20.52 -7.25 -42.88
N ALA B 177 -20.33 -6.06 -42.29
CA ALA B 177 -19.22 -5.88 -41.35
C ALA B 177 -19.49 -6.62 -40.05
N LEU B 178 -20.73 -6.58 -39.56
CA LEU B 178 -21.09 -7.37 -38.38
C LEU B 178 -20.87 -8.85 -38.61
N ALA B 179 -21.22 -9.33 -39.81
CA ALA B 179 -20.98 -10.74 -40.14
C ALA B 179 -19.50 -11.09 -40.06
N LEU B 180 -18.63 -10.26 -40.66
CA LEU B 180 -17.20 -10.51 -40.61
C LEU B 180 -16.68 -10.48 -39.17
N ALA B 181 -17.17 -9.53 -38.38
CA ALA B 181 -16.74 -9.47 -36.98
C ALA B 181 -17.32 -10.63 -36.17
N PHE B 182 -18.48 -11.16 -36.57
CA PHE B 182 -19.11 -12.26 -35.84
C PHE B 182 -18.48 -13.61 -36.12
N ARG B 183 -17.56 -13.70 -37.08
CA ARG B 183 -16.79 -14.92 -37.28
C ARG B 183 -15.60 -15.01 -36.32
N TYR B 184 -15.37 -13.96 -35.53
CA TYR B 184 -14.28 -13.94 -34.56
C TYR B 184 -14.75 -13.75 -33.13
N ASP B 185 -16.00 -13.34 -32.91
CA ASP B 185 -16.51 -13.13 -31.56
C ASP B 185 -18.03 -13.17 -31.59
N GLU B 186 -18.62 -13.62 -30.50
CA GLU B 186 -20.07 -13.63 -30.37
C GLU B 186 -20.64 -12.23 -30.20
N LYS B 187 -19.82 -11.27 -29.77
CA LYS B 187 -20.24 -9.90 -29.55
C LYS B 187 -19.37 -8.96 -30.37
N ALA B 188 -19.98 -7.90 -30.89
CA ALA B 188 -19.27 -6.89 -31.66
C ALA B 188 -19.63 -5.52 -31.12
N VAL B 189 -18.79 -4.55 -31.45
CA VAL B 189 -19.06 -3.15 -31.12
C VAL B 189 -19.15 -2.36 -32.42
N VAL B 190 -20.03 -1.38 -32.43
CA VAL B 190 -20.18 -0.44 -33.54
C VAL B 190 -19.87 0.94 -32.97
N GLU B 191 -18.72 1.49 -33.34
CA GLU B 191 -18.25 2.74 -32.78
C GLU B 191 -18.36 3.86 -33.81
N LYS B 192 -18.65 5.06 -33.34
CA LYS B 192 -18.62 6.23 -34.20
C LYS B 192 -17.18 6.45 -34.67
N ALA B 193 -16.99 6.53 -35.98
CA ALA B 193 -15.66 6.74 -36.52
C ALA B 193 -15.28 8.22 -36.41
N LEU B 194 -14.10 8.49 -35.90
CA LEU B 194 -13.56 9.85 -35.86
C LEU B 194 -12.73 10.10 -37.10
N SER B 195 -12.99 11.22 -37.78
CA SER B 195 -12.29 11.52 -39.02
C SER B 195 -12.33 13.02 -39.30
N PRO B 196 -11.16 13.69 -39.41
CA PRO B 196 -9.83 13.13 -39.19
C PRO B 196 -9.55 12.84 -37.72
N VAL B 197 -8.57 12.00 -37.44
CA VAL B 197 -8.25 11.61 -36.08
C VAL B 197 -6.75 11.42 -35.96
N ARG B 198 -6.19 11.80 -34.82
CA ARG B 198 -4.81 11.51 -34.49
C ARG B 198 -4.77 10.43 -33.40
N GLU B 199 -3.79 9.53 -33.51
CA GLU B 199 -3.70 8.39 -32.61
C GLU B 199 -2.52 8.60 -31.67
N LEU B 200 -2.81 8.65 -30.38
CA LEU B 200 -1.82 8.90 -29.35
C LEU B 200 -1.72 7.68 -28.45
N GLU B 201 -0.53 7.43 -27.92
CA GLU B 201 -0.29 6.26 -27.08
C GLU B 201 0.59 6.67 -25.90
N VAL B 202 0.33 6.06 -24.74
CA VAL B 202 1.08 6.41 -23.55
C VAL B 202 1.23 5.16 -22.68
N GLY B 203 2.41 5.00 -22.10
CA GLY B 203 2.73 3.82 -21.30
C GLY B 203 2.51 4.10 -19.83
N VAL B 204 1.99 3.10 -19.13
CA VAL B 204 1.84 3.13 -17.68
C VAL B 204 2.67 2.00 -17.10
N LEU B 205 3.25 2.26 -15.92
CA LEU B 205 4.06 1.27 -15.22
C LEU B 205 3.71 1.33 -13.75
N GLY B 206 3.45 0.18 -13.13
CA GLY B 206 3.07 0.17 -11.74
C GLY B 206 1.85 -0.69 -11.44
N ASN B 207 1.68 -1.06 -10.17
CA ASN B 207 0.55 -1.89 -9.75
C ASN B 207 -0.57 -0.97 -9.28
N VAL B 208 -1.64 -0.90 -10.09
CA VAL B 208 -2.83 -0.07 -9.81
C VAL B 208 -2.48 1.41 -9.90
N PHE B 209 -1.59 1.89 -9.02
CA PHE B 209 -1.18 3.29 -9.00
C PHE B 209 0.12 3.38 -9.80
N GLY B 210 -0.03 3.69 -11.08
CA GLY B 210 1.10 3.68 -12.00
C GLY B 210 1.73 5.05 -12.21
N GLU B 211 2.84 5.03 -12.96
CA GLU B 211 3.48 6.24 -13.43
C GLU B 211 3.44 6.24 -14.96
N ALA B 212 3.15 7.40 -15.54
CA ALA B 212 2.98 7.52 -16.97
C ALA B 212 4.30 7.88 -17.66
N SER B 213 4.46 7.36 -18.87
CA SER B 213 5.61 7.67 -19.71
C SER B 213 5.33 8.99 -20.44
N PRO B 214 6.27 9.46 -21.27
CA PRO B 214 5.92 10.50 -22.24
C PRO B 214 4.86 9.98 -23.20
N VAL B 215 4.21 10.90 -23.90
CA VAL B 215 3.14 10.58 -24.83
C VAL B 215 3.73 10.48 -26.23
N GLY B 216 3.40 9.40 -26.94
CA GLY B 216 3.85 9.24 -28.31
C GLY B 216 2.69 9.28 -29.28
N GLU B 217 2.97 9.47 -30.57
CA GLU B 217 1.94 9.50 -31.60
C GLU B 217 2.32 8.58 -32.74
N VAL B 218 1.32 7.86 -33.27
CA VAL B 218 1.48 7.04 -34.45
C VAL B 218 0.96 7.81 -35.66
N ARG B 219 1.78 7.91 -36.69
CA ARG B 219 1.36 8.46 -37.97
C ARG B 219 1.63 7.41 -39.04
N TYR B 220 0.60 7.07 -39.80
CA TYR B 220 0.66 6.00 -40.79
C TYR B 220 0.13 6.50 -42.12
N GLU B 221 0.05 5.60 -43.10
CA GLU B 221 -0.47 5.90 -44.42
C GLU B 221 -1.40 4.75 -44.84
N ALA B 222 -2.51 4.63 -44.11
CA ALA B 222 -3.53 3.62 -44.36
C ALA B 222 -4.88 4.20 -44.00
N PRO B 223 -5.97 3.56 -44.43
CA PRO B 223 -7.30 4.02 -43.97
C PRO B 223 -7.45 4.01 -42.47
N PHE B 224 -6.93 2.97 -41.81
CA PHE B 224 -6.78 2.98 -40.36
C PHE B 224 -5.56 2.15 -40.01
N TYR B 225 -5.13 2.27 -38.75
CA TYR B 225 -3.97 1.54 -38.24
C TYR B 225 -4.33 0.06 -38.18
N ASP B 226 -4.29 -0.58 -39.34
CA ASP B 226 -4.71 -1.96 -39.49
C ASP B 226 -3.55 -2.91 -39.26
N TYR B 227 -3.84 -4.21 -39.38
CA TYR B 227 -2.82 -5.24 -39.18
C TYR B 227 -1.66 -5.05 -40.16
N GLU B 228 -1.96 -4.88 -41.45
CA GLU B 228 -0.93 -4.65 -42.47
C GLU B 228 0.06 -3.58 -42.01
N THR B 229 -0.45 -2.40 -41.64
CA THR B 229 0.37 -1.38 -41.02
C THR B 229 0.89 -1.86 -39.67
N THR B 232 4.34 -4.52 -41.30
CA THR B 232 5.01 -3.63 -42.25
C THR B 232 5.79 -2.50 -41.57
N PRO B 233 7.06 -2.77 -41.23
CA PRO B 233 7.92 -1.70 -40.72
C PRO B 233 8.32 -0.73 -41.82
N GLY B 234 7.68 0.43 -41.86
CA GLY B 234 7.95 1.40 -42.91
C GLY B 234 6.70 2.16 -43.31
N ARG B 235 5.54 1.72 -42.82
CA ARG B 235 4.27 2.39 -43.07
C ARG B 235 3.70 3.04 -41.82
N ALA B 236 4.43 2.98 -40.69
CA ALA B 236 3.98 3.58 -39.44
C ALA B 236 5.19 4.16 -38.73
N GLU B 237 5.27 5.49 -38.68
CA GLU B 237 6.34 6.16 -37.95
C GLU B 237 5.81 6.62 -36.60
N LEU B 238 6.68 6.57 -35.59
CA LEU B 238 6.33 6.89 -34.22
C LEU B 238 7.00 8.21 -33.83
N LEU B 239 6.18 9.20 -33.49
CA LEU B 239 6.66 10.49 -33.04
C LEU B 239 6.81 10.42 -31.52
N ILE B 240 8.06 10.51 -31.05
CA ILE B 240 8.34 10.36 -29.62
C ILE B 240 9.19 11.54 -29.15
N PRO B 241 8.64 12.47 -28.36
CA PRO B 241 7.24 12.44 -27.93
C PRO B 241 6.28 12.97 -28.99
N ALA B 242 5.01 13.00 -28.67
CA ALA B 242 4.05 13.51 -29.64
C ALA B 242 4.10 15.03 -29.68
N PRO B 243 3.89 15.61 -30.86
CA PRO B 243 3.76 17.08 -30.94
C PRO B 243 2.38 17.55 -30.50
N LEU B 244 2.22 17.70 -29.18
CA LEU B 244 0.95 18.05 -28.57
C LEU B 244 1.09 19.32 -27.75
N ASP B 245 0.04 20.15 -27.75
CA ASP B 245 0.05 21.31 -26.89
C ASP B 245 0.01 20.85 -25.44
N PRO B 246 0.62 21.61 -24.52
CA PRO B 246 0.90 21.05 -23.18
C PRO B 246 -0.33 20.57 -22.45
N GLY B 247 -1.46 21.28 -22.58
CA GLY B 247 -2.67 20.86 -21.88
C GLY B 247 -3.13 19.48 -22.29
N THR B 248 -3.11 19.19 -23.59
CA THR B 248 -3.52 17.89 -24.08
C THR B 248 -2.60 16.78 -23.59
N GLN B 249 -1.28 17.00 -23.64
CA GLN B 249 -0.34 16.00 -23.17
C GLN B 249 -0.58 15.66 -21.71
N GLU B 250 -0.97 16.65 -20.91
CA GLU B 250 -1.25 16.43 -19.50
C GLU B 250 -2.52 15.61 -19.28
N THR B 251 -3.58 15.92 -20.05
CA THR B 251 -4.83 15.19 -19.91
C THR B 251 -4.66 13.72 -20.31
N VAL B 252 -3.86 13.45 -21.35
CA VAL B 252 -3.61 12.07 -21.77
C VAL B 252 -3.06 11.27 -20.60
N GLN B 253 -2.07 11.81 -19.90
CA GLN B 253 -1.49 11.11 -18.77
C GLN B 253 -2.48 11.00 -17.62
N GLU B 254 -3.30 12.03 -17.40
CA GLU B 254 -4.33 11.99 -16.37
C GLU B 254 -5.33 10.88 -16.64
N LEU B 255 -5.92 10.88 -17.83
CA LEU B 255 -6.90 9.85 -18.18
C LEU B 255 -6.27 8.47 -18.17
N ALA B 256 -5.01 8.36 -18.59
CA ALA B 256 -4.34 7.06 -18.60
C ALA B 256 -4.25 6.49 -17.20
N LEU B 257 -3.71 7.26 -16.26
CA LEU B 257 -3.54 6.77 -14.89
C LEU B 257 -4.87 6.52 -14.21
N LYS B 258 -5.89 7.34 -14.51
CA LYS B 258 -7.18 7.16 -13.86
C LYS B 258 -7.86 5.89 -14.33
N ALA B 259 -7.83 5.62 -15.65
CA ALA B 259 -8.39 4.37 -16.16
C ALA B 259 -7.60 3.18 -15.65
N TYR B 260 -6.27 3.29 -15.66
CA TYR B 260 -5.41 2.27 -15.08
C TYR B 260 -5.84 1.91 -13.66
N LYS B 261 -6.18 2.93 -12.87
CA LYS B 261 -6.57 2.72 -11.48
C LYS B 261 -7.96 2.08 -11.38
N VAL B 262 -8.92 2.59 -12.16
CA VAL B 262 -10.29 2.09 -12.07
C VAL B 262 -10.34 0.62 -12.47
N LEU B 263 -9.61 0.24 -13.51
CA LEU B 263 -9.60 -1.14 -13.97
C LEU B 263 -8.66 -2.03 -13.16
N GLY B 264 -7.95 -1.48 -12.19
CA GLY B 264 -7.02 -2.27 -11.40
C GLY B 264 -5.95 -2.98 -12.19
N VAL B 265 -5.40 -2.31 -13.21
CA VAL B 265 -4.33 -2.91 -14.01
C VAL B 265 -3.07 -3.05 -13.17
N ARG B 266 -2.39 -4.19 -13.31
N ARG B 266 -2.39 -4.19 -13.32
CA ARG B 266 -1.12 -4.46 -12.65
CA ARG B 266 -1.12 -4.44 -12.66
C ARG B 266 0.00 -4.50 -13.69
C ARG B 266 0.01 -4.52 -13.68
N GLY B 267 1.21 -4.25 -13.21
CA GLY B 267 2.39 -4.35 -14.06
C GLY B 267 2.53 -3.23 -15.06
N MET B 268 1.76 -3.29 -16.14
CA MET B 268 1.95 -2.37 -17.26
C MET B 268 0.68 -2.31 -18.09
N ALA B 269 0.65 -1.30 -18.97
CA ALA B 269 -0.37 -1.14 -20.00
C ALA B 269 0.07 -0.04 -20.95
N ARG B 270 -0.29 -0.18 -22.22
CA ARG B 270 -0.19 0.91 -23.18
C ARG B 270 -1.60 1.42 -23.44
N VAL B 271 -1.85 2.68 -23.11
CA VAL B 271 -3.17 3.28 -23.22
C VAL B 271 -3.19 4.14 -24.47
N ASP B 272 -4.05 3.77 -25.43
CA ASP B 272 -4.14 4.44 -26.70
C ASP B 272 -5.34 5.37 -26.72
N PHE B 273 -5.14 6.59 -27.20
CA PHE B 273 -6.19 7.60 -27.23
C PHE B 273 -6.48 8.02 -28.66
N PHE B 274 -7.63 8.66 -28.84
CA PHE B 274 -8.02 9.28 -30.08
C PHE B 274 -8.10 10.79 -29.87
N LEU B 275 -7.52 11.56 -30.79
CA LEU B 275 -7.57 13.01 -30.76
C LEU B 275 -8.31 13.48 -32.01
N ALA B 276 -9.45 14.14 -31.81
CA ALA B 276 -10.26 14.61 -32.92
C ALA B 276 -10.95 15.90 -32.51
N GLU B 277 -10.61 16.98 -33.21
CA GLU B 277 -11.17 18.32 -32.94
C GLU B 277 -10.97 18.72 -31.48
N GLY B 278 -9.74 18.58 -31.02
CA GLY B 278 -9.37 19.00 -29.68
C GLY B 278 -9.99 18.21 -28.55
N GLU B 279 -10.63 17.09 -28.84
CA GLU B 279 -11.23 16.24 -27.83
C GLU B 279 -10.51 14.89 -27.77
N LEU B 280 -10.17 14.44 -26.57
CA LEU B 280 -9.55 13.16 -26.38
C LEU B 280 -10.59 12.07 -26.11
N TYR B 281 -10.29 10.86 -26.57
CA TYR B 281 -11.12 9.69 -26.33
C TYR B 281 -10.19 8.52 -26.06
N LEU B 282 -10.42 7.81 -24.96
CA LEU B 282 -9.65 6.59 -24.72
C LEU B 282 -10.18 5.49 -25.62
N ASN B 283 -9.28 4.89 -26.41
CA ASN B 283 -9.66 3.85 -27.34
C ASN B 283 -9.61 2.46 -26.71
N GLU B 284 -8.44 2.08 -26.17
CA GLU B 284 -8.26 0.77 -25.57
C GLU B 284 -7.01 0.79 -24.70
N LEU B 285 -6.97 -0.12 -23.73
CA LEU B 285 -5.77 -0.39 -22.96
C LEU B 285 -5.21 -1.75 -23.37
N ASN B 286 -3.94 -1.77 -23.75
CA ASN B 286 -3.26 -3.00 -24.16
C ASN B 286 -2.39 -3.46 -22.99
N THR B 287 -2.76 -4.59 -22.38
CA THR B 287 -2.05 -5.06 -21.20
C THR B 287 -0.77 -5.81 -21.53
N ILE B 288 -0.65 -6.36 -22.74
CA ILE B 288 0.62 -6.88 -23.22
C ILE B 288 1.01 -6.13 -24.50
N PRO B 289 1.60 -4.94 -24.39
CA PRO B 289 2.04 -4.22 -25.59
C PRO B 289 3.30 -4.83 -26.18
N GLY B 290 3.51 -4.55 -27.47
CA GLY B 290 4.70 -5.00 -28.16
C GLY B 290 5.98 -4.62 -27.44
N PHE B 291 6.99 -5.49 -27.46
CA PHE B 291 8.28 -5.19 -26.83
C PHE B 291 9.43 -5.27 -27.81
N THR B 292 9.14 -5.18 -29.10
CA THR B 292 10.19 -5.08 -30.10
C THR B 292 10.89 -3.73 -29.97
N PRO B 293 12.19 -3.66 -30.26
CA PRO B 293 12.92 -2.41 -30.08
C PRO B 293 12.44 -1.26 -30.98
N THR B 294 11.38 -1.50 -31.75
CA THR B 294 10.66 -0.44 -32.45
C THR B 294 9.26 -0.21 -31.89
N SER B 295 8.82 -1.03 -30.93
CA SER B 295 7.49 -0.88 -30.36
C SER B 295 7.39 0.40 -29.56
N MET B 296 6.16 0.87 -29.40
CA MET B 296 5.93 2.15 -28.74
C MET B 296 6.16 2.08 -27.24
N TYR B 297 5.74 0.98 -26.61
CA TYR B 297 5.81 0.94 -25.14
C TYR B 297 7.23 1.04 -24.62
N PRO B 298 8.19 0.18 -25.02
CA PRO B 298 9.53 0.30 -24.43
C PRO B 298 10.21 1.61 -24.78
N ARG B 299 10.02 2.10 -26.01
CA ARG B 299 10.67 3.34 -26.42
C ARG B 299 10.12 4.55 -25.68
N LEU B 300 8.84 4.53 -25.31
CA LEU B 300 8.26 5.65 -24.58
C LEU B 300 8.89 5.80 -23.19
N PHE B 301 9.01 4.69 -22.45
CA PHE B 301 9.69 4.77 -21.17
C PHE B 301 11.19 5.02 -21.32
N GLU B 302 11.77 4.71 -22.48
CA GLU B 302 13.16 5.07 -22.73
C GLU B 302 13.33 6.58 -22.81
N ALA B 303 12.44 7.25 -23.55
CA ALA B 303 12.50 8.70 -23.65
C ALA B 303 12.24 9.37 -22.30
N GLY B 304 11.47 8.72 -21.43
CA GLY B 304 11.22 9.19 -20.09
C GLY B 304 12.28 8.85 -19.08
N GLY B 305 13.40 8.30 -19.51
CA GLY B 305 14.53 8.08 -18.62
C GLY B 305 14.58 6.73 -17.94
N VAL B 306 13.67 5.82 -18.27
CA VAL B 306 13.70 4.46 -17.75
C VAL B 306 14.39 3.59 -18.79
N ALA B 307 15.58 3.10 -18.48
CA ALA B 307 16.32 2.26 -19.42
C ALA B 307 15.62 0.92 -19.59
N TYR B 308 15.68 0.37 -20.81
CA TYR B 308 15.01 -0.88 -21.11
C TYR B 308 15.33 -2.02 -20.16
N PRO B 309 16.59 -2.21 -19.71
CA PRO B 309 16.80 -3.24 -18.66
C PRO B 309 16.12 -2.88 -17.35
N GLU B 310 16.15 -1.60 -16.96
CA GLU B 310 15.47 -1.18 -15.74
C GLU B 310 13.95 -1.31 -15.89
N LEU B 311 13.43 -1.12 -17.10
CA LEU B 311 12.01 -1.36 -17.33
C LEU B 311 11.64 -2.81 -17.08
N LEU B 312 12.44 -3.75 -17.62
CA LEU B 312 12.17 -5.16 -17.44
C LEU B 312 12.39 -5.61 -16.00
N ARG B 313 13.35 -5.00 -15.30
CA ARG B 313 13.53 -5.34 -13.89
C ARG B 313 12.33 -4.91 -13.07
N ARG B 314 11.82 -3.70 -13.33
CA ARG B 314 10.68 -3.20 -12.55
C ARG B 314 9.40 -3.97 -12.88
N LEU B 315 9.25 -4.43 -14.12
CA LEU B 315 8.12 -5.29 -14.45
C LEU B 315 8.16 -6.58 -13.64
N VAL B 316 9.32 -7.22 -13.54
CA VAL B 316 9.44 -8.46 -12.77
C VAL B 316 9.23 -8.17 -11.28
N GLU B 317 9.81 -7.09 -10.78
CA GLU B 317 9.68 -6.77 -9.36
C GLU B 317 8.24 -6.42 -8.99
N LEU B 318 7.51 -5.75 -9.88
CA LEU B 318 6.11 -5.48 -9.61
C LEU B 318 5.30 -6.77 -9.53
N ALA B 319 5.66 -7.77 -10.33
CA ALA B 319 5.01 -9.07 -10.24
C ALA B 319 5.29 -9.74 -8.90
N LEU B 320 6.55 -9.71 -8.45
CA LEU B 320 6.89 -10.31 -7.17
C LEU B 320 6.23 -9.58 -6.01
N THR B 321 6.12 -8.26 -6.10
CA THR B 321 5.52 -7.49 -5.02
C THR B 321 4.05 -7.85 -4.82
N HIS B 322 3.29 -7.91 -5.92
CA HIS B 322 1.88 -8.27 -5.81
C HIS B 322 1.70 -9.67 -5.26
N HIS B 323 2.52 -10.61 -5.71
CA HIS B 323 2.42 -11.99 -5.23
C HIS B 323 3.73 -12.45 -4.61
N MET C 3 9.59 -14.84 -0.21
CA MET C 3 9.53 -13.59 0.55
C MET C 3 10.30 -13.72 1.87
N ARG C 4 11.44 -13.03 1.95
CA ARG C 4 12.36 -13.18 3.07
C ARG C 4 12.33 -11.95 3.96
N VAL C 5 12.34 -12.19 5.27
CA VAL C 5 12.28 -11.15 6.28
C VAL C 5 13.56 -11.20 7.10
N LEU C 6 14.09 -10.03 7.44
CA LEU C 6 15.24 -9.92 8.31
C LEU C 6 14.77 -9.44 9.69
N LEU C 7 15.23 -10.12 10.73
CA LEU C 7 14.80 -9.87 12.10
C LEU C 7 16.03 -9.49 12.92
N ILE C 8 16.07 -8.27 13.41
CA ILE C 8 17.18 -7.78 14.23
C ILE C 8 16.75 -7.82 15.69
N ALA C 9 17.53 -8.47 16.54
CA ALA C 9 17.20 -8.62 17.95
C ALA C 9 18.44 -8.38 18.79
N GLY C 10 18.25 -8.27 20.10
CA GLY C 10 19.33 -7.99 21.03
C GLY C 10 19.50 -6.49 21.25
N GLY C 11 20.61 -5.93 20.76
CA GLY C 11 20.88 -4.51 20.85
C GLY C 11 21.78 -4.16 22.02
N VAL C 12 22.07 -2.86 22.11
CA VAL C 12 22.98 -2.34 23.13
C VAL C 12 22.25 -1.67 24.29
N SER C 13 20.95 -1.46 24.20
CA SER C 13 20.18 -0.85 25.27
C SER C 13 20.12 -1.81 26.46
N PRO C 14 19.71 -1.31 27.65
CA PRO C 14 19.53 -2.22 28.79
C PRO C 14 18.52 -3.34 28.56
N GLU C 15 17.68 -3.22 27.53
CA GLU C 15 16.68 -4.25 27.23
C GLU C 15 17.20 -5.30 26.25
N HIS C 16 18.52 -5.49 26.22
CA HIS C 16 19.12 -6.45 25.29
C HIS C 16 18.57 -7.86 25.49
N GLU C 17 18.52 -8.32 26.74
CA GLU C 17 18.02 -9.67 27.01
C GLU C 17 16.56 -9.82 26.63
N VAL C 18 15.75 -8.79 26.89
CA VAL C 18 14.33 -8.86 26.58
C VAL C 18 14.11 -8.90 25.07
N SER C 19 14.97 -8.23 24.30
CA SER C 19 14.82 -8.24 22.85
C SER C 19 15.02 -9.64 22.29
N LEU C 20 15.97 -10.39 22.85
CA LEU C 20 16.17 -11.76 22.40
C LEU C 20 14.99 -12.66 22.76
N LEU C 21 14.35 -12.40 23.90
CA LEU C 21 13.16 -13.18 24.26
C LEU C 21 12.00 -12.87 23.31
N SER C 22 11.89 -11.61 22.88
CA SER C 22 10.86 -11.28 21.89
C SER C 22 11.12 -11.96 20.57
N ALA C 23 12.39 -12.10 20.18
CA ALA C 23 12.72 -12.76 18.93
C ALA C 23 12.43 -14.26 18.98
N GLU C 24 12.57 -14.87 20.16
CA GLU C 24 12.29 -16.28 20.31
C GLU C 24 10.86 -16.61 19.93
N GLY C 25 9.90 -15.80 20.37
CA GLY C 25 8.52 -16.04 20.04
C GLY C 25 8.18 -15.71 18.60
N VAL C 26 8.70 -14.59 18.10
CA VAL C 26 8.41 -14.19 16.73
C VAL C 26 9.00 -15.19 15.75
N LEU C 27 10.22 -15.68 16.02
CA LEU C 27 10.90 -16.56 15.08
C LEU C 27 10.13 -17.86 14.87
N ARG C 28 9.70 -18.51 15.96
CA ARG C 28 9.05 -19.80 15.86
C ARG C 28 7.59 -19.71 15.45
N HIS C 29 7.09 -18.53 15.10
CA HIS C 29 5.70 -18.41 14.66
C HIS C 29 5.50 -17.43 13.51
N ILE C 30 6.55 -16.80 13.00
CA ILE C 30 6.42 -15.83 11.90
C ILE C 30 6.11 -16.58 10.61
N PRO C 31 5.11 -16.14 9.82
CA PRO C 31 4.68 -16.93 8.66
C PRO C 31 5.52 -16.72 7.41
N PHE C 32 6.79 -16.35 7.57
CA PHE C 32 7.66 -16.08 6.44
C PHE C 32 9.02 -16.71 6.70
N PRO C 33 9.76 -17.06 5.65
CA PRO C 33 11.18 -17.39 5.82
C PRO C 33 11.92 -16.19 6.41
N THR C 34 12.57 -16.42 7.54
CA THR C 34 13.13 -15.33 8.33
C THR C 34 14.52 -15.68 8.81
N ASP C 35 15.48 -14.81 8.52
CA ASP C 35 16.79 -14.91 9.11
C ASP C 35 16.87 -14.04 10.35
N LEU C 36 17.74 -14.41 11.27
CA LEU C 36 17.92 -13.67 12.52
C LEU C 36 19.27 -12.96 12.52
N ALA C 37 19.25 -11.66 12.80
CA ALA C 37 20.45 -10.90 13.06
C ALA C 37 20.40 -10.41 14.51
N VAL C 38 21.54 -10.46 15.19
CA VAL C 38 21.61 -10.11 16.60
C VAL C 38 22.67 -9.04 16.80
N ILE C 39 22.28 -7.93 17.41
CA ILE C 39 23.23 -6.90 17.83
C ILE C 39 23.68 -7.23 19.25
N ALA C 40 24.95 -7.55 19.42
CA ALA C 40 25.47 -7.84 20.74
C ALA C 40 25.56 -6.55 21.57
N GLN C 41 25.82 -6.74 22.87
CA GLN C 41 25.87 -5.59 23.78
C GLN C 41 27.00 -4.63 23.43
N ASP C 42 28.09 -5.14 22.86
CA ASP C 42 29.22 -4.30 22.49
C ASP C 42 28.99 -3.55 21.18
N GLY C 43 27.84 -3.75 20.52
CA GLY C 43 27.52 -3.09 19.28
C GLY C 43 27.80 -3.90 18.04
N ARG C 44 28.72 -4.86 18.11
CA ARG C 44 29.06 -5.67 16.95
C ARG C 44 27.97 -6.70 16.68
N TRP C 45 27.72 -6.96 15.40
CA TRP C 45 26.63 -7.81 14.99
C TRP C 45 27.06 -9.28 14.90
N LEU C 46 26.06 -10.17 14.94
CA LEU C 46 26.24 -11.60 14.77
C LEU C 46 25.21 -12.09 13.77
N LEU C 47 25.67 -12.80 12.74
CA LEU C 47 24.81 -13.26 11.66
C LEU C 47 24.78 -14.78 11.62
N GLY C 48 23.87 -15.30 10.78
CA GLY C 48 23.80 -16.72 10.52
C GLY C 48 23.62 -17.56 11.77
N GLU C 49 24.38 -18.67 11.82
CA GLU C 49 24.29 -19.58 12.96
C GLU C 49 24.83 -18.96 14.24
N LYS C 50 25.67 -17.93 14.14
CA LYS C 50 26.14 -17.26 15.35
C LYS C 50 25.04 -16.45 16.00
N ALA C 51 24.12 -15.90 15.21
CA ALA C 51 22.98 -15.18 15.78
C ALA C 51 22.03 -16.15 16.49
N LEU C 52 21.82 -17.34 15.91
CA LEU C 52 20.97 -18.32 16.57
C LEU C 52 21.59 -18.80 17.88
N THR C 53 22.89 -19.09 17.87
CA THR C 53 23.55 -19.56 19.08
C THR C 53 23.50 -18.51 20.19
N ALA C 54 23.68 -17.23 19.83
CA ALA C 54 23.52 -16.17 20.81
C ALA C 54 22.06 -16.04 21.24
N LEU C 55 21.13 -16.46 20.39
CA LEU C 55 19.72 -16.46 20.78
C LEU C 55 19.43 -17.58 21.76
N GLU C 56 19.97 -18.77 21.53
CA GLU C 56 19.72 -19.89 22.43
C GLU C 56 20.24 -19.60 23.83
N ALA C 57 21.31 -18.83 23.94
CA ALA C 57 21.81 -18.40 25.24
C ALA C 57 21.08 -17.16 25.76
N LYS C 58 20.22 -16.54 24.95
CA LYS C 58 19.41 -15.38 25.34
C LYS C 58 20.27 -14.20 25.78
N ALA C 59 21.54 -14.17 25.40
CA ALA C 59 22.40 -13.04 25.72
C ALA C 59 23.63 -13.09 24.81
N ALA C 60 24.02 -11.93 24.29
CA ALA C 60 25.20 -11.79 23.44
C ALA C 60 26.04 -10.65 24.00
N PRO C 61 26.96 -10.95 24.90
CA PRO C 61 27.84 -9.89 25.43
C PRO C 61 28.79 -9.34 24.38
N GLU C 62 29.26 -10.17 23.46
CA GLU C 62 30.20 -9.75 22.43
C GLU C 62 29.72 -10.23 21.07
N GLY C 63 29.99 -9.42 20.05
CA GLY C 63 29.61 -9.75 18.69
C GLY C 63 30.80 -9.88 17.76
N GLU C 64 30.56 -9.92 16.45
CA GLU C 64 31.61 -10.10 15.46
C GLU C 64 31.81 -8.87 14.59
N HIS C 65 30.77 -8.42 13.86
CA HIS C 65 30.99 -7.41 12.84
C HIS C 65 30.55 -6.04 13.33
N PRO C 66 31.37 -5.00 13.16
CA PRO C 66 30.95 -3.65 13.50
C PRO C 66 29.99 -3.07 12.47
N PHE C 67 29.15 -2.17 12.94
CA PHE C 67 28.15 -1.54 12.09
C PHE C 67 28.81 -0.59 11.09
N PRO C 68 28.38 -0.59 9.81
CA PRO C 68 27.35 -1.47 9.26
C PRO C 68 27.88 -2.86 8.92
N PRO C 69 27.10 -3.89 9.25
CA PRO C 69 27.57 -5.27 9.07
C PRO C 69 27.64 -5.65 7.61
N PRO C 70 28.44 -6.67 7.27
CA PRO C 70 28.48 -7.19 5.88
C PRO C 70 27.30 -8.10 5.60
N LEU C 71 26.13 -7.48 5.47
CA LEU C 71 24.86 -8.17 5.31
C LEU C 71 24.31 -7.93 3.92
N SER C 72 23.88 -9.00 3.25
CA SER C 72 23.29 -8.89 1.92
C SER C 72 21.84 -8.47 2.09
N TRP C 73 21.61 -7.16 2.09
CA TRP C 73 20.26 -6.65 2.33
C TRP C 73 19.31 -6.98 1.19
N GLU C 74 19.82 -7.05 -0.05
CA GLU C 74 18.96 -7.33 -1.20
C GLU C 74 18.23 -8.66 -1.08
N ARG C 75 18.67 -9.54 -0.18
CA ARG C 75 17.99 -10.83 -0.01
C ARG C 75 16.61 -10.65 0.60
N TYR C 76 16.50 -9.78 1.60
CA TYR C 76 15.27 -9.62 2.37
C TYR C 76 14.33 -8.63 1.71
N ASP C 77 13.03 -8.89 1.82
CA ASP C 77 12.03 -7.95 1.34
C ASP C 77 11.61 -6.94 2.40
N VAL C 78 11.61 -7.35 3.67
CA VAL C 78 11.18 -6.51 4.78
C VAL C 78 12.15 -6.74 5.93
N VAL C 79 12.33 -5.70 6.74
CA VAL C 79 13.14 -5.79 7.96
C VAL C 79 12.22 -5.60 9.15
N PHE C 80 12.33 -6.49 10.14
CA PHE C 80 11.59 -6.38 11.37
C PHE C 80 12.57 -6.00 12.48
N PRO C 81 12.71 -4.72 12.82
CA PRO C 81 13.59 -4.34 13.93
C PRO C 81 12.95 -4.64 15.28
N LEU C 82 13.36 -5.74 15.90
CA LEU C 82 12.80 -6.16 17.18
C LEU C 82 13.70 -5.75 18.34
N LEU C 83 14.13 -4.49 18.33
CA LEU C 83 14.99 -3.95 19.36
C LEU C 83 14.17 -3.03 20.25
N HIS C 84 14.41 -3.12 21.55
CA HIS C 84 13.70 -2.33 22.53
C HIS C 84 14.62 -1.24 23.08
N GLY C 85 14.07 -0.04 23.24
CA GLY C 85 14.77 1.02 23.92
C GLY C 85 15.75 1.77 23.01
N ARG C 86 16.80 2.30 23.65
CA ARG C 86 17.80 3.08 22.94
C ARG C 86 18.45 2.26 21.83
N PHE C 87 18.73 2.92 20.71
CA PHE C 87 19.35 2.29 19.54
C PHE C 87 18.51 1.11 19.06
N GLY C 88 17.21 1.34 18.92
CA GLY C 88 16.29 0.32 18.46
C GLY C 88 14.87 0.84 18.31
N GLU C 89 14.36 1.45 19.37
CA GLU C 89 13.01 1.98 19.40
C GLU C 89 12.97 3.50 19.20
N ASP C 90 14.12 4.16 19.12
CA ASP C 90 14.20 5.62 19.21
C ASP C 90 14.50 6.30 17.88
N GLY C 91 14.31 5.61 16.76
CA GLY C 91 14.47 6.23 15.47
C GLY C 91 15.83 6.07 14.81
N THR C 92 16.84 5.60 15.54
CA THR C 92 18.17 5.46 14.96
C THR C 92 18.21 4.34 13.93
N VAL C 93 17.76 3.14 14.30
CA VAL C 93 17.74 2.02 13.37
C VAL C 93 16.80 2.32 12.21
N GLN C 94 15.68 2.99 12.49
CA GLN C 94 14.72 3.33 11.44
C GLN C 94 15.33 4.32 10.45
N GLY C 95 16.12 5.28 10.94
CA GLY C 95 16.83 6.17 10.04
C GLY C 95 17.80 5.43 9.13
N PHE C 96 18.49 4.42 9.67
CA PHE C 96 19.37 3.61 8.84
C PHE C 96 18.60 2.85 7.78
N LEU C 97 17.43 2.30 8.14
CA LEU C 97 16.64 1.53 7.18
C LEU C 97 15.98 2.42 6.14
N GLU C 98 15.64 3.66 6.50
CA GLU C 98 15.11 4.59 5.51
C GLU C 98 16.13 4.88 4.43
N LEU C 99 17.36 5.20 4.84
CA LEU C 99 18.44 5.45 3.88
C LEU C 99 18.77 4.19 3.08
N LEU C 100 18.55 3.02 3.67
CA LEU C 100 18.78 1.77 2.98
C LEU C 100 17.71 1.47 1.92
N GLY C 101 16.59 2.18 1.94
CA GLY C 101 15.52 1.95 0.98
C GLY C 101 14.69 0.71 1.25
N LYS C 102 14.89 0.06 2.40
CA LYS C 102 14.25 -1.17 2.80
C LYS C 102 12.94 -0.88 3.53
N PRO C 103 11.84 -1.52 3.15
CA PRO C 103 10.63 -1.39 3.97
C PRO C 103 10.81 -2.14 5.29
N TYR C 104 10.31 -1.53 6.36
CA TYR C 104 10.56 -2.07 7.70
C TYR C 104 9.30 -1.95 8.54
N VAL C 105 9.24 -2.80 9.55
CA VAL C 105 8.07 -2.88 10.43
C VAL C 105 8.17 -1.81 11.49
N GLY C 106 7.02 -1.21 11.82
CA GLY C 106 6.93 -0.29 12.94
C GLY C 106 6.95 1.16 12.51
N ALA C 107 6.95 2.03 13.51
CA ALA C 107 6.85 3.46 13.28
C ALA C 107 8.11 3.99 12.61
N GLY C 108 7.98 5.16 12.00
CA GLY C 108 9.07 5.83 11.34
C GLY C 108 10.00 6.49 12.34
N VAL C 109 10.89 7.33 11.80
CA VAL C 109 11.92 7.97 12.62
C VAL C 109 11.29 8.96 13.60
N ALA C 110 10.40 9.82 13.11
CA ALA C 110 9.79 10.84 13.97
C ALA C 110 9.00 10.20 15.11
N ALA C 111 8.12 9.24 14.77
CA ALA C 111 7.26 8.65 15.78
C ALA C 111 8.06 7.84 16.79
N SER C 112 9.05 7.07 16.32
CA SER C 112 9.85 6.25 17.23
C SER C 112 10.59 7.11 18.24
N ALA C 113 11.26 8.16 17.76
CA ALA C 113 12.02 9.03 18.65
C ALA C 113 11.11 9.78 19.60
N LEU C 114 9.97 10.26 19.11
CA LEU C 114 9.07 11.05 19.94
C LEU C 114 8.42 10.18 21.01
N CYS C 115 7.97 8.97 20.65
CA CYS C 115 7.37 8.07 21.63
C CYS C 115 8.39 7.54 22.63
N MET C 116 9.68 7.55 22.28
CA MET C 116 10.71 7.13 23.21
C MET C 116 11.04 8.19 24.25
N ASP C 117 10.77 9.46 23.95
CA ASP C 117 11.09 10.55 24.86
C ASP C 117 9.88 10.81 25.77
N LYS C 118 10.05 10.50 27.05
CA LYS C 118 8.95 10.65 28.00
C LYS C 118 8.61 12.11 28.28
N ASP C 119 9.49 13.05 27.91
CA ASP C 119 9.15 14.47 28.02
C ASP C 119 8.44 14.98 26.77
N LEU C 120 8.96 14.69 25.58
CA LEU C 120 8.42 15.29 24.37
C LEU C 120 7.06 14.70 24.00
N SER C 121 6.88 13.39 24.17
CA SER C 121 5.58 12.80 23.85
C SER C 121 4.49 13.36 24.77
N LYS C 122 4.81 13.52 26.06
CA LYS C 122 3.87 14.17 26.97
C LYS C 122 3.53 15.59 26.53
N ARG C 123 4.53 16.36 26.10
CA ARG C 123 4.26 17.70 25.59
C ARG C 123 3.30 17.66 24.41
N VAL C 124 3.57 16.79 23.44
CA VAL C 124 2.68 16.65 22.30
C VAL C 124 1.30 16.20 22.75
N LEU C 125 1.24 15.20 23.63
CA LEU C 125 -0.05 14.69 24.07
C LEU C 125 -0.80 15.70 24.93
N ALA C 126 -0.08 16.49 25.73
CA ALA C 126 -0.74 17.52 26.54
C ALA C 126 -1.37 18.59 25.66
N GLN C 127 -0.68 18.99 24.59
CA GLN C 127 -1.23 19.99 23.70
C GLN C 127 -2.44 19.45 22.94
N ALA C 128 -2.50 18.14 22.73
CA ALA C 128 -3.58 17.53 21.96
C ALA C 128 -4.81 17.23 22.79
N GLY C 129 -4.82 17.61 24.07
CA GLY C 129 -5.96 17.32 24.92
C GLY C 129 -5.98 15.94 25.53
N VAL C 130 -4.89 15.19 25.42
CA VAL C 130 -4.79 13.87 26.01
C VAL C 130 -4.32 14.03 27.45
N PRO C 131 -4.99 13.43 28.44
CA PRO C 131 -4.56 13.60 29.83
C PRO C 131 -3.26 12.87 30.11
N VAL C 132 -2.33 13.56 30.76
CA VAL C 132 -1.07 12.98 31.17
C VAL C 132 -0.80 13.37 32.62
N VAL C 133 0.07 12.61 33.27
CA VAL C 133 0.44 12.92 34.66
C VAL C 133 1.22 14.23 34.68
N PRO C 134 0.98 15.11 35.65
CA PRO C 134 1.81 16.31 35.76
C PRO C 134 3.28 15.95 35.97
N TRP C 135 4.14 16.57 35.16
CA TRP C 135 5.55 16.21 35.13
C TRP C 135 6.38 17.46 34.89
N VAL C 136 7.69 17.31 35.13
CA VAL C 136 8.67 18.33 34.74
C VAL C 136 9.89 17.61 34.20
N ALA C 137 10.61 18.29 33.30
CA ALA C 137 11.87 17.79 32.78
C ALA C 137 13.02 18.38 33.58
N VAL C 138 14.08 17.59 33.71
CA VAL C 138 15.27 18.00 34.45
C VAL C 138 16.49 17.65 33.60
N ARG C 139 17.32 18.65 33.31
CA ARG C 139 18.54 18.45 32.55
C ARG C 139 19.71 18.25 33.50
N LYS C 140 20.72 17.51 33.02
CA LYS C 140 21.85 17.15 33.87
C LYS C 140 22.66 18.39 34.25
N GLY C 141 23.24 18.35 35.44
CA GLY C 141 24.03 19.47 35.94
C GLY C 141 23.23 20.74 36.11
N GLU C 142 21.97 20.62 36.54
CA GLU C 142 21.08 21.76 36.63
C GLU C 142 20.08 21.51 37.76
N PRO C 143 19.80 22.50 38.60
CA PRO C 143 18.93 22.29 39.75
C PRO C 143 17.51 21.94 39.33
N PRO C 144 16.90 20.96 39.98
CA PRO C 144 15.53 20.57 39.63
C PRO C 144 14.50 21.46 40.29
N VAL C 145 13.45 21.78 39.55
CA VAL C 145 12.37 22.63 40.03
C VAL C 145 11.08 21.83 39.91
N VAL C 146 10.72 21.09 40.96
CA VAL C 146 9.56 20.20 40.96
C VAL C 146 8.42 20.91 41.69
N PRO C 147 7.39 21.38 40.98
CA PRO C 147 6.34 22.17 41.64
C PRO C 147 5.37 21.36 42.49
N PHE C 148 5.23 20.06 42.25
CA PHE C 148 4.33 19.23 43.04
C PHE C 148 5.11 18.51 44.15
N ASP C 149 4.36 17.78 44.99
CA ASP C 149 4.82 17.10 46.19
C ASP C 149 5.06 15.62 45.93
N PRO C 150 5.97 15.01 46.68
CA PRO C 150 6.18 13.56 46.59
C PRO C 150 4.93 12.81 47.00
N PRO C 151 4.82 11.51 46.71
CA PRO C 151 5.80 10.64 46.02
C PRO C 151 5.96 10.92 44.53
N PHE C 152 7.19 10.80 44.04
CA PHE C 152 7.52 11.04 42.64
C PHE C 152 7.91 9.73 41.96
N PHE C 153 7.81 9.74 40.63
CA PHE C 153 8.54 8.80 39.80
C PHE C 153 9.58 9.58 39.01
N VAL C 154 10.82 9.12 39.06
CA VAL C 154 11.92 9.75 38.36
C VAL C 154 12.45 8.77 37.32
N LYS C 155 12.52 9.22 36.07
CA LYS C 155 12.86 8.35 34.97
C LYS C 155 13.86 9.05 34.06
N PRO C 156 14.75 8.28 33.42
CA PRO C 156 15.42 8.80 32.23
C PRO C 156 14.39 9.04 31.15
N ALA C 157 14.51 10.19 30.47
CA ALA C 157 13.52 10.54 29.46
C ALA C 157 13.43 9.49 28.37
N ASN C 158 14.54 8.82 28.06
CA ASN C 158 14.59 7.73 27.10
C ASN C 158 15.00 6.46 27.84
N THR C 159 14.02 5.60 28.13
CA THR C 159 14.29 4.32 28.78
C THR C 159 13.13 3.38 28.48
N GLY C 160 13.33 2.11 28.87
CA GLY C 160 12.29 1.11 28.75
C GLY C 160 12.51 0.02 29.80
N SER C 161 11.46 -0.79 29.99
CA SER C 161 11.48 -1.91 30.94
C SER C 161 11.82 -1.45 32.37
N SER C 162 11.48 -0.20 32.69
CA SER C 162 11.64 0.37 34.04
C SER C 162 13.11 0.40 34.47
N VAL C 163 13.99 0.70 33.53
CA VAL C 163 15.42 0.78 33.82
C VAL C 163 15.78 2.21 34.22
N GLY C 164 16.44 2.35 35.36
CA GLY C 164 16.83 3.66 35.85
C GLY C 164 15.71 4.46 36.48
N ILE C 165 14.55 3.85 36.71
CA ILE C 165 13.38 4.53 37.26
C ILE C 165 13.35 4.31 38.77
N SER C 166 13.03 5.37 39.51
CA SER C 166 12.90 5.30 40.96
C SER C 166 11.55 5.86 41.40
N ARG C 167 10.94 5.20 42.37
CA ARG C 167 9.81 5.76 43.10
C ARG C 167 10.37 6.48 44.33
N VAL C 168 10.20 7.79 44.38
CA VAL C 168 10.82 8.64 45.39
C VAL C 168 9.75 9.03 46.42
N GLU C 169 9.93 8.58 47.66
CA GLU C 169 9.01 8.89 48.74
C GLU C 169 9.30 10.24 49.38
N ARG C 170 10.57 10.61 49.49
CA ARG C 170 10.99 11.79 50.22
C ARG C 170 11.74 12.74 49.30
N PHE C 171 11.50 14.04 49.47
CA PHE C 171 12.12 15.04 48.60
C PHE C 171 13.65 14.98 48.67
N GLN C 172 14.20 14.50 49.78
CA GLN C 172 15.65 14.41 49.91
C GLN C 172 16.22 13.18 49.21
N ASP C 173 15.38 12.27 48.75
CA ASP C 173 15.82 11.16 47.91
C ASP C 173 15.73 11.49 46.42
N LEU C 174 15.45 12.74 46.08
CA LEU C 174 15.28 13.13 44.68
C LEU C 174 16.63 13.26 43.97
N GLU C 175 17.65 13.75 44.67
CA GLU C 175 18.96 13.91 44.04
C GLU C 175 19.56 12.57 43.65
N ALA C 176 19.45 11.57 44.54
CA ALA C 176 19.99 10.25 44.23
C ALA C 176 19.27 9.62 43.04
N ALA C 177 17.96 9.82 42.94
CA ALA C 177 17.20 9.27 41.83
C ALA C 177 17.56 9.96 40.52
N LEU C 178 17.79 11.28 40.56
CA LEU C 178 18.20 11.99 39.36
C LEU C 178 19.57 11.53 38.88
N ALA C 179 20.49 11.30 39.82
CA ALA C 179 21.82 10.80 39.45
C ALA C 179 21.74 9.42 38.83
N LEU C 180 20.91 8.53 39.40
CA LEU C 180 20.72 7.21 38.82
C LEU C 180 20.14 7.30 37.41
N ALA C 181 19.19 8.21 37.21
CA ALA C 181 18.59 8.37 35.88
C ALA C 181 19.52 9.06 34.90
N PHE C 182 20.46 9.89 35.39
CA PHE C 182 21.42 10.54 34.52
C PHE C 182 22.53 9.60 34.04
N ARG C 183 22.57 8.38 34.54
CA ARG C 183 23.49 7.38 34.01
C ARG C 183 23.01 6.76 32.71
N TYR C 184 21.77 7.03 32.31
CA TYR C 184 21.18 6.50 31.09
C TYR C 184 20.76 7.58 30.10
N ASP C 185 20.77 8.85 30.51
CA ASP C 185 20.27 9.91 29.66
C ASP C 185 20.72 11.25 30.25
N GLU C 186 20.84 12.25 29.39
CA GLU C 186 21.15 13.61 29.83
C GLU C 186 19.90 14.42 30.13
N LYS C 187 18.72 13.83 29.97
CA LYS C 187 17.46 14.47 30.33
C LYS C 187 16.61 13.47 31.12
N ALA C 188 16.01 13.95 32.20
CA ALA C 188 15.16 13.13 33.04
C ALA C 188 13.80 13.80 33.20
N VAL C 189 12.83 13.02 33.69
CA VAL C 189 11.52 13.54 34.01
C VAL C 189 11.19 13.20 35.45
N VAL C 190 10.45 14.09 36.10
CA VAL C 190 9.95 13.88 37.45
C VAL C 190 8.42 14.00 37.37
N GLU C 191 7.73 12.89 37.62
CA GLU C 191 6.28 12.82 37.54
C GLU C 191 5.68 12.60 38.92
N LYS C 192 4.48 13.13 39.12
CA LYS C 192 3.73 12.81 40.32
C LYS C 192 3.36 11.33 40.31
N ALA C 193 3.71 10.63 41.38
CA ALA C 193 3.33 9.23 41.49
C ALA C 193 1.84 9.11 41.83
N LEU C 194 1.15 8.22 41.14
CA LEU C 194 -0.23 7.89 41.47
C LEU C 194 -0.24 6.66 42.37
N SER C 195 -0.94 6.77 43.49
CA SER C 195 -1.03 5.65 44.41
C SER C 195 -2.33 5.74 45.20
N PRO C 196 -3.18 4.70 45.18
CA PRO C 196 -2.99 3.52 44.32
C PRO C 196 -3.25 3.82 42.85
N VAL C 197 -2.81 2.94 41.97
CA VAL C 197 -2.94 3.14 40.53
C VAL C 197 -3.07 1.77 39.87
N ARG C 198 -3.99 1.67 38.92
CA ARG C 198 -4.11 0.49 38.08
C ARG C 198 -3.51 0.79 36.72
N GLU C 199 -2.87 -0.22 36.13
CA GLU C 199 -2.13 -0.06 34.88
C GLU C 199 -2.85 -0.79 33.76
N LEU C 200 -3.38 -0.03 32.81
CA LEU C 200 -4.13 -0.53 31.68
C LEU C 200 -3.30 -0.37 30.42
N GLU C 201 -3.41 -1.35 29.51
CA GLU C 201 -2.68 -1.33 28.26
C GLU C 201 -3.61 -1.77 27.13
N VAL C 202 -3.47 -1.13 25.97
CA VAL C 202 -4.27 -1.45 24.81
C VAL C 202 -3.37 -1.38 23.59
N GLY C 203 -3.56 -2.32 22.66
CA GLY C 203 -2.77 -2.35 21.44
C GLY C 203 -3.42 -1.63 20.27
N VAL C 204 -2.58 -1.05 19.42
CA VAL C 204 -3.02 -0.43 18.17
C VAL C 204 -2.31 -1.14 17.02
N LEU C 205 -3.02 -1.26 15.90
CA LEU C 205 -2.48 -1.90 14.70
C LEU C 205 -2.98 -1.15 13.49
N GLY C 206 -2.05 -0.73 12.63
CA GLY C 206 -2.41 0.03 11.45
C GLY C 206 -1.55 1.26 11.26
N ASN C 207 -1.55 1.81 10.06
CA ASN C 207 -0.75 2.99 9.76
C ASN C 207 -1.56 4.24 10.07
N VAL C 208 -1.07 5.04 11.02
CA VAL C 208 -1.68 6.31 11.43
C VAL C 208 -3.10 6.10 11.97
N PHE C 209 -4.03 5.69 11.11
CA PHE C 209 -5.41 5.44 11.53
C PHE C 209 -5.55 3.96 11.84
N GLY C 210 -5.35 3.59 13.10
CA GLY C 210 -5.28 2.20 13.49
C GLY C 210 -6.59 1.66 14.06
N GLU C 211 -6.54 0.38 14.42
CA GLU C 211 -7.63 -0.30 15.11
C GLU C 211 -7.17 -0.72 16.50
N ALA C 212 -8.01 -0.52 17.50
CA ALA C 212 -7.65 -0.81 18.88
C ALA C 212 -8.06 -2.24 19.26
N SER C 213 -7.22 -2.88 20.05
CA SER C 213 -7.48 -4.20 20.59
C SER C 213 -8.39 -4.06 21.81
N PRO C 214 -8.76 -5.18 22.44
CA PRO C 214 -9.31 -5.09 23.79
C PRO C 214 -8.28 -4.53 24.75
N VAL C 215 -8.78 -4.08 25.90
CA VAL C 215 -7.94 -3.45 26.92
C VAL C 215 -7.53 -4.50 27.94
N GLY C 216 -6.25 -4.46 28.33
CA GLY C 216 -5.71 -5.38 29.30
C GLY C 216 -5.19 -4.66 30.53
N GLU C 217 -4.90 -5.44 31.57
CA GLU C 217 -4.45 -4.86 32.82
C GLU C 217 -3.35 -5.73 33.42
N VAL C 218 -2.33 -5.08 33.97
CA VAL C 218 -1.25 -5.76 34.66
C VAL C 218 -1.46 -5.57 36.16
N ARG C 219 -1.28 -6.64 36.92
CA ARG C 219 -1.36 -6.55 38.36
C ARG C 219 -0.14 -7.21 38.98
N TYR C 220 0.28 -6.66 40.12
CA TYR C 220 1.47 -7.09 40.83
C TYR C 220 1.33 -6.58 42.25
N GLU C 221 2.23 -7.04 43.12
CA GLU C 221 2.24 -6.56 44.49
C GLU C 221 3.55 -5.86 44.84
N ALA C 222 4.42 -5.63 43.86
CA ALA C 222 5.61 -4.83 44.06
C ALA C 222 5.23 -3.36 44.22
N PRO C 223 6.12 -2.55 44.80
CA PRO C 223 5.80 -1.11 44.91
C PRO C 223 5.51 -0.45 43.57
N PHE C 224 6.17 -0.88 42.50
CA PHE C 224 5.78 -0.49 41.15
C PHE C 224 6.23 -1.57 40.19
N TYR C 225 5.81 -1.42 38.93
CA TYR C 225 6.03 -2.44 37.90
C TYR C 225 7.44 -2.27 37.34
N ASP C 226 8.42 -2.78 38.10
CA ASP C 226 9.82 -2.59 37.77
C ASP C 226 10.35 -3.72 36.90
N TYR C 227 11.66 -3.67 36.62
CA TYR C 227 12.26 -4.63 35.70
C TYR C 227 12.12 -6.06 36.21
N GLU C 228 12.39 -6.28 37.50
CA GLU C 228 12.26 -7.61 38.07
C GLU C 228 10.83 -8.13 37.94
N THR C 229 9.85 -7.32 38.37
CA THR C 229 8.45 -7.73 38.27
C THR C 229 8.03 -7.96 36.82
N LYS C 230 8.64 -7.23 35.88
CA LYS C 230 8.25 -7.37 34.48
C LYS C 230 8.70 -8.69 33.89
N TYR C 231 9.91 -9.15 34.23
CA TYR C 231 10.52 -10.29 33.58
C TYR C 231 10.89 -11.39 34.57
N THR C 232 10.11 -11.53 35.63
CA THR C 232 10.18 -12.70 36.50
C THR C 232 8.91 -13.52 36.29
N PRO C 233 9.00 -14.72 35.74
CA PRO C 233 7.80 -15.53 35.47
C PRO C 233 6.90 -15.64 36.68
N GLY C 234 5.62 -15.29 36.49
CA GLY C 234 4.61 -15.42 37.51
C GLY C 234 4.47 -14.24 38.44
N ARG C 235 5.30 -13.21 38.30
CA ARG C 235 5.20 -12.07 39.20
C ARG C 235 4.17 -11.05 38.70
N ALA C 236 3.96 -10.98 37.39
CA ALA C 236 2.93 -10.13 36.82
C ALA C 236 1.70 -10.96 36.48
N GLU C 237 0.54 -10.31 36.50
CA GLU C 237 -0.75 -10.94 36.22
C GLU C 237 -1.46 -10.14 35.14
N LEU C 238 -1.63 -10.73 33.96
CA LEU C 238 -2.23 -10.06 32.82
C LEU C 238 -3.72 -10.42 32.76
N LEU C 239 -4.57 -9.44 33.05
CA LEU C 239 -6.02 -9.62 33.02
C LEU C 239 -6.52 -9.20 31.64
N ILE C 240 -6.91 -10.17 30.82
CA ILE C 240 -7.33 -9.89 29.45
C ILE C 240 -8.69 -10.53 29.19
N PRO C 241 -9.76 -9.74 28.97
CA PRO C 241 -9.69 -8.28 29.01
C PRO C 241 -9.65 -7.75 30.43
N ALA C 242 -9.45 -6.45 30.58
CA ALA C 242 -9.34 -5.83 31.89
C ALA C 242 -10.72 -5.68 32.53
N PRO C 243 -10.83 -5.85 33.85
CA PRO C 243 -12.11 -5.63 34.52
C PRO C 243 -12.44 -4.16 34.68
N LEU C 244 -12.91 -3.53 33.60
CA LEU C 244 -13.18 -2.11 33.56
C LEU C 244 -14.66 -1.86 33.29
N ASP C 245 -15.14 -0.71 33.76
CA ASP C 245 -16.50 -0.33 33.44
C ASP C 245 -16.57 0.21 32.00
N PRO C 246 -17.72 0.08 31.34
CA PRO C 246 -17.79 0.39 29.90
C PRO C 246 -17.33 1.78 29.54
N GLY C 247 -17.56 2.77 30.39
CA GLY C 247 -17.13 4.13 30.07
C GLY C 247 -15.63 4.26 30.00
N THR C 248 -14.93 3.83 31.07
CA THR C 248 -13.47 3.92 31.11
C THR C 248 -12.84 3.16 29.95
N GLN C 249 -13.32 1.94 29.68
CA GLN C 249 -12.76 1.13 28.61
C GLN C 249 -12.95 1.81 27.26
N GLU C 250 -14.11 2.45 27.06
CA GLU C 250 -14.36 3.18 25.82
C GLU C 250 -13.41 4.38 25.68
N THR C 251 -13.12 5.06 26.79
CA THR C 251 -12.22 6.20 26.73
C THR C 251 -10.79 5.75 26.48
N VAL C 252 -10.40 4.61 27.03
CA VAL C 252 -9.05 4.08 26.84
C VAL C 252 -8.76 3.91 25.36
N GLN C 253 -9.66 3.25 24.64
CA GLN C 253 -9.41 3.00 23.22
C GLN C 253 -9.47 4.29 22.41
N GLU C 254 -10.33 5.25 22.78
CA GLU C 254 -10.37 6.53 22.07
C GLU C 254 -9.08 7.32 22.28
N LEU C 255 -8.59 7.38 23.51
CA LEU C 255 -7.37 8.12 23.77
C LEU C 255 -6.18 7.47 23.07
N ALA C 256 -6.15 6.14 23.02
CA ALA C 256 -5.06 5.43 22.35
C ALA C 256 -5.03 5.73 20.86
N LEU C 257 -6.20 5.65 20.20
CA LEU C 257 -6.25 5.91 18.77
C LEU C 257 -5.95 7.36 18.44
N LYS C 258 -6.40 8.29 19.29
CA LYS C 258 -6.12 9.70 19.09
C LYS C 258 -4.61 9.97 19.17
N ALA C 259 -3.98 9.49 20.25
CA ALA C 259 -2.54 9.62 20.40
C ALA C 259 -1.81 9.02 19.21
N TYR C 260 -2.21 7.82 18.80
CA TYR C 260 -1.58 7.13 17.68
C TYR C 260 -1.59 7.99 16.43
N LYS C 261 -2.71 8.69 16.19
CA LYS C 261 -2.82 9.52 15.00
C LYS C 261 -2.01 10.80 15.13
N VAL C 262 -2.18 11.52 16.26
CA VAL C 262 -1.46 12.77 16.46
C VAL C 262 0.05 12.56 16.29
N LEU C 263 0.59 11.48 16.85
CA LEU C 263 2.00 11.17 16.73
C LEU C 263 2.37 10.55 15.40
N GLY C 264 1.40 10.23 14.54
CA GLY C 264 1.70 9.63 13.25
C GLY C 264 2.38 8.27 13.34
N VAL C 265 1.97 7.44 14.30
CA VAL C 265 2.57 6.12 14.47
C VAL C 265 2.15 5.21 13.31
N ARG C 266 3.08 4.37 12.86
CA ARG C 266 2.81 3.38 11.84
C ARG C 266 3.04 1.97 12.38
N GLY C 267 2.39 1.01 11.75
CA GLY C 267 2.60 -0.38 12.12
C GLY C 267 1.87 -0.80 13.37
N MET C 268 2.37 -0.38 14.54
CA MET C 268 1.85 -0.88 15.81
C MET C 268 2.32 0.02 16.94
N ALA C 269 1.65 -0.14 18.08
CA ALA C 269 2.02 0.50 19.34
C ALA C 269 1.16 -0.08 20.45
N ARG C 270 1.77 -0.27 21.63
CA ARG C 270 1.05 -0.67 22.83
C ARG C 270 0.95 0.55 23.73
N VAL C 271 -0.25 1.11 23.87
CA VAL C 271 -0.46 2.35 24.61
C VAL C 271 -0.83 2.00 26.05
N ASP C 272 -0.09 2.57 26.99
CA ASP C 272 -0.21 2.23 28.41
C ASP C 272 -0.81 3.41 29.16
N PHE C 273 -1.82 3.13 29.97
CA PHE C 273 -2.53 4.17 30.71
C PHE C 273 -2.44 3.93 32.21
N PHE C 274 -2.71 4.98 32.96
CA PHE C 274 -2.82 4.93 34.41
C PHE C 274 -4.26 5.25 34.78
N LEU C 275 -4.83 4.45 35.69
CA LEU C 275 -6.17 4.69 36.21
C LEU C 275 -6.04 4.91 37.72
N ALA C 276 -6.35 6.12 38.16
CA ALA C 276 -6.24 6.47 39.58
C ALA C 276 -7.39 7.39 39.95
N GLU C 277 -8.14 7.00 40.99
CA GLU C 277 -9.30 7.76 41.45
C GLU C 277 -10.30 7.97 40.31
N GLY C 278 -10.43 6.96 39.46
CA GLY C 278 -11.34 7.04 38.34
C GLY C 278 -10.93 8.01 37.25
N GLU C 279 -9.69 8.49 37.25
CA GLU C 279 -9.17 9.36 36.21
C GLU C 279 -8.12 8.63 35.39
N LEU C 280 -8.17 8.83 34.07
CA LEU C 280 -7.22 8.20 33.16
C LEU C 280 -6.04 9.11 32.85
N TYR C 281 -4.88 8.50 32.65
CA TYR C 281 -3.66 9.20 32.28
C TYR C 281 -2.88 8.33 31.30
N LEU C 282 -2.55 8.87 30.14
CA LEU C 282 -1.69 8.15 29.21
C LEU C 282 -0.26 8.23 29.72
N ASN C 283 0.36 7.08 29.91
CA ASN C 283 1.73 7.02 30.43
C ASN C 283 2.75 7.09 29.31
N GLU C 284 2.68 6.16 28.36
CA GLU C 284 3.65 6.09 27.28
C GLU C 284 3.11 5.23 26.15
N LEU C 285 3.61 5.49 24.94
CA LEU C 285 3.46 4.59 23.81
C LEU C 285 4.74 3.80 23.61
N ASN C 286 4.61 2.51 23.37
CA ASN C 286 5.73 1.65 23.04
C ASN C 286 5.54 1.15 21.61
N THR C 287 6.45 1.56 20.72
CA THR C 287 6.32 1.23 19.30
C THR C 287 6.97 -0.09 18.94
N ILE C 288 7.83 -0.62 19.81
CA ILE C 288 8.31 -2.00 19.67
C ILE C 288 8.03 -2.70 20.99
N PRO C 289 6.78 -3.11 21.25
CA PRO C 289 6.47 -3.74 22.53
C PRO C 289 7.02 -5.16 22.59
N GLY C 290 7.13 -5.67 23.82
CA GLY C 290 7.53 -7.05 24.03
C GLY C 290 6.72 -8.01 23.17
N PHE C 291 7.37 -8.98 22.53
CA PHE C 291 6.69 -9.81 21.55
C PHE C 291 6.81 -11.30 21.84
N THR C 292 7.05 -11.67 23.08
CA THR C 292 6.87 -13.06 23.50
C THR C 292 5.40 -13.45 23.34
N PRO C 293 5.09 -14.73 22.96
CA PRO C 293 3.69 -15.14 22.83
C PRO C 293 2.87 -14.94 24.10
N THR C 294 3.54 -14.63 25.21
CA THR C 294 2.86 -14.30 26.46
C THR C 294 2.94 -12.82 26.81
N SER C 295 3.56 -12.00 25.98
CA SER C 295 3.60 -10.56 26.25
C SER C 295 2.21 -9.96 26.04
N MET C 296 2.03 -8.75 26.57
CA MET C 296 0.70 -8.14 26.59
C MET C 296 0.20 -7.82 25.18
N TYR C 297 1.06 -7.26 24.33
CA TYR C 297 0.61 -6.86 23.00
C TYR C 297 0.11 -8.04 22.16
N PRO C 298 0.86 -9.14 22.01
CA PRO C 298 0.30 -10.28 21.24
C PRO C 298 -0.95 -10.87 21.87
N ARG C 299 -0.96 -11.02 23.20
CA ARG C 299 -2.14 -11.55 23.88
C ARG C 299 -3.37 -10.70 23.61
N LEU C 300 -3.20 -9.37 23.59
CA LEU C 300 -4.34 -8.48 23.47
C LEU C 300 -5.02 -8.61 22.11
N PHE C 301 -4.25 -8.75 21.03
CA PHE C 301 -4.87 -8.93 19.73
C PHE C 301 -5.37 -10.35 19.51
N GLU C 302 -4.82 -11.33 20.22
CA GLU C 302 -5.41 -12.65 20.21
C GLU C 302 -6.79 -12.63 20.85
N ALA C 303 -6.94 -11.86 21.94
CA ALA C 303 -8.27 -11.65 22.52
C ALA C 303 -9.18 -10.92 21.56
N GLY C 304 -8.61 -10.09 20.69
CA GLY C 304 -9.38 -9.40 19.69
C GLY C 304 -9.69 -10.19 18.44
N GLY C 305 -9.21 -11.43 18.33
CA GLY C 305 -9.47 -12.23 17.16
C GLY C 305 -8.38 -12.19 16.12
N VAL C 306 -7.14 -11.94 16.52
CA VAL C 306 -5.98 -11.94 15.64
C VAL C 306 -4.95 -12.88 16.25
N ALA C 307 -4.75 -14.03 15.61
CA ALA C 307 -3.79 -15.01 16.12
C ALA C 307 -2.36 -14.46 16.02
N TYR C 308 -1.48 -15.03 16.83
CA TYR C 308 -0.10 -14.56 16.90
C TYR C 308 0.64 -14.63 15.56
N PRO C 309 0.52 -15.68 14.75
CA PRO C 309 1.12 -15.63 13.40
C PRO C 309 0.40 -14.67 12.47
N GLU C 310 -0.91 -14.49 12.65
CA GLU C 310 -1.65 -13.54 11.82
C GLU C 310 -1.28 -12.11 12.16
N LEU C 311 -1.01 -11.83 13.44
CA LEU C 311 -0.58 -10.50 13.84
C LEU C 311 0.73 -10.12 13.16
N LEU C 312 1.69 -11.06 13.12
CA LEU C 312 2.97 -10.80 12.47
C LEU C 312 2.79 -10.52 10.99
N ARG C 313 2.01 -11.36 10.31
CA ARG C 313 1.81 -11.19 8.88
C ARG C 313 1.24 -9.80 8.57
N ARG C 314 0.33 -9.30 9.40
CA ARG C 314 -0.25 -7.99 9.17
C ARG C 314 0.76 -6.88 9.39
N LEU C 315 1.64 -7.05 10.39
CA LEU C 315 2.73 -6.10 10.59
C LEU C 315 3.61 -6.04 9.35
N VAL C 316 4.00 -7.19 8.82
CA VAL C 316 4.86 -7.22 7.64
C VAL C 316 4.14 -6.61 6.44
N GLU C 317 2.83 -6.85 6.32
CA GLU C 317 2.09 -6.24 5.22
C GLU C 317 1.92 -4.75 5.41
N LEU C 318 1.82 -4.29 6.65
CA LEU C 318 1.74 -2.84 6.89
C LEU C 318 3.05 -2.16 6.52
N ALA C 319 4.17 -2.85 6.67
CA ALA C 319 5.45 -2.29 6.27
C ALA C 319 5.53 -2.13 4.76
N LEU C 320 5.03 -3.11 4.00
CA LEU C 320 5.08 -3.03 2.55
C LEU C 320 4.11 -1.99 2.02
N THR C 321 2.93 -1.89 2.63
CA THR C 321 1.89 -0.99 2.12
C THR C 321 2.34 0.46 2.21
N HIS C 322 2.88 0.88 3.36
CA HIS C 322 3.36 2.24 3.49
C HIS C 322 4.52 2.54 2.54
N HIS C 323 5.37 1.53 2.28
CA HIS C 323 6.54 1.78 1.45
C HIS C 323 6.19 1.97 -0.02
N HIS C 324 5.07 1.41 -0.46
CA HIS C 324 4.64 1.54 -1.85
C HIS C 324 3.63 2.68 -2.02
N GLU D 2 45.16 11.55 13.13
CA GLU D 2 44.94 12.94 12.73
C GLU D 2 43.47 13.33 12.79
N MET D 3 43.19 14.51 13.36
CA MET D 3 41.83 15.00 13.49
C MET D 3 41.26 15.31 12.11
N ARG D 4 40.13 14.68 11.75
CA ARG D 4 39.58 14.83 10.41
C ARG D 4 38.07 14.80 10.44
N VAL D 5 37.47 15.60 9.55
CA VAL D 5 36.04 15.81 9.47
C VAL D 5 35.51 15.21 8.17
N LEU D 6 34.36 14.54 8.23
CA LEU D 6 33.66 14.06 7.04
C LEU D 6 32.47 14.97 6.78
N LEU D 7 32.55 15.75 5.70
CA LEU D 7 31.47 16.64 5.28
C LEU D 7 30.57 15.91 4.30
N ILE D 8 29.27 15.86 4.60
CA ILE D 8 28.27 15.27 3.71
C ILE D 8 27.38 16.39 3.18
N ALA D 9 27.19 16.42 1.87
CA ALA D 9 26.47 17.50 1.23
C ALA D 9 25.74 16.97 0.01
N GLY D 10 24.84 17.80 -0.53
CA GLY D 10 23.98 17.38 -1.62
C GLY D 10 22.60 16.96 -1.14
N GLY D 11 22.33 15.67 -1.14
CA GLY D 11 21.06 15.15 -0.67
C GLY D 11 20.05 14.98 -1.79
N VAL D 12 18.97 14.27 -1.46
CA VAL D 12 17.92 14.01 -2.43
C VAL D 12 16.79 15.03 -2.37
N SER D 13 16.84 15.99 -1.46
CA SER D 13 15.80 16.99 -1.31
C SER D 13 15.89 18.02 -2.44
N PRO D 14 14.86 18.85 -2.62
CA PRO D 14 14.96 19.94 -3.61
C PRO D 14 16.04 20.96 -3.26
N GLU D 15 16.47 21.02 -2.00
CA GLU D 15 17.56 21.89 -1.59
C GLU D 15 18.93 21.29 -1.87
N HIS D 16 19.01 20.34 -2.81
CA HIS D 16 20.27 19.68 -3.15
C HIS D 16 21.34 20.68 -3.60
N GLU D 17 20.94 21.66 -4.42
CA GLU D 17 21.94 22.59 -4.95
C GLU D 17 22.45 23.56 -3.90
N VAL D 18 21.57 24.05 -3.02
CA VAL D 18 22.04 24.98 -1.99
C VAL D 18 22.80 24.26 -0.88
N SER D 19 22.68 22.94 -0.80
CA SER D 19 23.53 22.19 0.14
C SER D 19 24.98 22.18 -0.32
N LEU D 20 25.21 22.00 -1.63
CA LEU D 20 26.57 22.05 -2.17
C LEU D 20 27.15 23.45 -2.03
N LEU D 21 26.35 24.49 -2.31
CA LEU D 21 26.80 25.86 -2.11
C LEU D 21 27.24 26.09 -0.68
N SER D 22 26.53 25.50 0.29
CA SER D 22 26.95 25.59 1.68
C SER D 22 28.26 24.86 1.90
N ALA D 23 28.44 23.71 1.23
CA ALA D 23 29.64 22.90 1.43
C ALA D 23 30.90 23.62 0.95
N GLU D 24 30.78 24.40 -0.12
CA GLU D 24 31.94 25.15 -0.61
C GLU D 24 32.35 26.22 0.40
N GLY D 25 31.38 26.93 0.99
CA GLY D 25 31.70 27.89 2.02
C GLY D 25 32.36 27.24 3.23
N VAL D 26 31.90 26.05 3.61
CA VAL D 26 32.46 25.37 4.77
C VAL D 26 33.88 24.89 4.47
N LEU D 27 34.10 24.33 3.27
CA LEU D 27 35.42 23.78 2.94
C LEU D 27 36.49 24.87 2.92
N ARG D 28 36.15 26.07 2.41
CA ARG D 28 37.15 27.11 2.28
C ARG D 28 37.58 27.68 3.62
N HIS D 29 36.79 27.49 4.68
CA HIS D 29 37.07 28.13 5.96
C HIS D 29 37.16 27.18 7.14
N ILE D 30 36.85 25.90 7.00
CA ILE D 30 36.82 25.02 8.17
C ILE D 30 38.25 24.75 8.62
N PRO D 31 38.54 24.83 9.93
CA PRO D 31 39.93 24.71 10.39
C PRO D 31 40.31 23.28 10.76
N PHE D 32 39.82 22.32 10.00
CA PHE D 32 40.15 20.92 10.20
C PHE D 32 40.33 20.29 8.84
N PRO D 33 41.21 19.29 8.72
CA PRO D 33 41.24 18.49 7.49
C PRO D 33 39.88 17.87 7.25
N THR D 34 39.33 18.08 6.05
CA THR D 34 37.95 17.70 5.78
C THR D 34 37.86 17.02 4.43
N ASP D 35 37.21 15.86 4.39
CA ASP D 35 36.87 15.18 3.15
C ASP D 35 35.40 15.38 2.84
N LEU D 36 35.08 15.48 1.55
CA LEU D 36 33.72 15.71 1.10
C LEU D 36 33.12 14.42 0.56
N ALA D 37 31.96 14.04 1.10
CA ALA D 37 31.10 13.03 0.51
C ALA D 37 29.82 13.69 0.06
N VAL D 38 29.31 13.28 -1.11
CA VAL D 38 28.16 13.92 -1.74
C VAL D 38 27.08 12.88 -1.95
N ILE D 39 25.86 13.20 -1.51
CA ILE D 39 24.69 12.37 -1.80
C ILE D 39 24.04 12.94 -3.05
N ALA D 40 24.12 12.20 -4.15
CA ALA D 40 23.53 12.67 -5.39
C ALA D 40 22.01 12.74 -5.28
N GLN D 41 21.40 13.42 -6.26
CA GLN D 41 19.94 13.59 -6.26
C GLN D 41 19.21 12.25 -6.32
N ASP D 42 19.86 11.19 -6.81
CA ASP D 42 19.23 9.89 -6.93
C ASP D 42 19.52 8.98 -5.75
N GLY D 43 20.15 9.51 -4.70
CA GLY D 43 20.36 8.77 -3.47
C GLY D 43 21.72 8.11 -3.36
N ARG D 44 22.41 7.88 -4.48
CA ARG D 44 23.70 7.22 -4.43
C ARG D 44 24.80 8.22 -4.09
N TRP D 45 25.87 7.72 -3.50
CA TRP D 45 26.91 8.57 -2.96
C TRP D 45 28.04 8.76 -3.96
N LEU D 46 28.69 9.92 -3.87
CA LEU D 46 29.93 10.20 -4.58
C LEU D 46 31.01 10.47 -3.55
N LEU D 47 32.18 9.88 -3.76
CA LEU D 47 33.31 9.99 -2.85
C LEU D 47 34.54 10.47 -3.59
N GLY D 48 35.53 10.90 -2.81
CA GLY D 48 36.84 11.20 -3.38
C GLY D 48 36.78 12.35 -4.38
N GLU D 49 37.57 12.22 -5.45
CA GLU D 49 37.69 13.29 -6.42
C GLU D 49 36.39 13.53 -7.18
N LYS D 50 35.57 12.48 -7.34
CA LYS D 50 34.29 12.67 -8.01
C LYS D 50 33.35 13.55 -7.20
N ALA D 51 33.44 13.49 -5.87
CA ALA D 51 32.59 14.32 -5.03
C ALA D 51 32.96 15.79 -5.17
N LEU D 52 34.25 16.10 -5.28
CA LEU D 52 34.69 17.47 -5.48
C LEU D 52 34.32 17.97 -6.87
N THR D 53 34.43 17.11 -7.88
CA THR D 53 34.00 17.49 -9.22
C THR D 53 32.53 17.85 -9.24
N ALA D 54 31.69 17.07 -8.55
CA ALA D 54 30.26 17.37 -8.50
C ALA D 54 30.01 18.67 -7.75
N LEU D 55 30.73 18.89 -6.66
CA LEU D 55 30.60 20.16 -5.94
C LEU D 55 31.00 21.34 -6.83
N GLU D 56 32.06 21.18 -7.62
CA GLU D 56 32.47 22.24 -8.53
C GLU D 56 31.44 22.47 -9.63
N ALA D 57 30.63 21.47 -9.93
CA ALA D 57 29.57 21.62 -10.93
C ALA D 57 28.27 22.12 -10.32
N LYS D 58 28.22 22.32 -9.01
CA LYS D 58 27.06 22.79 -8.27
C LYS D 58 25.85 21.85 -8.40
N ALA D 59 26.05 20.66 -8.95
CA ALA D 59 24.95 19.70 -9.07
C ALA D 59 25.55 18.31 -9.22
N ALA D 60 24.81 17.31 -8.73
CA ALA D 60 25.19 15.91 -8.85
C ALA D 60 23.93 15.10 -9.10
N PRO D 61 23.51 14.98 -10.37
CA PRO D 61 22.23 14.31 -10.65
C PRO D 61 22.21 12.85 -10.22
N GLU D 62 23.28 12.12 -10.53
CA GLU D 62 23.34 10.68 -10.29
C GLU D 62 24.63 10.35 -9.57
N GLY D 63 24.58 9.37 -8.67
CA GLY D 63 25.70 8.99 -7.85
C GLY D 63 26.29 7.65 -8.25
N GLU D 64 27.25 7.20 -7.44
CA GLU D 64 27.98 5.97 -7.70
C GLU D 64 27.64 4.88 -6.70
N HIS D 65 27.82 5.12 -5.41
CA HIS D 65 27.69 4.01 -4.46
C HIS D 65 26.34 4.04 -3.77
N PRO D 66 25.58 2.96 -3.81
CA PRO D 66 24.34 2.89 -3.02
C PRO D 66 24.65 2.89 -1.54
N PHE D 67 23.67 3.31 -0.76
CA PHE D 67 23.83 3.38 0.68
C PHE D 67 23.90 1.96 1.27
N PRO D 68 24.75 1.73 2.27
CA PRO D 68 25.70 2.69 2.85
C PRO D 68 26.98 2.81 2.04
N PRO D 69 27.62 3.98 2.07
CA PRO D 69 28.78 4.20 1.22
C PRO D 69 29.98 3.42 1.70
N PRO D 70 30.92 3.07 0.81
CA PRO D 70 32.12 2.32 1.20
C PRO D 70 33.19 3.23 1.80
N LEU D 71 32.86 3.90 2.89
CA LEU D 71 33.79 4.77 3.58
C LEU D 71 34.45 4.03 4.73
N SER D 72 35.63 4.51 5.11
CA SER D 72 36.30 4.07 6.32
C SER D 72 35.95 5.08 7.40
N TRP D 73 34.85 4.82 8.12
CA TRP D 73 34.37 5.77 9.11
C TRP D 73 35.37 5.95 10.25
N GLU D 74 36.31 5.03 10.40
CA GLU D 74 37.41 5.18 11.36
C GLU D 74 38.32 6.35 11.01
N ARG D 75 38.37 6.76 9.74
CA ARG D 75 39.24 7.88 9.36
C ARG D 75 38.77 9.18 9.98
N TYR D 76 37.50 9.29 10.31
CA TYR D 76 36.88 10.57 10.64
C TYR D 76 36.49 10.61 12.11
N ASP D 77 36.74 11.76 12.75
CA ASP D 77 36.38 11.97 14.15
C ASP D 77 35.02 12.63 14.32
N VAL D 78 34.64 13.51 13.40
CA VAL D 78 33.35 14.17 13.40
C VAL D 78 32.78 14.11 12.00
N VAL D 79 31.46 13.92 11.90
CA VAL D 79 30.73 14.02 10.64
C VAL D 79 29.95 15.32 10.64
N PHE D 80 29.96 16.01 9.51
CA PHE D 80 29.21 17.26 9.37
C PHE D 80 28.11 17.01 8.34
N PRO D 81 26.88 16.72 8.76
CA PRO D 81 25.78 16.46 7.81
C PRO D 81 25.15 17.77 7.32
N LEU D 82 25.77 18.35 6.31
CA LEU D 82 25.35 19.62 5.73
C LEU D 82 24.27 19.43 4.67
N LEU D 83 23.28 18.61 5.00
CA LEU D 83 22.16 18.29 4.13
C LEU D 83 20.92 19.02 4.59
N HIS D 84 20.15 19.55 3.65
CA HIS D 84 18.95 20.32 3.97
C HIS D 84 17.70 19.54 3.58
N GLY D 85 16.68 19.60 4.44
CA GLY D 85 15.41 19.00 4.10
C GLY D 85 15.33 17.52 4.41
N ARG D 86 14.59 16.79 3.57
CA ARG D 86 14.36 15.37 3.81
C ARG D 86 15.65 14.58 3.68
N PHE D 87 15.79 13.55 4.53
CA PHE D 87 17.00 12.73 4.58
C PHE D 87 18.24 13.58 4.83
N GLY D 88 18.08 14.61 5.65
CA GLY D 88 19.18 15.50 5.98
C GLY D 88 18.99 16.11 7.35
N GLU D 89 17.88 16.82 7.53
CA GLU D 89 17.55 17.47 8.80
C GLU D 89 16.46 16.75 9.58
N ASP D 90 16.01 15.58 9.13
CA ASP D 90 14.84 14.95 9.73
C ASP D 90 15.16 13.80 10.67
N GLY D 91 16.44 13.56 10.97
CA GLY D 91 16.83 12.52 11.90
C GLY D 91 17.34 11.24 11.24
N THR D 92 17.06 11.04 9.96
CA THR D 92 17.44 9.80 9.30
C THR D 92 18.95 9.65 9.23
N VAL D 93 19.65 10.61 8.61
CA VAL D 93 21.11 10.58 8.58
C VAL D 93 21.66 10.55 10.00
N GLN D 94 21.06 11.35 10.90
CA GLN D 94 21.53 11.39 12.28
C GLN D 94 21.37 10.03 12.94
N GLY D 95 20.31 9.29 12.60
CA GLY D 95 20.16 7.95 13.15
C GLY D 95 21.25 7.00 12.72
N PHE D 96 21.60 7.02 11.42
CA PHE D 96 22.70 6.20 10.93
C PHE D 96 24.01 6.57 11.61
N LEU D 97 24.25 7.86 11.83
CA LEU D 97 25.47 8.30 12.50
C LEU D 97 25.50 7.88 13.97
N GLU D 98 24.33 7.86 14.63
CA GLU D 98 24.28 7.33 15.99
C GLU D 98 24.70 5.87 16.02
N LEU D 99 24.27 5.09 15.03
CA LEU D 99 24.59 3.67 14.99
C LEU D 99 26.06 3.42 14.69
N LEU D 100 26.68 4.27 13.87
CA LEU D 100 28.13 4.17 13.65
C LEU D 100 28.93 4.58 14.89
N GLY D 101 28.30 5.16 15.90
CA GLY D 101 29.04 5.66 17.03
C GLY D 101 29.92 6.85 16.71
N LYS D 102 29.55 7.64 15.71
CA LYS D 102 30.39 8.78 15.33
C LYS D 102 29.80 10.09 15.82
N PRO D 103 30.63 10.98 16.37
CA PRO D 103 30.16 12.33 16.67
C PRO D 103 29.71 13.03 15.40
N TYR D 104 28.76 13.95 15.55
CA TYR D 104 28.28 14.68 14.39
C TYR D 104 27.70 16.02 14.81
N VAL D 105 27.85 17.00 13.91
CA VAL D 105 27.40 18.36 14.17
C VAL D 105 25.89 18.45 14.06
N GLY D 106 25.28 19.18 14.99
CA GLY D 106 23.88 19.52 14.86
C GLY D 106 22.99 18.67 15.74
N ALA D 107 21.69 18.86 15.52
CA ALA D 107 20.68 18.28 16.40
C ALA D 107 20.65 16.76 16.30
N GLY D 108 20.30 16.12 17.40
CA GLY D 108 20.14 14.68 17.44
C GLY D 108 18.93 14.22 16.64
N VAL D 109 18.62 12.93 16.79
CA VAL D 109 17.53 12.34 16.02
C VAL D 109 16.21 13.01 16.36
N ALA D 110 15.90 13.10 17.66
CA ALA D 110 14.59 13.57 18.09
C ALA D 110 14.39 15.05 17.75
N ALA D 111 15.39 15.89 18.06
CA ALA D 111 15.27 17.32 17.76
C ALA D 111 15.16 17.55 16.25
N SER D 112 15.91 16.78 15.46
CA SER D 112 15.87 16.94 14.01
C SER D 112 14.51 16.56 13.45
N ALA D 113 13.98 15.41 13.83
CA ALA D 113 12.64 15.02 13.39
C ALA D 113 11.61 16.04 13.84
N LEU D 114 11.72 16.52 15.08
CA LEU D 114 10.70 17.40 15.63
C LEU D 114 10.72 18.77 14.96
N CYS D 115 11.90 19.40 14.88
CA CYS D 115 12.00 20.70 14.23
C CYS D 115 11.63 20.64 12.75
N MET D 116 11.74 19.47 12.13
CA MET D 116 11.40 19.31 10.73
C MET D 116 9.89 19.24 10.50
N ASP D 117 9.13 18.78 11.49
CA ASP D 117 7.69 18.62 11.35
C ASP D 117 7.01 19.93 11.75
N LYS D 118 6.43 20.62 10.77
CA LYS D 118 5.79 21.90 11.04
C LYS D 118 4.58 21.75 11.95
N ASP D 119 4.00 20.55 12.04
CA ASP D 119 2.88 20.29 12.94
C ASP D 119 3.36 19.93 14.34
N LEU D 120 4.21 18.89 14.45
CA LEU D 120 4.62 18.44 15.76
C LEU D 120 5.48 19.47 16.49
N SER D 121 6.29 20.24 15.76
CA SER D 121 7.11 21.24 16.43
C SER D 121 6.25 22.33 17.06
N LYS D 122 5.21 22.77 16.36
CA LYS D 122 4.32 23.79 16.92
C LYS D 122 3.57 23.27 18.15
N ARG D 123 3.15 21.99 18.12
CA ARG D 123 2.46 21.43 19.28
C ARG D 123 3.34 21.50 20.52
N VAL D 124 4.60 21.09 20.40
CA VAL D 124 5.52 21.18 21.53
C VAL D 124 5.73 22.64 21.93
N LEU D 125 5.95 23.51 20.93
CA LEU D 125 6.21 24.92 21.21
C LEU D 125 5.01 25.59 21.86
N ALA D 126 3.81 25.33 21.32
CA ALA D 126 2.60 25.89 21.92
C ALA D 126 2.41 25.38 23.35
N GLN D 127 2.75 24.12 23.61
CA GLN D 127 2.58 23.58 24.95
C GLN D 127 3.50 24.28 25.95
N ALA D 128 4.70 24.63 25.51
CA ALA D 128 5.64 25.33 26.38
C ALA D 128 5.33 26.81 26.51
N GLY D 129 4.30 27.30 25.82
CA GLY D 129 3.94 28.70 25.91
C GLY D 129 4.62 29.59 24.89
N VAL D 130 5.12 29.03 23.80
CA VAL D 130 5.75 29.80 22.73
C VAL D 130 4.66 30.22 21.75
N PRO D 131 4.57 31.49 21.39
CA PRO D 131 3.55 31.93 20.43
C PRO D 131 3.86 31.40 19.04
N VAL D 132 2.89 30.69 18.46
CA VAL D 132 2.99 30.22 17.09
C VAL D 132 1.72 30.68 16.36
N VAL D 133 1.74 30.59 15.05
CA VAL D 133 0.56 31.00 14.27
C VAL D 133 -0.54 29.96 14.45
N PRO D 134 -1.80 30.37 14.59
CA PRO D 134 -2.88 29.38 14.66
C PRO D 134 -2.85 28.47 13.43
N TRP D 135 -3.01 27.18 13.68
CA TRP D 135 -2.82 26.21 12.62
C TRP D 135 -3.60 24.94 12.91
N VAL D 136 -3.80 24.16 11.86
CA VAL D 136 -4.40 22.84 11.95
C VAL D 136 -3.60 21.89 11.08
N ALA D 137 -3.37 20.67 11.57
CA ALA D 137 -2.78 19.63 10.75
C ALA D 137 -3.86 18.93 9.95
N VAL D 138 -3.56 18.64 8.69
CA VAL D 138 -4.48 17.95 7.78
C VAL D 138 -3.76 16.74 7.23
N ARG D 139 -4.31 15.56 7.47
CA ARG D 139 -3.75 14.32 6.97
C ARG D 139 -4.57 13.84 5.79
N LYS D 140 -3.91 13.10 4.88
CA LYS D 140 -4.55 12.69 3.64
C LYS D 140 -5.77 11.81 3.91
N GLY D 141 -6.86 12.10 3.22
CA GLY D 141 -8.11 11.40 3.42
C GLY D 141 -9.04 12.03 4.43
N GLU D 142 -8.50 12.42 5.58
CA GLU D 142 -9.31 13.10 6.58
C GLU D 142 -9.68 14.49 6.07
N PRO D 143 -10.94 14.91 6.19
CA PRO D 143 -11.35 16.19 5.64
C PRO D 143 -10.73 17.33 6.42
N PRO D 144 -10.39 18.44 5.75
CA PRO D 144 -9.78 19.58 6.45
C PRO D 144 -10.77 20.35 7.30
N VAL D 145 -10.64 20.26 8.62
CA VAL D 145 -11.46 21.03 9.55
C VAL D 145 -10.63 22.24 9.97
N VAL D 146 -10.91 23.39 9.37
CA VAL D 146 -10.14 24.60 9.61
C VAL D 146 -11.03 25.58 10.37
N PRO D 147 -10.70 25.91 11.62
CA PRO D 147 -11.58 26.79 12.41
C PRO D 147 -11.42 28.27 12.10
N PHE D 148 -10.31 28.70 11.50
CA PHE D 148 -10.10 30.10 11.20
C PHE D 148 -10.40 30.39 9.73
N ASP D 149 -10.67 31.65 9.45
CA ASP D 149 -11.01 32.10 8.11
C ASP D 149 -9.77 32.30 7.26
N PRO D 150 -9.89 32.22 5.95
CA PRO D 150 -8.79 32.57 5.06
C PRO D 150 -8.39 34.02 5.27
N PRO D 151 -7.21 34.44 4.78
CA PRO D 151 -6.23 33.72 3.95
C PRO D 151 -5.42 32.67 4.70
N PHE D 152 -5.02 31.62 3.99
CA PHE D 152 -4.29 30.50 4.57
C PHE D 152 -2.91 30.39 3.94
N PHE D 153 -1.97 29.82 4.70
CA PHE D 153 -0.74 29.27 4.17
C PHE D 153 -0.78 27.76 4.37
N VAL D 154 -0.77 27.03 3.25
CA VAL D 154 -0.85 25.56 3.27
C VAL D 154 0.52 25.00 2.91
N LYS D 155 1.08 24.20 3.80
CA LYS D 155 2.42 23.66 3.64
C LYS D 155 2.42 22.14 3.86
N PRO D 156 3.35 21.43 3.24
CA PRO D 156 3.62 20.06 3.69
C PRO D 156 4.28 20.09 5.06
N ALA D 157 4.01 19.05 5.85
CA ALA D 157 4.47 19.04 7.23
C ALA D 157 5.96 18.74 7.35
N ASN D 158 6.51 17.91 6.45
CA ASN D 158 7.92 17.51 6.48
C ASN D 158 8.52 17.69 5.09
N THR D 159 9.09 18.87 4.83
CA THR D 159 9.74 19.13 3.56
C THR D 159 10.77 20.25 3.69
N GLY D 160 10.37 21.38 4.24
CA GLY D 160 11.26 22.51 4.44
C GLY D 160 11.88 23.04 3.17
N GLY D 164 5.19 22.83 -2.75
CA GLY D 164 3.98 22.40 -2.10
C GLY D 164 3.39 23.41 -1.12
N ILE D 165 4.00 24.60 -1.08
CA ILE D 165 3.51 25.71 -0.27
C ILE D 165 2.72 26.64 -1.17
N SER D 166 1.53 27.03 -0.72
CA SER D 166 0.71 27.97 -1.48
C SER D 166 -0.10 28.82 -0.52
N ARG D 167 -0.41 30.04 -0.95
CA ARG D 167 -1.27 30.93 -0.21
C ARG D 167 -2.70 30.75 -0.70
N VAL D 168 -3.62 30.48 0.22
CA VAL D 168 -5.02 30.25 -0.10
C VAL D 168 -5.81 31.47 0.35
N GLU D 169 -6.50 32.10 -0.59
CA GLU D 169 -7.28 33.29 -0.31
C GLU D 169 -8.75 33.01 0.00
N ARG D 170 -9.33 31.95 -0.57
CA ARG D 170 -10.70 31.59 -0.26
C ARG D 170 -10.81 30.08 -0.11
N PHE D 171 -11.81 29.65 0.67
CA PHE D 171 -11.94 28.24 1.04
C PHE D 171 -12.01 27.34 -0.19
N GLN D 172 -12.56 27.83 -1.30
CA GLN D 172 -12.73 26.95 -2.44
C GLN D 172 -11.40 26.54 -3.05
N ASP D 173 -10.33 27.30 -2.79
CA ASP D 173 -8.99 26.98 -3.28
C ASP D 173 -8.22 26.07 -2.33
N LEU D 174 -8.80 25.68 -1.20
CA LEU D 174 -8.07 24.87 -0.24
C LEU D 174 -7.87 23.44 -0.75
N GLU D 175 -8.87 22.88 -1.43
CA GLU D 175 -8.75 21.50 -1.90
C GLU D 175 -7.57 21.31 -2.84
N ALA D 176 -7.37 22.27 -3.75
CA ALA D 176 -6.27 22.16 -4.70
C ALA D 176 -4.92 22.41 -4.01
N ALA D 177 -4.89 23.32 -3.05
CA ALA D 177 -3.65 23.55 -2.31
C ALA D 177 -3.29 22.36 -1.44
N LEU D 178 -4.28 21.66 -0.90
CA LEU D 178 -4.00 20.45 -0.14
C LEU D 178 -3.47 19.34 -1.04
N ALA D 179 -4.09 19.17 -2.22
CA ALA D 179 -3.63 18.15 -3.15
C ALA D 179 -2.18 18.40 -3.58
N LEU D 180 -1.80 19.67 -3.69
CA LEU D 180 -0.41 19.99 -4.03
C LEU D 180 0.53 19.59 -2.90
N ALA D 181 0.09 19.74 -1.65
CA ALA D 181 0.94 19.35 -0.53
C ALA D 181 0.91 17.84 -0.27
N PHE D 182 -0.22 17.19 -0.53
CA PHE D 182 -0.37 15.76 -0.29
C PHE D 182 0.33 14.90 -1.34
N ARG D 183 1.12 15.52 -2.22
CA ARG D 183 1.98 14.79 -3.15
C ARG D 183 3.43 14.78 -2.69
N TYR D 184 3.73 15.43 -1.57
CA TYR D 184 5.09 15.47 -1.02
C TYR D 184 5.17 15.00 0.41
N ASP D 185 4.04 14.77 1.08
CA ASP D 185 4.04 14.27 2.45
C ASP D 185 2.67 13.70 2.77
N GLU D 186 2.63 12.81 3.77
CA GLU D 186 1.37 12.28 4.26
C GLU D 186 0.58 13.33 5.04
N LYS D 187 1.26 14.34 5.59
CA LYS D 187 0.64 15.30 6.48
C LYS D 187 0.93 16.71 6.01
N ALA D 188 -0.03 17.60 6.21
CA ALA D 188 0.10 19.01 5.86
C ALA D 188 -0.32 19.86 7.04
N VAL D 189 -0.01 21.15 6.96
CA VAL D 189 -0.48 22.12 7.92
C VAL D 189 -1.22 23.22 7.17
N VAL D 190 -2.23 23.78 7.83
CA VAL D 190 -2.94 24.96 7.36
C VAL D 190 -2.78 26.04 8.41
N GLU D 191 -2.19 27.17 8.02
CA GLU D 191 -1.86 28.24 8.95
C GLU D 191 -2.61 29.52 8.61
N LYS D 192 -2.91 30.31 9.63
CA LYS D 192 -3.49 31.63 9.40
C LYS D 192 -2.43 32.54 8.80
N ALA D 193 -2.73 33.06 7.60
CA ALA D 193 -1.79 33.94 6.91
C ALA D 193 -1.67 35.27 7.66
N LEU D 194 -0.45 35.69 7.91
CA LEU D 194 -0.19 37.00 8.49
C LEU D 194 0.09 38.00 7.37
N SER D 195 -0.25 39.25 7.63
CA SER D 195 -0.08 40.31 6.64
C SER D 195 -0.32 41.66 7.30
N PRO D 196 0.67 42.58 7.28
CA PRO D 196 2.02 42.42 6.72
C PRO D 196 2.95 41.62 7.62
N VAL D 197 4.03 41.08 7.06
CA VAL D 197 4.92 40.16 7.78
C VAL D 197 6.36 40.63 7.62
N ARG D 198 7.03 40.82 8.75
CA ARG D 198 8.47 41.02 8.78
C ARG D 198 9.12 39.73 9.26
N GLU D 199 10.04 39.19 8.46
CA GLU D 199 10.71 37.95 8.81
C GLU D 199 11.94 38.25 9.65
N LEU D 200 12.03 37.62 10.82
CA LEU D 200 13.15 37.76 11.72
C LEU D 200 13.83 36.41 11.90
N GLU D 201 15.15 36.45 12.07
CA GLU D 201 15.95 35.24 12.22
C GLU D 201 17.01 35.48 13.28
N VAL D 202 17.29 34.45 14.07
CA VAL D 202 18.30 34.54 15.12
C VAL D 202 18.99 33.18 15.22
N GLY D 203 20.30 33.21 15.34
CA GLY D 203 21.10 32.01 15.44
C GLY D 203 21.39 31.64 16.88
N VAL D 204 21.45 30.33 17.12
CA VAL D 204 21.79 29.79 18.44
C VAL D 204 22.98 28.87 18.27
N LEU D 205 23.87 28.86 19.26
CA LEU D 205 25.05 28.03 19.24
C LEU D 205 25.24 27.42 20.61
N GLY D 206 25.40 26.11 20.68
CA GLY D 206 25.56 25.44 21.95
C GLY D 206 24.76 24.16 22.04
N ASN D 207 25.03 23.36 23.07
CA ASN D 207 24.36 22.08 23.28
C ASN D 207 23.27 22.26 24.34
N VAL D 208 22.01 22.18 23.91
CA VAL D 208 20.82 22.29 24.75
C VAL D 208 20.71 23.70 25.33
N PHE D 209 21.72 24.10 26.11
CA PHE D 209 21.80 25.46 26.66
C PHE D 209 22.72 26.27 25.74
N GLY D 210 22.12 27.05 24.85
CA GLY D 210 22.85 27.80 23.86
C GLY D 210 22.89 29.28 24.14
N GLU D 211 23.80 29.94 23.44
CA GLU D 211 23.88 31.39 23.38
C GLU D 211 23.26 31.87 22.08
N ALA D 212 22.65 33.05 22.13
CA ALA D 212 21.95 33.60 21.00
C ALA D 212 22.82 34.66 20.32
N SER D 213 22.79 34.66 18.99
CA SER D 213 23.41 35.69 18.18
C SER D 213 22.55 36.95 18.21
N PRO D 214 23.04 38.05 17.63
CA PRO D 214 22.12 39.17 17.32
C PRO D 214 20.94 38.71 16.47
N VAL D 215 19.90 39.53 16.39
CA VAL D 215 18.74 39.22 15.58
C VAL D 215 18.90 39.90 14.22
N GLY D 216 18.50 39.21 13.16
CA GLY D 216 18.50 39.75 11.82
C GLY D 216 17.10 39.84 11.25
N GLU D 217 17.03 40.34 10.01
CA GLU D 217 15.75 40.51 9.34
C GLU D 217 15.95 40.33 7.84
N VAL D 218 15.02 39.64 7.20
CA VAL D 218 15.04 39.41 5.76
C VAL D 218 13.93 40.25 5.15
N ARG D 219 14.29 41.34 4.48
CA ARG D 219 13.31 42.15 3.77
C ARG D 219 13.41 41.93 2.27
N GLU D 237 18.28 40.37 0.88
CA GLU D 237 18.61 41.51 1.73
C GLU D 237 18.50 41.17 3.22
N LEU D 238 19.62 41.23 3.92
CA LEU D 238 19.68 40.92 5.34
C LEU D 238 20.07 42.18 6.12
N LEU D 239 19.28 42.50 7.14
CA LEU D 239 19.53 43.65 8.01
C LEU D 239 20.02 43.12 9.36
N ILE D 240 21.30 43.35 9.66
CA ILE D 240 21.93 42.83 10.86
C ILE D 240 22.62 43.98 11.59
N PRO D 241 22.21 44.33 12.82
CA PRO D 241 21.03 43.76 13.49
C PRO D 241 19.72 44.33 12.99
N ALA D 242 18.62 43.64 13.26
CA ALA D 242 17.32 44.10 12.79
C ALA D 242 16.94 45.40 13.48
N PRO D 243 16.35 46.35 12.74
CA PRO D 243 15.89 47.60 13.38
C PRO D 243 14.73 47.36 14.32
N LEU D 244 15.02 47.07 15.58
CA LEU D 244 14.01 46.71 16.55
C LEU D 244 14.16 47.54 17.81
N ASP D 245 13.03 47.98 18.35
CA ASP D 245 13.04 48.63 19.65
C ASP D 245 13.57 47.64 20.70
N PRO D 246 14.45 48.08 21.60
CA PRO D 246 15.26 47.13 22.39
C PRO D 246 14.46 46.05 23.11
N GLY D 247 13.18 46.30 23.41
CA GLY D 247 12.37 45.28 24.05
C GLY D 247 12.12 44.08 23.16
N THR D 248 12.11 44.27 21.84
CA THR D 248 11.77 43.20 20.93
C THR D 248 12.95 42.26 20.68
N GLN D 249 14.16 42.81 20.50
CA GLN D 249 15.33 41.96 20.30
C GLN D 249 15.53 41.01 21.48
N GLU D 250 15.24 41.48 22.70
CA GLU D 250 15.40 40.64 23.87
C GLU D 250 14.35 39.53 23.91
N THR D 251 13.13 39.83 23.46
CA THR D 251 12.09 38.81 23.44
C THR D 251 12.41 37.73 22.39
N VAL D 252 12.88 38.15 21.22
CA VAL D 252 13.26 37.18 20.18
C VAL D 252 14.32 36.23 20.71
N GLN D 253 15.36 36.78 21.33
CA GLN D 253 16.47 35.94 21.78
C GLN D 253 16.03 34.98 22.88
N GLU D 254 15.19 35.44 23.81
CA GLU D 254 14.81 34.57 24.91
C GLU D 254 13.85 33.47 24.46
N LEU D 255 12.94 33.79 23.53
CA LEU D 255 12.08 32.76 22.97
C LEU D 255 12.91 31.74 22.18
N ALA D 256 13.88 32.22 21.39
CA ALA D 256 14.71 31.31 20.63
C ALA D 256 15.51 30.38 21.54
N LEU D 257 16.03 30.90 22.65
CA LEU D 257 16.76 30.04 23.57
C LEU D 257 15.83 29.08 24.29
N LYS D 258 14.62 29.54 24.64
CA LYS D 258 13.65 28.68 25.30
C LYS D 258 13.29 27.48 24.43
N ALA D 259 12.81 27.76 23.21
CA ALA D 259 12.50 26.71 22.25
C ALA D 259 13.68 25.77 22.07
N TYR D 260 14.88 26.34 21.89
CA TYR D 260 16.11 25.56 21.74
C TYR D 260 16.27 24.57 22.90
N LYS D 261 16.12 25.04 24.12
CA LYS D 261 16.25 24.16 25.28
C LYS D 261 15.13 23.14 25.33
N VAL D 262 13.89 23.57 25.10
CA VAL D 262 12.74 22.66 25.18
C VAL D 262 12.91 21.51 24.19
N LEU D 263 13.22 21.83 22.93
CA LEU D 263 13.37 20.80 21.91
C LEU D 263 14.65 20.01 22.04
N GLY D 264 15.52 20.37 22.97
CA GLY D 264 16.80 19.69 23.14
C GLY D 264 17.73 19.77 21.94
N VAL D 265 17.77 20.92 21.25
CA VAL D 265 18.62 21.05 20.08
C VAL D 265 20.08 21.08 20.50
N ARG D 266 20.92 20.39 19.73
CA ARG D 266 22.38 20.38 19.91
C ARG D 266 23.05 21.17 18.81
N GLY D 267 24.23 21.71 19.13
CA GLY D 267 25.06 22.34 18.13
C GLY D 267 24.57 23.71 17.68
N MET D 268 23.57 23.73 16.82
CA MET D 268 23.15 24.99 16.20
C MET D 268 21.69 24.88 15.77
N ALA D 269 21.08 26.05 15.57
CA ALA D 269 19.78 26.19 14.94
C ALA D 269 19.58 27.65 14.57
N ARG D 270 18.91 27.89 13.44
CA ARG D 270 18.43 29.21 13.08
C ARG D 270 16.93 29.25 13.37
N VAL D 271 16.54 30.07 14.34
CA VAL D 271 15.14 30.18 14.75
C VAL D 271 14.52 31.35 14.02
N ASP D 272 13.51 31.06 13.20
CA ASP D 272 12.90 32.06 12.32
C ASP D 272 11.57 32.50 12.90
N PHE D 273 11.38 33.81 13.01
CA PHE D 273 10.19 34.40 13.62
C PHE D 273 9.39 35.18 12.60
N PHE D 274 8.10 35.31 12.88
CA PHE D 274 7.21 36.18 12.13
C PHE D 274 6.87 37.40 12.98
N LEU D 275 6.90 38.57 12.35
CA LEU D 275 6.48 39.81 13.00
C LEU D 275 5.38 40.43 12.15
N ALA D 276 4.13 40.09 12.47
CA ALA D 276 2.97 40.70 11.83
C ALA D 276 2.57 41.90 12.67
N GLU D 277 2.85 43.10 12.16
CA GLU D 277 2.72 44.35 12.91
C GLU D 277 3.49 44.24 14.23
N GLY D 278 2.79 43.99 15.33
CA GLY D 278 3.44 44.03 16.63
C GLY D 278 3.50 42.71 17.37
N GLU D 279 2.90 41.66 16.82
CA GLU D 279 2.81 40.37 17.47
C GLU D 279 3.88 39.43 16.94
N LEU D 280 4.58 38.76 17.85
CA LEU D 280 5.68 37.87 17.50
C LEU D 280 5.21 36.41 17.51
N TYR D 281 5.54 35.71 16.42
CA TYR D 281 5.23 34.29 16.27
C TYR D 281 6.49 33.55 15.84
N LEU D 282 6.83 32.48 16.55
CA LEU D 282 7.92 31.62 16.12
C LEU D 282 7.42 30.72 15.02
N ASN D 283 8.06 30.78 13.85
CA ASN D 283 7.63 30.03 12.69
C ASN D 283 8.23 28.63 12.65
N GLU D 284 9.54 28.52 12.83
CA GLU D 284 10.25 27.29 12.48
C GLU D 284 11.66 27.35 13.06
N LEU D 285 12.20 26.18 13.39
CA LEU D 285 13.60 26.02 13.75
C LEU D 285 14.31 25.24 12.66
N ASN D 286 15.37 25.83 12.11
CA ASN D 286 16.18 25.18 11.08
C ASN D 286 17.42 24.62 11.74
N THR D 287 17.54 23.28 11.73
CA THR D 287 18.68 22.64 12.38
C THR D 287 19.92 22.61 11.49
N ILE D 288 19.74 22.63 10.17
CA ILE D 288 20.85 22.72 9.24
C ILE D 288 20.63 23.95 8.36
N PRO D 289 20.98 25.15 8.84
CA PRO D 289 20.76 26.36 8.04
C PRO D 289 21.79 26.51 6.93
N GLY D 290 21.45 27.38 5.97
CA GLY D 290 22.40 27.69 4.92
C GLY D 290 23.71 28.19 5.49
N PHE D 291 24.81 27.72 4.91
CA PHE D 291 26.13 27.92 5.52
C PHE D 291 27.14 28.51 4.54
N THR D 292 26.68 29.34 3.62
CA THR D 292 27.63 30.15 2.87
C THR D 292 28.06 31.34 3.74
N PRO D 293 29.31 31.82 3.55
CA PRO D 293 29.80 32.94 4.38
C PRO D 293 28.87 34.14 4.38
N THR D 294 28.06 34.28 3.34
CA THR D 294 27.08 35.35 3.26
C THR D 294 25.65 34.87 3.54
N SER D 295 25.50 33.73 4.21
CA SER D 295 24.19 33.28 4.69
C SER D 295 23.90 33.94 6.03
N MET D 296 22.63 33.89 6.43
CA MET D 296 22.20 34.61 7.63
C MET D 296 22.90 34.06 8.88
N TYR D 297 22.87 32.75 9.07
CA TYR D 297 23.44 32.18 10.29
C TYR D 297 24.91 32.54 10.48
N PRO D 298 25.82 32.34 9.51
CA PRO D 298 27.20 32.78 9.75
C PRO D 298 27.32 34.28 9.94
N ARG D 299 26.60 35.08 9.15
CA ARG D 299 26.70 36.54 9.26
C ARG D 299 26.16 37.05 10.58
N LEU D 300 25.14 36.39 11.15
CA LEU D 300 24.63 36.80 12.44
C LEU D 300 25.66 36.59 13.53
N PHE D 301 26.29 35.41 13.58
CA PHE D 301 27.35 35.19 14.55
C PHE D 301 28.62 35.93 14.19
N GLU D 302 28.82 36.27 12.92
CA GLU D 302 29.86 37.20 12.53
C GLU D 302 29.67 38.54 13.25
N ALA D 303 28.45 39.10 13.16
CA ALA D 303 28.13 40.32 13.88
C ALA D 303 28.07 40.13 15.38
N GLY D 304 28.17 38.90 15.87
CA GLY D 304 28.17 38.60 17.28
C GLY D 304 29.52 38.27 17.85
N GLY D 305 30.60 38.48 17.10
CA GLY D 305 31.93 38.23 17.60
C GLY D 305 32.44 36.82 17.42
N VAL D 306 31.94 36.09 16.42
CA VAL D 306 32.40 34.74 16.12
C VAL D 306 32.60 34.68 14.62
N ALA D 307 33.85 34.62 14.18
CA ALA D 307 34.13 34.59 12.76
C ALA D 307 33.83 33.21 12.19
N TYR D 308 33.60 33.17 10.88
CA TYR D 308 33.25 31.94 10.18
C TYR D 308 34.16 30.76 10.50
N PRO D 309 35.49 30.88 10.47
CA PRO D 309 36.31 29.73 10.88
C PRO D 309 36.11 29.35 12.34
N GLU D 310 35.99 30.35 13.22
CA GLU D 310 35.78 30.06 14.64
C GLU D 310 34.38 29.52 14.90
N LEU D 311 33.41 29.88 14.06
CA LEU D 311 32.08 29.28 14.17
C LEU D 311 32.13 27.79 13.81
N LEU D 312 32.78 27.47 12.69
CA LEU D 312 32.92 26.07 12.29
C LEU D 312 33.73 25.28 13.30
N ARG D 313 34.73 25.90 13.93
CA ARG D 313 35.50 25.21 14.95
C ARG D 313 34.61 24.84 16.14
N ARG D 314 33.79 25.77 16.61
CA ARG D 314 33.00 25.51 17.81
C ARG D 314 31.90 24.49 17.54
N LEU D 315 31.38 24.44 16.30
CA LEU D 315 30.43 23.40 15.94
C LEU D 315 31.08 22.01 16.00
N VAL D 316 32.32 21.89 15.53
CA VAL D 316 32.99 20.59 15.56
C VAL D 316 33.33 20.19 16.99
N GLU D 317 33.78 21.14 17.80
CA GLU D 317 34.06 20.85 19.19
C GLU D 317 32.80 20.55 19.99
N LEU D 318 31.67 21.21 19.66
CA LEU D 318 30.42 20.93 20.36
C LEU D 318 29.94 19.51 20.09
N ALA D 319 30.18 18.99 18.89
CA ALA D 319 29.79 17.62 18.59
C ALA D 319 30.66 16.62 19.32
N LEU D 320 31.94 16.93 19.49
CA LEU D 320 32.84 16.00 20.18
C LEU D 320 32.52 15.92 21.65
N THR D 321 32.23 17.07 22.29
CA THR D 321 31.99 17.05 23.73
C THR D 321 30.69 16.35 24.07
N HIS D 322 29.69 16.40 23.19
CA HIS D 322 28.44 15.69 23.47
C HIS D 322 28.64 14.18 23.34
N HIS D 323 29.34 13.72 22.31
CA HIS D 323 29.52 12.29 22.13
C HIS D 323 30.36 11.70 23.25
N HIS D 324 31.56 12.23 23.46
CA HIS D 324 32.51 11.61 24.35
C HIS D 324 32.31 11.97 25.82
N HIS D 325 31.35 12.85 26.14
CA HIS D 325 31.14 13.24 27.53
C HIS D 325 29.68 13.23 27.96
N HIS D 326 28.74 12.91 27.09
CA HIS D 326 27.34 12.78 27.50
C HIS D 326 26.78 11.40 27.15
MG MG E . -22.01 -13.09 -3.63
MG MG F . -25.00 -12.36 -1.58
P PO4 G . -23.94 -15.42 -1.93
O1 PO4 G . -24.53 -16.62 -2.64
O2 PO4 G . -24.94 -14.29 -1.98
O3 PO4 G . -22.65 -15.00 -2.62
O4 PO4 G . -23.63 -15.77 -0.50
K K H . -20.78 -12.40 -6.93
PB ADP I . -21.94 -11.92 -0.68
O1B ADP I . -21.58 -11.77 -2.14
O2B ADP I . -20.84 -12.43 0.19
O3B ADP I . -23.28 -12.60 -0.45
PA ADP I . -23.43 -9.50 -0.48
O1A ADP I . -24.50 -10.42 -1.02
O2A ADP I . -23.00 -8.26 -1.22
O3A ADP I . -22.15 -10.41 -0.13
O5' ADP I . -23.85 -9.07 1.01
C5' ADP I . -24.14 -10.11 1.93
C4' ADP I . -25.32 -9.70 2.79
O4' ADP I . -25.04 -8.48 3.46
C3' ADP I . -26.54 -9.44 1.93
O3' ADP I . -27.30 -10.63 1.75
C2' ADP I . -27.28 -8.39 2.70
O2' ADP I . -28.12 -9.01 3.67
C1' ADP I . -26.20 -7.64 3.46
N9 ADP I . -25.90 -6.39 2.72
C8 ADP I . -24.86 -6.20 1.89
N7 ADP I . -24.89 -4.94 1.36
C5 ADP I . -25.97 -4.32 1.85
C6 ADP I . -26.60 -2.98 1.70
N6 ADP I . -26.04 -2.05 0.89
N1 ADP I . -27.73 -2.73 2.38
C2 ADP I . -28.29 -3.66 3.18
N3 ADP I . -27.77 -4.89 3.37
C4 ADP I . -26.65 -5.27 2.74
MG MG J . -5.10 -0.82 -31.18
PB ADP K . -7.07 -3.36 -32.01
O1B ADP K . -6.89 -4.42 -33.05
O2B ADP K . -5.90 -2.41 -31.86
O3B ADP K . -7.63 -3.86 -30.69
PA ADP K . -8.44 -0.89 -32.16
O1A ADP K . -9.79 -0.73 -31.50
O2A ADP K . -7.18 -0.42 -31.48
O3A ADP K . -8.23 -2.43 -32.62
O5' ADP K . -8.51 -0.15 -33.59
C5' ADP K . -7.55 -0.43 -34.60
C4' ADP K . -7.41 0.80 -35.47
O4' ADP K . -8.65 1.14 -36.11
C3' ADP K . -7.01 1.99 -34.63
O3' ADP K . -5.60 2.12 -34.54
C2' ADP K . -7.66 3.16 -35.35
O2' ADP K . -6.74 3.68 -36.32
C1' ADP K . -8.84 2.57 -36.08
N9 ADP K . -10.05 2.90 -35.29
C8 ADP K . -10.69 2.06 -34.47
N7 ADP K . -11.77 2.67 -33.90
C5 ADP K . -11.81 3.93 -34.36
C6 ADP K . -12.68 5.12 -34.17
N6 ADP K . -13.76 5.07 -33.34
N1 ADP K . -12.37 6.24 -34.85
C2 ADP K . -11.31 6.29 -35.67
N3 ADP K . -10.48 5.26 -35.90
C4 ADP K . -10.68 4.08 -35.28
MG MG L . 6.23 1.03 30.61
MG MG M . 8.39 1.95 27.97
P PO4 N . 7.69 -1.10 28.66
O1 PO4 N . 7.26 -2.15 27.66
O2 PO4 N . 6.47 -0.38 29.19
O3 PO4 N . 8.62 -0.12 27.99
O4 PO4 N . 8.42 -1.78 29.80
K K O . 8.35 4.46 25.13
PB ADP P . 9.05 2.28 31.01
O1B ADP P . 8.91 3.09 29.75
O2B ADP P . 10.46 1.88 31.38
O3B ADP P . 8.05 1.14 31.11
PA ADP P . 7.13 3.73 32.51
O1A ADP P . 6.22 2.76 31.78
O2A ADP P . 6.96 5.21 32.33
O3A ADP P . 8.65 3.30 32.19
O5' ADP P . 7.07 3.38 34.08
C5' ADP P . 7.42 2.06 34.51
C4' ADP P . 6.57 1.64 35.70
O4' ADP P . 6.69 2.54 36.79
C3' ADP P . 5.09 1.61 35.31
O3' ADP P . 4.71 0.30 34.89
C2' ADP P . 4.39 2.01 36.59
O2' ADP P . 4.06 0.84 37.35
C1' ADP P . 5.42 2.81 37.38
N9 ADP P . 5.11 4.26 37.24
C8 ADP P . 5.75 5.10 36.40
N7 ADP P . 5.25 6.36 36.49
C5 ADP P . 4.26 6.33 37.41
C6 ADP P . 3.31 7.31 37.97
N6 ADP P . 3.35 8.60 37.57
N1 ADP P . 2.43 6.88 38.90
C2 ADP P . 2.41 5.60 39.30
N3 ADP P . 3.23 4.65 38.83
C4 ADP P . 4.16 4.95 37.89
PB ADP Q . 10.24 26.91 4.40
O1B ADP Q . 10.07 25.55 3.77
O2B ADP Q . 10.94 26.89 5.73
O3B ADP Q . 10.73 27.97 3.45
PA ADP Q . 8.35 28.48 5.81
O1A ADP Q . 7.60 27.84 6.96
O2A ADP Q . 9.57 29.34 6.06
O3A ADP Q . 8.73 27.34 4.74
O5' ADP Q . 7.31 29.36 4.97
C5' ADP Q . 7.62 29.69 3.62
C4' ADP Q . 7.52 31.19 3.44
O4' ADP Q . 6.16 31.58 3.19
C3' ADP Q . 7.96 31.94 4.69
O3' ADP Q . 9.36 32.25 4.63
C2' ADP Q . 7.09 33.18 4.67
O2' ADP Q . 7.73 34.19 3.89
C1' ADP Q . 5.83 32.74 3.97
N9 ADP Q . 4.86 32.32 5.02
C8 ADP Q . 4.71 31.07 5.46
N7 ADP Q . 3.77 31.00 6.41
C5 ADP Q . 3.30 32.23 6.62
C6 ADP Q . 2.28 32.86 7.49
N6 ADP Q . 1.55 32.13 8.37
N1 ADP Q . 2.08 34.19 7.38
C2 ADP Q . 2.79 34.93 6.50
N3 ADP Q . 3.73 34.43 5.68
C4 ADP Q . 4.02 33.12 5.68
#